data_2DN5
#
_entry.id   2DN5
#
_entity_poly.entity_id   1
_entity_poly.type   'polypeptide(L)'
_entity_poly.pdbx_seq_one_letter_code
;GSSGSSGLREQVKELFNEKYGEALGLNRPVLVPYKLIRDSPDAVEVTGLPDDIPFRNPNTYDIHRLEKILKAREHVRMVI
INQSGPSSG
;
_entity_poly.pdbx_strand_id   A
#
# COMPACT_ATOMS: atom_id res chain seq x y z
N GLY A 1 -6.63 -7.91 19.93
CA GLY A 1 -7.18 -8.78 20.96
C GLY A 1 -8.35 -9.61 20.42
N SER A 2 -8.05 -10.39 19.40
CA SER A 2 -9.05 -11.24 18.78
C SER A 2 -8.46 -12.62 18.47
N SER A 3 -9.36 -13.56 18.23
CA SER A 3 -8.94 -14.93 17.92
C SER A 3 -9.25 -15.24 16.46
N GLY A 4 -8.38 -16.05 15.87
CA GLY A 4 -8.54 -16.44 14.48
C GLY A 4 -7.19 -16.58 13.78
N SER A 5 -7.03 -15.81 12.72
CA SER A 5 -5.79 -15.83 11.95
C SER A 5 -5.67 -14.56 11.11
N SER A 6 -4.88 -13.63 11.62
CA SER A 6 -4.66 -12.36 10.93
C SER A 6 -3.93 -12.61 9.60
N GLY A 7 -4.70 -12.65 8.53
CA GLY A 7 -4.15 -12.88 7.21
C GLY A 7 -4.29 -11.63 6.33
N LEU A 8 -5.50 -11.09 6.32
CA LEU A 8 -5.78 -9.89 5.53
C LEU A 8 -4.63 -8.89 5.71
N ARG A 9 -4.30 -8.64 6.97
CA ARG A 9 -3.24 -7.70 7.28
C ARG A 9 -2.05 -7.91 6.34
N GLU A 10 -1.53 -9.13 6.37
CA GLU A 10 -0.39 -9.47 5.53
C GLU A 10 -0.76 -9.31 4.05
N GLN A 11 -1.96 -9.77 3.72
CA GLN A 11 -2.44 -9.68 2.35
C GLN A 11 -2.36 -8.24 1.86
N VAL A 12 -2.86 -7.33 2.69
CA VAL A 12 -2.86 -5.92 2.35
C VAL A 12 -1.42 -5.42 2.25
N LYS A 13 -0.58 -5.93 3.15
CA LYS A 13 0.82 -5.56 3.17
C LYS A 13 1.44 -5.82 1.80
N GLU A 14 1.34 -7.06 1.36
CA GLU A 14 1.88 -7.45 0.08
C GLU A 14 1.22 -6.66 -1.04
N LEU A 15 -0.04 -6.31 -0.82
CA LEU A 15 -0.79 -5.55 -1.80
C LEU A 15 -0.08 -4.22 -2.05
N PHE A 16 -0.10 -3.38 -1.03
CA PHE A 16 0.54 -2.07 -1.13
C PHE A 16 1.98 -2.19 -1.63
N ASN A 17 2.64 -3.25 -1.18
CA ASN A 17 4.01 -3.49 -1.57
C ASN A 17 4.05 -3.87 -3.06
N GLU A 18 3.07 -4.67 -3.45
CA GLU A 18 2.98 -5.11 -4.83
C GLU A 18 2.79 -3.92 -5.76
N LYS A 19 1.87 -3.05 -5.38
CA LYS A 19 1.59 -1.87 -6.17
C LYS A 19 2.88 -1.05 -6.34
N TYR A 20 3.52 -0.77 -5.22
CA TYR A 20 4.75 0.00 -5.23
C TYR A 20 5.72 -0.55 -6.29
N GLY A 21 5.92 -1.85 -6.24
CA GLY A 21 6.82 -2.51 -7.18
C GLY A 21 6.46 -2.15 -8.62
N GLU A 22 5.21 -2.43 -8.97
CA GLU A 22 4.73 -2.14 -10.31
C GLU A 22 4.91 -0.66 -10.64
N ALA A 23 4.62 0.16 -9.63
CA ALA A 23 4.75 1.61 -9.79
C ALA A 23 6.21 1.97 -10.04
N LEU A 24 7.09 1.26 -9.34
CA LEU A 24 8.51 1.50 -9.47
C LEU A 24 8.98 1.00 -10.84
N GLY A 25 8.07 0.33 -11.54
CA GLY A 25 8.38 -0.19 -12.86
C GLY A 25 9.15 -1.52 -12.75
N LEU A 26 9.17 -2.07 -11.54
CA LEU A 26 9.85 -3.32 -11.30
C LEU A 26 8.88 -4.47 -11.51
N ASN A 27 9.39 -5.68 -11.29
CA ASN A 27 8.58 -6.87 -11.46
C ASN A 27 8.51 -7.63 -10.13
N ARG A 28 8.75 -6.90 -9.05
CA ARG A 28 8.72 -7.47 -7.72
C ARG A 28 8.10 -6.49 -6.73
N PRO A 29 7.50 -7.07 -5.66
CA PRO A 29 6.86 -6.26 -4.63
C PRO A 29 7.91 -5.59 -3.73
N VAL A 30 7.67 -4.32 -3.46
CA VAL A 30 8.57 -3.55 -2.61
C VAL A 30 7.78 -2.85 -1.51
N LEU A 31 8.36 -2.83 -0.32
CA LEU A 31 7.72 -2.20 0.81
C LEU A 31 7.40 -0.74 0.47
N VAL A 32 6.44 -0.18 1.19
CA VAL A 32 6.04 1.20 0.98
C VAL A 32 6.58 2.07 2.12
N PRO A 33 7.43 3.06 1.73
CA PRO A 33 8.02 3.96 2.70
C PRO A 33 7.00 4.99 3.18
N TYR A 34 5.94 4.48 3.79
CA TYR A 34 4.89 5.34 4.29
C TYR A 34 5.47 6.53 5.06
N LYS A 35 6.50 6.25 5.84
CA LYS A 35 7.15 7.27 6.63
C LYS A 35 7.52 8.45 5.71
N LEU A 36 8.13 8.12 4.59
CA LEU A 36 8.54 9.13 3.63
C LEU A 36 7.29 9.76 3.01
N ILE A 37 6.54 8.93 2.29
CA ILE A 37 5.33 9.39 1.63
C ILE A 37 4.56 10.31 2.58
N ARG A 38 4.58 9.95 3.85
CA ARG A 38 3.89 10.72 4.87
C ARG A 38 4.40 12.16 4.86
N ASP A 39 5.69 12.31 5.12
CA ASP A 39 6.31 13.62 5.15
C ASP A 39 6.29 14.22 3.74
N SER A 40 6.42 13.34 2.76
CA SER A 40 6.42 13.76 1.37
C SER A 40 5.23 13.15 0.63
N PRO A 41 4.09 13.90 0.66
CA PRO A 41 2.87 13.44 0.00
C PRO A 41 2.98 13.59 -1.52
N ASP A 42 4.08 14.21 -1.94
CA ASP A 42 4.31 14.42 -3.36
C ASP A 42 5.44 13.50 -3.83
N ALA A 43 5.52 12.35 -3.17
CA ALA A 43 6.54 11.36 -3.51
C ALA A 43 5.91 10.26 -4.35
N VAL A 44 4.83 9.69 -3.82
CA VAL A 44 4.13 8.62 -4.50
C VAL A 44 2.62 8.86 -4.41
N GLU A 45 1.95 8.57 -5.50
CA GLU A 45 0.50 8.75 -5.56
C GLU A 45 -0.21 7.41 -5.35
N VAL A 46 -1.22 7.44 -4.49
CA VAL A 46 -1.99 6.24 -4.20
C VAL A 46 -3.45 6.48 -4.56
N THR A 47 -3.99 5.57 -5.36
CA THR A 47 -5.38 5.67 -5.79
C THR A 47 -5.99 4.27 -5.93
N GLY A 48 -7.29 4.25 -6.14
CA GLY A 48 -8.02 3.00 -6.29
C GLY A 48 -8.57 2.52 -4.95
N LEU A 49 -7.93 2.97 -3.88
CA LEU A 49 -8.35 2.59 -2.54
C LEU A 49 -9.86 2.77 -2.42
N PRO A 50 -10.43 2.13 -1.36
CA PRO A 50 -11.86 2.21 -1.12
C PRO A 50 -12.25 3.58 -0.56
N ASP A 51 -13.48 3.98 -0.87
CA ASP A 51 -13.98 5.27 -0.40
C ASP A 51 -14.05 5.25 1.13
N ASP A 52 -13.89 6.44 1.71
CA ASP A 52 -13.94 6.57 3.16
C ASP A 52 -12.78 5.78 3.77
N ILE A 53 -11.68 5.75 3.05
CA ILE A 53 -10.49 5.03 3.51
C ILE A 53 -9.25 5.71 2.95
N PRO A 54 -8.40 6.20 3.89
CA PRO A 54 -7.16 6.88 3.50
C PRO A 54 -6.11 5.87 3.04
N PHE A 55 -4.87 6.32 3.01
CA PHE A 55 -3.77 5.47 2.58
C PHE A 55 -2.63 5.50 3.60
N ARG A 56 -2.68 4.56 4.54
CA ARG A 56 -1.66 4.48 5.56
C ARG A 56 -1.32 3.00 5.86
N ASN A 57 -0.33 2.83 6.71
CA ASN A 57 0.10 1.49 7.08
C ASN A 57 -1.13 0.58 7.21
N PRO A 58 -1.00 -0.65 6.66
CA PRO A 58 -2.08 -1.62 6.71
C PRO A 58 -2.21 -2.23 8.11
N ASN A 59 -1.23 -1.92 8.94
CA ASN A 59 -1.19 -2.43 10.30
C ASN A 59 -1.89 -1.43 11.22
N THR A 60 -3.20 -1.31 11.04
CA THR A 60 -3.99 -0.40 11.85
C THR A 60 -5.46 -0.45 11.43
N TYR A 61 -5.67 -0.60 10.13
CA TYR A 61 -7.02 -0.68 9.59
C TYR A 61 -7.86 -1.69 10.36
N ASP A 62 -9.13 -1.78 9.96
CA ASP A 62 -10.05 -2.70 10.60
C ASP A 62 -10.46 -3.79 9.60
N ILE A 63 -11.14 -4.79 10.12
CA ILE A 63 -11.60 -5.89 9.29
C ILE A 63 -12.24 -5.33 8.01
N HIS A 64 -13.05 -4.30 8.20
CA HIS A 64 -13.72 -3.66 7.08
C HIS A 64 -12.68 -3.12 6.10
N ARG A 65 -12.04 -2.04 6.51
CA ARG A 65 -11.02 -1.41 5.68
C ARG A 65 -10.08 -2.48 5.10
N LEU A 66 -9.57 -3.31 5.98
CA LEU A 66 -8.67 -4.38 5.56
C LEU A 66 -9.27 -5.13 4.38
N GLU A 67 -10.57 -5.38 4.48
CA GLU A 67 -11.27 -6.09 3.43
C GLU A 67 -11.53 -5.17 2.25
N LYS A 68 -12.04 -3.98 2.55
CA LYS A 68 -12.33 -2.99 1.52
C LYS A 68 -11.10 -2.85 0.62
N ILE A 69 -9.96 -2.58 1.24
CA ILE A 69 -8.72 -2.41 0.50
C ILE A 69 -8.51 -3.62 -0.40
N LEU A 70 -8.60 -4.80 0.21
CA LEU A 70 -8.41 -6.04 -0.52
C LEU A 70 -9.48 -6.15 -1.61
N LYS A 71 -10.64 -5.59 -1.32
CA LYS A 71 -11.74 -5.61 -2.27
C LYS A 71 -11.47 -4.62 -3.39
N ALA A 72 -10.41 -3.84 -3.21
CA ALA A 72 -10.03 -2.85 -4.19
C ALA A 72 -8.57 -3.05 -4.58
N ARG A 73 -8.08 -4.26 -4.33
CA ARG A 73 -6.70 -4.60 -4.65
C ARG A 73 -6.45 -4.44 -6.15
N GLU A 74 -7.48 -4.72 -6.93
CA GLU A 74 -7.38 -4.61 -8.37
C GLU A 74 -7.61 -3.17 -8.82
N HIS A 75 -8.18 -2.39 -7.91
CA HIS A 75 -8.45 -0.99 -8.19
C HIS A 75 -7.28 -0.13 -7.71
N VAL A 76 -6.73 -0.52 -6.56
CA VAL A 76 -5.62 0.20 -5.99
C VAL A 76 -4.51 0.35 -7.03
N ARG A 77 -4.03 1.57 -7.17
CA ARG A 77 -2.97 1.86 -8.13
C ARG A 77 -2.03 2.93 -7.58
N MET A 78 -0.74 2.67 -7.75
CA MET A 78 0.27 3.59 -7.28
C MET A 78 0.98 4.29 -8.45
N VAL A 79 1.28 5.56 -8.24
CA VAL A 79 1.96 6.33 -9.27
C VAL A 79 3.09 7.14 -8.63
N ILE A 80 4.30 6.89 -9.12
CA ILE A 80 5.47 7.58 -8.61
C ILE A 80 5.44 9.04 -9.05
N ILE A 81 5.15 9.90 -8.08
CA ILE A 81 5.08 11.33 -8.35
C ILE A 81 6.49 11.89 -8.49
N ASN A 82 7.29 11.68 -7.45
CA ASN A 82 8.66 12.15 -7.45
C ASN A 82 9.53 11.16 -6.69
N GLN A 83 10.28 10.36 -7.44
CA GLN A 83 11.16 9.37 -6.84
C GLN A 83 12.07 8.77 -7.91
N SER A 84 11.45 8.16 -8.90
CA SER A 84 12.19 7.53 -9.99
C SER A 84 13.08 6.41 -9.43
N GLY A 85 12.93 5.24 -10.03
CA GLY A 85 13.71 4.09 -9.61
C GLY A 85 14.52 3.51 -10.79
N PRO A 86 15.63 2.81 -10.43
CA PRO A 86 16.48 2.21 -11.43
C PRO A 86 15.84 0.96 -12.04
N SER A 87 16.56 0.36 -12.97
CA SER A 87 16.06 -0.85 -13.62
C SER A 87 17.05 -2.00 -13.41
N SER A 88 16.55 -3.21 -13.61
CA SER A 88 17.38 -4.39 -13.45
C SER A 88 18.14 -4.33 -12.13
N GLY A 89 17.46 -4.75 -11.07
CA GLY A 89 18.06 -4.74 -9.75
C GLY A 89 18.87 -6.03 -9.49
N GLY A 1 -3.49 -7.43 21.98
CA GLY A 1 -4.91 -7.47 22.27
C GLY A 1 -5.55 -8.76 21.75
N SER A 2 -6.64 -8.60 21.02
CA SER A 2 -7.35 -9.74 20.46
C SER A 2 -7.80 -9.43 19.04
N SER A 3 -7.64 -10.41 18.17
CA SER A 3 -8.02 -10.26 16.77
C SER A 3 -8.77 -11.50 16.29
N GLY A 4 -8.07 -12.63 16.32
CA GLY A 4 -8.65 -13.88 15.90
C GLY A 4 -7.98 -14.41 14.63
N SER A 5 -8.48 -13.94 13.49
CA SER A 5 -7.93 -14.36 12.22
C SER A 5 -7.12 -13.21 11.60
N SER A 6 -5.86 -13.14 11.97
CA SER A 6 -5.00 -12.10 11.45
C SER A 6 -4.26 -12.59 10.20
N GLY A 7 -4.74 -12.11 9.06
CA GLY A 7 -4.15 -12.50 7.79
C GLY A 7 -4.29 -11.37 6.75
N LEU A 8 -5.51 -10.89 6.62
CA LEU A 8 -5.79 -9.81 5.68
C LEU A 8 -4.67 -8.77 5.74
N ARG A 9 -4.38 -8.34 6.95
CA ARG A 9 -3.33 -7.35 7.16
C ARG A 9 -2.09 -7.71 6.34
N GLU A 10 -1.66 -8.95 6.48
CA GLU A 10 -0.50 -9.43 5.74
C GLU A 10 -0.76 -9.38 4.23
N GLN A 11 -2.00 -9.65 3.87
CA GLN A 11 -2.39 -9.63 2.47
C GLN A 11 -2.33 -8.20 1.92
N VAL A 12 -2.82 -7.27 2.72
CA VAL A 12 -2.83 -5.87 2.34
C VAL A 12 -1.38 -5.36 2.22
N LYS A 13 -0.55 -5.85 3.13
CA LYS A 13 0.85 -5.46 3.15
C LYS A 13 1.46 -5.74 1.77
N GLU A 14 1.36 -6.99 1.36
CA GLU A 14 1.91 -7.41 0.06
C GLU A 14 1.24 -6.61 -1.06
N LEU A 15 -0.03 -6.30 -0.84
CA LEU A 15 -0.79 -5.55 -1.84
C LEU A 15 -0.08 -4.22 -2.12
N PHE A 16 -0.06 -3.38 -1.09
CA PHE A 16 0.57 -2.07 -1.22
C PHE A 16 2.00 -2.21 -1.74
N ASN A 17 2.68 -3.25 -1.27
CA ASN A 17 4.04 -3.51 -1.67
C ASN A 17 4.07 -3.92 -3.15
N GLU A 18 3.05 -4.67 -3.53
CA GLU A 18 2.95 -5.14 -4.91
C GLU A 18 2.76 -3.95 -5.86
N LYS A 19 1.88 -3.05 -5.46
CA LYS A 19 1.60 -1.87 -6.26
C LYS A 19 2.89 -1.07 -6.44
N TYR A 20 3.52 -0.76 -5.32
CA TYR A 20 4.76 0.00 -5.34
C TYR A 20 5.73 -0.56 -6.37
N GLY A 21 5.94 -1.88 -6.29
CA GLY A 21 6.84 -2.54 -7.21
C GLY A 21 6.48 -2.23 -8.66
N GLU A 22 5.23 -2.50 -9.00
CA GLU A 22 4.74 -2.25 -10.34
C GLU A 22 4.89 -0.78 -10.70
N ALA A 23 4.60 0.07 -9.73
CA ALA A 23 4.70 1.51 -9.93
C ALA A 23 6.16 1.89 -10.15
N LEU A 24 7.04 1.18 -9.46
CA LEU A 24 8.46 1.42 -9.57
C LEU A 24 8.95 0.92 -10.93
N GLY A 25 8.06 0.25 -11.63
CA GLY A 25 8.38 -0.29 -12.94
C GLY A 25 9.19 -1.58 -12.82
N LEU A 26 9.12 -2.18 -11.63
CA LEU A 26 9.84 -3.41 -11.38
C LEU A 26 8.90 -4.60 -11.60
N ASN A 27 9.40 -5.78 -11.26
CA ASN A 27 8.63 -6.99 -11.41
C ASN A 27 8.56 -7.74 -10.07
N ARG A 28 8.77 -6.97 -9.01
CA ARG A 28 8.72 -7.53 -7.67
C ARG A 28 8.10 -6.53 -6.69
N PRO A 29 7.49 -7.09 -5.62
CA PRO A 29 6.85 -6.26 -4.61
C PRO A 29 7.90 -5.59 -3.71
N VAL A 30 7.71 -4.31 -3.48
CA VAL A 30 8.62 -3.54 -2.65
C VAL A 30 7.83 -2.84 -1.54
N LEU A 31 8.41 -2.83 -0.35
CA LEU A 31 7.78 -2.20 0.79
C LEU A 31 7.48 -0.73 0.46
N VAL A 32 6.51 -0.18 1.17
CA VAL A 32 6.12 1.21 0.95
C VAL A 32 6.64 2.06 2.12
N PRO A 33 7.51 3.04 1.76
CA PRO A 33 8.09 3.93 2.75
C PRO A 33 7.06 4.97 3.22
N TYR A 34 5.99 4.46 3.82
CA TYR A 34 4.93 5.32 4.32
C TYR A 34 5.52 6.49 5.11
N LYS A 35 6.50 6.17 5.94
CA LYS A 35 7.14 7.20 6.75
C LYS A 35 7.51 8.39 5.88
N LEU A 36 8.09 8.08 4.73
CA LEU A 36 8.48 9.12 3.79
C LEU A 36 7.24 9.75 3.17
N ILE A 37 6.54 8.95 2.38
CA ILE A 37 5.33 9.41 1.72
C ILE A 37 4.53 10.28 2.69
N ARG A 38 4.54 9.88 3.95
CA ARG A 38 3.82 10.61 4.97
C ARG A 38 4.32 12.05 5.05
N ASP A 39 5.63 12.18 5.20
CA ASP A 39 6.25 13.49 5.28
C ASP A 39 6.24 14.14 3.90
N SER A 40 6.45 13.31 2.88
CA SER A 40 6.47 13.80 1.51
C SER A 40 5.26 13.27 0.75
N PRO A 41 4.21 14.14 0.67
CA PRO A 41 2.99 13.76 -0.03
C PRO A 41 3.18 13.80 -1.54
N ASP A 42 4.24 14.48 -1.95
CA ASP A 42 4.55 14.60 -3.37
C ASP A 42 5.68 13.64 -3.71
N ALA A 43 5.54 12.41 -3.23
CA ALA A 43 6.54 11.38 -3.48
C ALA A 43 5.92 10.27 -4.32
N VAL A 44 4.82 9.74 -3.80
CA VAL A 44 4.12 8.66 -4.49
C VAL A 44 2.61 8.90 -4.40
N GLU A 45 1.93 8.59 -5.50
CA GLU A 45 0.49 8.77 -5.55
C GLU A 45 -0.22 7.43 -5.34
N VAL A 46 -1.23 7.45 -4.48
CA VAL A 46 -1.99 6.25 -4.18
C VAL A 46 -3.45 6.48 -4.56
N THR A 47 -3.94 5.60 -5.42
CA THR A 47 -5.33 5.69 -5.88
C THR A 47 -5.93 4.29 -6.01
N GLY A 48 -7.23 4.27 -6.25
CA GLY A 48 -7.94 3.01 -6.40
C GLY A 48 -8.52 2.55 -5.05
N LEU A 49 -7.88 3.01 -3.99
CA LEU A 49 -8.31 2.65 -2.65
C LEU A 49 -9.84 2.76 -2.55
N PRO A 50 -10.40 2.13 -1.49
CA PRO A 50 -11.84 2.16 -1.29
C PRO A 50 -12.29 3.52 -0.76
N ASP A 51 -13.55 3.85 -1.04
CA ASP A 51 -14.11 5.11 -0.61
C ASP A 51 -14.23 5.12 0.91
N ASP A 52 -13.98 6.27 1.50
CA ASP A 52 -14.06 6.43 2.94
C ASP A 52 -12.91 5.68 3.59
N ILE A 53 -11.77 5.69 2.90
CA ILE A 53 -10.58 5.01 3.40
C ILE A 53 -9.34 5.71 2.86
N PRO A 54 -8.52 6.24 3.80
CA PRO A 54 -7.29 6.93 3.44
C PRO A 54 -6.21 5.95 2.99
N PHE A 55 -4.98 6.43 2.98
CA PHE A 55 -3.85 5.60 2.58
C PHE A 55 -2.74 5.65 3.62
N ARG A 56 -2.79 4.68 4.53
CA ARG A 56 -1.80 4.59 5.59
C ARG A 56 -1.42 3.12 5.85
N ASN A 57 -0.42 2.95 6.70
CA ASN A 57 0.04 1.61 7.04
C ASN A 57 -1.17 0.68 7.18
N PRO A 58 -1.01 -0.55 6.61
CA PRO A 58 -2.08 -1.54 6.67
C PRO A 58 -2.18 -2.15 8.06
N ASN A 59 -1.22 -1.80 8.90
CA ASN A 59 -1.18 -2.31 10.26
C ASN A 59 -1.91 -1.33 11.19
N THR A 60 -3.22 -1.24 10.99
CA THR A 60 -4.03 -0.34 11.80
C THR A 60 -5.49 -0.41 11.36
N TYR A 61 -5.68 -0.57 10.06
CA TYR A 61 -7.02 -0.65 9.51
C TYR A 61 -7.89 -1.63 10.30
N ASP A 62 -9.16 -1.69 9.93
CA ASP A 62 -10.09 -2.58 10.59
C ASP A 62 -10.50 -3.69 9.63
N ILE A 63 -11.04 -4.76 10.19
CA ILE A 63 -11.48 -5.89 9.40
C ILE A 63 -12.18 -5.39 8.14
N HIS A 64 -12.87 -4.28 8.29
CA HIS A 64 -13.59 -3.68 7.17
C HIS A 64 -12.59 -3.13 6.16
N ARG A 65 -11.96 -2.02 6.54
CA ARG A 65 -10.98 -1.39 5.67
C ARG A 65 -10.05 -2.44 5.06
N LEU A 66 -9.57 -3.33 5.92
CA LEU A 66 -8.67 -4.39 5.48
C LEU A 66 -9.30 -5.13 4.31
N GLU A 67 -10.58 -5.45 4.47
CA GLU A 67 -11.31 -6.16 3.45
C GLU A 67 -11.56 -5.26 2.24
N LYS A 68 -12.13 -4.09 2.52
CA LYS A 68 -12.42 -3.14 1.47
C LYS A 68 -11.19 -2.98 0.57
N ILE A 69 -10.09 -2.60 1.19
CA ILE A 69 -8.85 -2.41 0.46
C ILE A 69 -8.58 -3.64 -0.42
N LEU A 70 -8.62 -4.79 0.23
CA LEU A 70 -8.39 -6.05 -0.47
C LEU A 70 -9.42 -6.20 -1.59
N LYS A 71 -10.60 -5.62 -1.35
CA LYS A 71 -11.68 -5.68 -2.32
C LYS A 71 -11.35 -4.75 -3.50
N ALA A 72 -10.51 -3.77 -3.23
CA ALA A 72 -10.11 -2.81 -4.24
C ALA A 72 -8.63 -3.00 -4.56
N ARG A 73 -8.15 -4.20 -4.33
CA ARG A 73 -6.76 -4.53 -4.59
C ARG A 73 -6.44 -4.34 -6.07
N GLU A 74 -7.42 -4.65 -6.90
CA GLU A 74 -7.26 -4.53 -8.33
C GLU A 74 -7.38 -3.06 -8.76
N HIS A 75 -8.20 -2.33 -8.03
CA HIS A 75 -8.41 -0.93 -8.32
C HIS A 75 -7.21 -0.12 -7.85
N VAL A 76 -6.73 -0.46 -6.66
CA VAL A 76 -5.58 0.22 -6.08
C VAL A 76 -4.50 0.39 -7.16
N ARG A 77 -4.00 1.61 -7.25
CA ARG A 77 -2.96 1.91 -8.23
C ARG A 77 -2.01 2.98 -7.68
N MET A 78 -0.73 2.71 -7.82
CA MET A 78 0.30 3.63 -7.34
C MET A 78 0.98 4.33 -8.51
N VAL A 79 1.30 5.60 -8.29
CA VAL A 79 1.96 6.40 -9.31
C VAL A 79 3.09 7.21 -8.67
N ILE A 80 4.30 6.93 -9.12
CA ILE A 80 5.47 7.62 -8.60
C ILE A 80 5.42 9.09 -9.04
N ILE A 81 5.00 9.94 -8.12
CA ILE A 81 4.91 11.36 -8.39
C ILE A 81 6.31 11.94 -8.52
N ASN A 82 7.06 11.82 -7.43
CA ASN A 82 8.42 12.33 -7.40
C ASN A 82 9.33 11.29 -6.75
N GLN A 83 10.18 10.69 -7.57
CA GLN A 83 11.11 9.68 -7.08
C GLN A 83 11.73 10.12 -5.75
N SER A 84 11.77 9.17 -4.82
CA SER A 84 12.32 9.44 -3.50
C SER A 84 13.60 8.64 -3.30
N GLY A 85 13.46 7.32 -3.40
CA GLY A 85 14.60 6.43 -3.21
C GLY A 85 14.21 4.99 -3.52
N PRO A 86 14.94 4.39 -4.49
CA PRO A 86 14.68 3.01 -4.88
C PRO A 86 15.21 2.04 -3.84
N SER A 87 15.04 0.75 -4.13
CA SER A 87 15.50 -0.29 -3.23
C SER A 87 15.46 -1.65 -3.92
N SER A 88 16.64 -2.23 -4.10
CA SER A 88 16.75 -3.52 -4.76
C SER A 88 18.22 -3.96 -4.80
N GLY A 89 18.46 -5.14 -4.26
CA GLY A 89 19.81 -5.69 -4.22
C GLY A 89 20.73 -4.84 -3.34
N GLY A 1 -8.36 -22.19 6.65
CA GLY A 1 -8.42 -23.36 7.51
C GLY A 1 -8.30 -22.96 8.98
N SER A 2 -7.08 -23.11 9.49
CA SER A 2 -6.82 -22.76 10.88
C SER A 2 -7.13 -21.29 11.13
N SER A 3 -7.55 -21.00 12.35
CA SER A 3 -7.88 -19.64 12.73
C SER A 3 -6.81 -19.08 13.67
N GLY A 4 -6.18 -18.01 13.21
CA GLY A 4 -5.13 -17.37 14.00
C GLY A 4 -4.28 -16.44 13.13
N SER A 5 -3.63 -15.49 13.80
CA SER A 5 -2.79 -14.54 13.10
C SER A 5 -3.64 -13.69 12.15
N SER A 6 -3.21 -12.45 11.99
CA SER A 6 -3.92 -11.52 11.12
C SER A 6 -3.41 -11.67 9.68
N GLY A 7 -4.18 -12.42 8.91
CA GLY A 7 -3.82 -12.65 7.52
C GLY A 7 -4.17 -11.43 6.64
N LEU A 8 -5.40 -10.98 6.81
CA LEU A 8 -5.88 -9.83 6.05
C LEU A 8 -4.76 -8.78 5.98
N ARG A 9 -4.14 -8.54 7.12
CA ARG A 9 -3.06 -7.57 7.20
C ARG A 9 -1.99 -7.88 6.15
N GLU A 10 -1.34 -9.02 6.33
CA GLU A 10 -0.29 -9.43 5.41
C GLU A 10 -0.78 -9.31 3.96
N GLN A 11 -2.03 -9.73 3.75
CA GLN A 11 -2.63 -9.68 2.43
C GLN A 11 -2.53 -8.25 1.87
N VAL A 12 -3.02 -7.30 2.65
CA VAL A 12 -3.00 -5.91 2.23
C VAL A 12 -1.54 -5.44 2.14
N LYS A 13 -0.73 -5.94 3.06
CA LYS A 13 0.67 -5.58 3.09
C LYS A 13 1.30 -5.84 1.71
N GLU A 14 1.19 -7.09 1.28
CA GLU A 14 1.75 -7.48 0.00
C GLU A 14 1.11 -6.66 -1.12
N LEU A 15 -0.17 -6.33 -0.92
CA LEU A 15 -0.91 -5.55 -1.89
C LEU A 15 -0.19 -4.22 -2.14
N PHE A 16 -0.20 -3.39 -1.10
CA PHE A 16 0.44 -2.09 -1.19
C PHE A 16 1.88 -2.21 -1.68
N ASN A 17 2.58 -3.22 -1.15
CA ASN A 17 3.95 -3.46 -1.53
C ASN A 17 4.01 -3.83 -3.01
N GLU A 18 3.06 -4.66 -3.42
CA GLU A 18 2.99 -5.10 -4.80
C GLU A 18 2.84 -3.90 -5.73
N LYS A 19 1.87 -3.06 -5.40
CA LYS A 19 1.60 -1.86 -6.19
C LYS A 19 2.90 -1.07 -6.36
N TYR A 20 3.53 -0.76 -5.22
CA TYR A 20 4.77 -0.02 -5.23
C TYR A 20 5.74 -0.57 -6.28
N GLY A 21 5.95 -1.86 -6.22
CA GLY A 21 6.85 -2.52 -7.15
C GLY A 21 6.49 -2.17 -8.60
N GLU A 22 5.24 -2.44 -8.95
CA GLU A 22 4.76 -2.15 -10.29
C GLU A 22 4.96 -0.67 -10.62
N ALA A 23 4.58 0.17 -9.67
CA ALA A 23 4.71 1.61 -9.84
C ALA A 23 6.20 1.96 -10.00
N LEU A 24 7.03 1.19 -9.32
CA LEU A 24 8.46 1.41 -9.37
C LEU A 24 9.01 0.91 -10.71
N GLY A 25 8.12 0.31 -11.48
CA GLY A 25 8.50 -0.21 -12.78
C GLY A 25 9.33 -1.49 -12.64
N LEU A 26 9.21 -2.11 -11.47
CA LEU A 26 9.93 -3.34 -11.19
C LEU A 26 9.02 -4.54 -11.45
N ASN A 27 9.54 -5.71 -11.15
CA ASN A 27 8.78 -6.94 -11.34
C ASN A 27 8.69 -7.69 -10.01
N ARG A 28 8.82 -6.93 -8.93
CA ARG A 28 8.75 -7.51 -7.61
C ARG A 28 8.12 -6.50 -6.63
N PRO A 29 7.51 -7.07 -5.55
CA PRO A 29 6.88 -6.23 -4.54
C PRO A 29 7.92 -5.55 -3.64
N VAL A 30 7.65 -4.30 -3.32
CA VAL A 30 8.56 -3.53 -2.48
C VAL A 30 7.76 -2.83 -1.39
N LEU A 31 8.35 -2.77 -0.20
CA LEU A 31 7.71 -2.13 0.93
C LEU A 31 7.47 -0.65 0.62
N VAL A 32 6.38 -0.13 1.15
CA VAL A 32 6.04 1.27 0.94
C VAL A 32 6.55 2.10 2.10
N PRO A 33 7.45 3.06 1.77
CA PRO A 33 8.03 3.93 2.78
C PRO A 33 7.02 4.99 3.24
N TYR A 34 5.92 4.51 3.80
CA TYR A 34 4.87 5.39 4.27
C TYR A 34 5.45 6.54 5.11
N LYS A 35 6.43 6.19 5.94
CA LYS A 35 7.08 7.17 6.78
C LYS A 35 7.52 8.36 5.93
N LEU A 36 7.91 8.06 4.70
CA LEU A 36 8.36 9.09 3.78
C LEU A 36 7.14 9.74 3.13
N ILE A 37 6.42 8.94 2.36
CA ILE A 37 5.23 9.42 1.68
C ILE A 37 4.40 10.28 2.63
N ARG A 38 4.49 9.93 3.91
CA ARG A 38 3.77 10.65 4.94
C ARG A 38 4.24 12.11 5.00
N ASP A 39 5.55 12.25 5.13
CA ASP A 39 6.16 13.58 5.21
C ASP A 39 6.20 14.20 3.81
N SER A 40 6.38 13.33 2.82
CA SER A 40 6.44 13.78 1.43
C SER A 40 5.22 13.26 0.67
N PRO A 41 4.19 14.15 0.57
CA PRO A 41 2.97 13.81 -0.14
C PRO A 41 3.19 13.83 -1.65
N ASP A 42 4.30 14.42 -2.05
CA ASP A 42 4.64 14.52 -3.46
C ASP A 42 5.78 13.53 -3.78
N ALA A 43 5.60 12.31 -3.33
CA ALA A 43 6.59 11.27 -3.55
C ALA A 43 5.96 10.13 -4.37
N VAL A 44 4.84 9.63 -3.85
CA VAL A 44 4.14 8.55 -4.52
C VAL A 44 2.63 8.81 -4.45
N GLU A 45 1.96 8.50 -5.55
CA GLU A 45 0.52 8.70 -5.62
C GLU A 45 -0.21 7.38 -5.41
N VAL A 46 -1.17 7.41 -4.49
CA VAL A 46 -1.95 6.22 -4.18
C VAL A 46 -3.41 6.48 -4.52
N THR A 47 -3.97 5.57 -5.32
CA THR A 47 -5.35 5.67 -5.74
C THR A 47 -5.98 4.29 -5.86
N GLY A 48 -7.28 4.29 -6.12
CA GLY A 48 -8.01 3.03 -6.27
C GLY A 48 -8.59 2.58 -4.93
N LEU A 49 -7.90 2.97 -3.86
CA LEU A 49 -8.34 2.61 -2.52
C LEU A 49 -9.85 2.78 -2.41
N PRO A 50 -10.43 2.16 -1.35
CA PRO A 50 -11.86 2.24 -1.12
C PRO A 50 -12.26 3.61 -0.57
N ASP A 51 -13.44 4.05 -0.99
CA ASP A 51 -13.94 5.35 -0.55
C ASP A 51 -14.07 5.35 0.98
N ASP A 52 -13.84 6.51 1.56
CA ASP A 52 -13.94 6.66 3.00
C ASP A 52 -12.76 5.93 3.66
N ILE A 53 -11.66 5.88 2.94
CA ILE A 53 -10.46 5.22 3.43
C ILE A 53 -9.23 5.88 2.83
N PRO A 54 -8.38 6.45 3.72
CA PRO A 54 -7.17 7.12 3.29
C PRO A 54 -6.10 6.10 2.88
N PHE A 55 -4.87 6.58 2.82
CA PHE A 55 -3.75 5.72 2.45
C PHE A 55 -2.63 5.82 3.48
N ARG A 56 -2.60 4.84 4.37
CA ARG A 56 -1.59 4.80 5.41
C ARG A 56 -1.17 3.35 5.68
N ASN A 57 -0.22 3.21 6.60
CA ASN A 57 0.28 1.89 6.96
C ASN A 57 -0.89 0.90 7.00
N PRO A 58 -0.70 -0.25 6.30
CA PRO A 58 -1.73 -1.27 6.24
C PRO A 58 -1.78 -2.05 7.55
N ASN A 59 -0.77 -1.84 8.38
CA ASN A 59 -0.70 -2.51 9.67
C ASN A 59 -1.38 -1.65 10.73
N THR A 60 -2.70 -1.54 10.60
CA THR A 60 -3.47 -0.75 11.54
C THR A 60 -4.95 -0.77 11.16
N TYR A 61 -5.20 -0.78 9.86
CA TYR A 61 -6.56 -0.81 9.35
C TYR A 61 -7.40 -1.86 10.10
N ASP A 62 -8.71 -1.75 9.94
CA ASP A 62 -9.63 -2.66 10.59
C ASP A 62 -10.09 -3.71 9.57
N ILE A 63 -10.54 -4.84 10.10
CA ILE A 63 -11.02 -5.92 9.25
C ILE A 63 -11.83 -5.34 8.10
N HIS A 64 -12.50 -4.23 8.38
CA HIS A 64 -13.31 -3.57 7.37
C HIS A 64 -12.40 -3.00 6.28
N ARG A 65 -11.70 -1.94 6.63
CA ARG A 65 -10.80 -1.30 5.69
C ARG A 65 -9.94 -2.34 4.97
N LEU A 66 -9.42 -3.27 5.76
CA LEU A 66 -8.59 -4.33 5.22
C LEU A 66 -9.35 -5.06 4.11
N GLU A 67 -10.62 -5.29 4.36
CA GLU A 67 -11.48 -5.97 3.40
C GLU A 67 -11.71 -5.07 2.18
N LYS A 68 -12.07 -3.83 2.46
CA LYS A 68 -12.33 -2.87 1.40
C LYS A 68 -11.09 -2.76 0.50
N ILE A 69 -9.95 -2.57 1.15
CA ILE A 69 -8.70 -2.44 0.43
C ILE A 69 -8.48 -3.67 -0.44
N LEU A 70 -8.63 -4.84 0.18
CA LEU A 70 -8.47 -6.09 -0.54
C LEU A 70 -9.43 -6.13 -1.72
N LYS A 71 -10.66 -5.74 -1.46
CA LYS A 71 -11.67 -5.73 -2.50
C LYS A 71 -11.29 -4.70 -3.57
N ALA A 72 -10.55 -3.70 -3.13
CA ALA A 72 -10.12 -2.64 -4.03
C ALA A 72 -8.65 -2.87 -4.39
N ARG A 73 -8.22 -4.12 -4.28
CA ARG A 73 -6.86 -4.47 -4.60
C ARG A 73 -6.59 -4.33 -6.09
N GLU A 74 -7.60 -4.70 -6.87
CA GLU A 74 -7.50 -4.61 -8.33
C GLU A 74 -7.68 -3.17 -8.78
N HIS A 75 -8.24 -2.36 -7.89
CA HIS A 75 -8.48 -0.96 -8.20
C HIS A 75 -7.29 -0.12 -7.73
N VAL A 76 -6.76 -0.50 -6.57
CA VAL A 76 -5.63 0.19 -6.00
C VAL A 76 -4.54 0.36 -7.06
N ARG A 77 -4.04 1.57 -7.19
CA ARG A 77 -3.00 1.87 -8.17
C ARG A 77 -2.05 2.93 -7.62
N MET A 78 -0.76 2.66 -7.77
CA MET A 78 0.26 3.57 -7.30
C MET A 78 0.95 4.26 -8.47
N VAL A 79 1.29 5.53 -8.27
CA VAL A 79 1.96 6.30 -9.30
C VAL A 79 3.09 7.12 -8.65
N ILE A 80 4.31 6.83 -9.09
CA ILE A 80 5.48 7.51 -8.58
C ILE A 80 5.44 8.97 -9.03
N ILE A 81 5.04 9.84 -8.10
CA ILE A 81 4.96 11.26 -8.39
C ILE A 81 6.37 11.84 -8.49
N ASN A 82 7.18 11.50 -7.50
CA ASN A 82 8.55 11.99 -7.46
C ASN A 82 9.46 10.89 -6.90
N GLN A 83 10.63 10.78 -7.50
CA GLN A 83 11.60 9.78 -7.08
C GLN A 83 12.95 10.42 -6.80
N SER A 84 13.71 9.79 -5.92
CA SER A 84 15.03 10.30 -5.56
C SER A 84 15.82 9.21 -4.82
N GLY A 85 16.81 8.67 -5.51
CA GLY A 85 17.64 7.63 -4.93
C GLY A 85 17.53 6.33 -5.74
N PRO A 86 18.66 5.99 -6.43
CA PRO A 86 18.70 4.78 -7.23
C PRO A 86 18.83 3.54 -6.36
N SER A 87 17.68 3.07 -5.89
CA SER A 87 17.65 1.89 -5.04
C SER A 87 16.66 0.87 -5.60
N SER A 88 16.71 -0.32 -5.03
CA SER A 88 15.82 -1.39 -5.46
C SER A 88 15.48 -2.30 -4.28
N GLY A 89 16.53 -2.90 -3.72
CA GLY A 89 16.36 -3.80 -2.59
C GLY A 89 17.69 -4.39 -2.14
N GLY A 1 0.75 -1.75 18.55
CA GLY A 1 1.04 -3.16 18.76
C GLY A 1 -0.09 -4.05 18.20
N SER A 2 -0.35 -5.13 18.91
CA SER A 2 -1.39 -6.06 18.50
C SER A 2 -1.01 -6.74 17.19
N SER A 3 -0.34 -7.88 17.32
CA SER A 3 0.09 -8.62 16.16
C SER A 3 -0.24 -10.11 16.34
N GLY A 4 -0.67 -10.72 15.25
CA GLY A 4 -1.02 -12.13 15.27
C GLY A 4 -2.09 -12.46 14.22
N SER A 5 -3.12 -13.17 14.67
CA SER A 5 -4.20 -13.53 13.78
C SER A 5 -4.70 -12.31 13.01
N SER A 6 -4.71 -12.44 11.69
CA SER A 6 -5.16 -11.36 10.83
C SER A 6 -5.33 -11.86 9.40
N GLY A 7 -4.22 -12.31 8.83
CA GLY A 7 -4.23 -12.82 7.47
C GLY A 7 -4.46 -11.69 6.46
N LEU A 8 -5.64 -11.08 6.54
CA LEU A 8 -5.98 -10.00 5.66
C LEU A 8 -4.84 -8.97 5.62
N ARG A 9 -4.30 -8.71 6.80
CA ARG A 9 -3.21 -7.76 6.93
C ARG A 9 -2.05 -8.15 6.01
N GLU A 10 -1.63 -9.42 6.13
CA GLU A 10 -0.55 -9.93 5.33
C GLU A 10 -0.89 -9.81 3.83
N GLN A 11 -2.18 -9.77 3.56
CA GLN A 11 -2.66 -9.65 2.19
C GLN A 11 -2.59 -8.21 1.73
N VAL A 12 -2.83 -7.30 2.66
CA VAL A 12 -2.79 -5.88 2.36
C VAL A 12 -1.33 -5.42 2.24
N LYS A 13 -0.51 -5.92 3.16
CA LYS A 13 0.90 -5.57 3.17
C LYS A 13 1.50 -5.86 1.79
N GLU A 14 1.30 -7.09 1.33
CA GLU A 14 1.81 -7.50 0.04
C GLU A 14 1.17 -6.66 -1.07
N LEU A 15 -0.07 -6.28 -0.84
CA LEU A 15 -0.80 -5.49 -1.81
C LEU A 15 -0.07 -4.16 -2.03
N PHE A 16 -0.08 -3.32 -1.00
CA PHE A 16 0.58 -2.03 -1.09
C PHE A 16 2.02 -2.19 -1.58
N ASN A 17 2.65 -3.28 -1.15
CA ASN A 17 4.02 -3.54 -1.54
C ASN A 17 4.07 -3.93 -3.02
N GLU A 18 3.08 -4.72 -3.42
CA GLU A 18 3.00 -5.16 -4.81
C GLU A 18 2.83 -3.95 -5.74
N LYS A 19 1.90 -3.08 -5.36
CA LYS A 19 1.63 -1.89 -6.16
C LYS A 19 2.93 -1.09 -6.31
N TYR A 20 3.57 -0.81 -5.18
CA TYR A 20 4.80 -0.06 -5.17
C TYR A 20 5.78 -0.60 -6.22
N GLY A 21 5.96 -1.91 -6.18
CA GLY A 21 6.86 -2.56 -7.12
C GLY A 21 6.49 -2.20 -8.57
N GLU A 22 5.26 -2.52 -8.93
CA GLU A 22 4.78 -2.23 -10.27
C GLU A 22 4.93 -0.75 -10.59
N ALA A 23 4.63 0.07 -9.59
CA ALA A 23 4.74 1.51 -9.75
C ALA A 23 6.20 1.90 -9.99
N LEU A 24 7.08 1.20 -9.30
CA LEU A 24 8.50 1.45 -9.42
C LEU A 24 8.98 0.98 -10.79
N GLY A 25 8.09 0.28 -11.48
CA GLY A 25 8.41 -0.25 -12.80
C GLY A 25 9.20 -1.55 -12.70
N LEU A 26 9.23 -2.11 -11.50
CA LEU A 26 9.94 -3.34 -11.25
C LEU A 26 8.98 -4.52 -11.47
N ASN A 27 9.49 -5.71 -11.16
CA ASN A 27 8.70 -6.92 -11.32
C ASN A 27 8.63 -7.66 -9.98
N ARG A 28 8.87 -6.91 -8.91
CA ARG A 28 8.84 -7.47 -7.57
C ARG A 28 8.19 -6.50 -6.59
N PRO A 29 7.57 -7.08 -5.53
CA PRO A 29 6.89 -6.28 -4.52
C PRO A 29 7.91 -5.60 -3.60
N VAL A 30 7.72 -4.30 -3.41
CA VAL A 30 8.61 -3.53 -2.56
C VAL A 30 7.79 -2.82 -1.49
N LEU A 31 8.34 -2.78 -0.28
CA LEU A 31 7.68 -2.13 0.83
C LEU A 31 7.40 -0.66 0.47
N VAL A 32 6.47 -0.07 1.21
CA VAL A 32 6.11 1.31 0.98
C VAL A 32 6.63 2.17 2.14
N PRO A 33 7.50 3.15 1.78
CA PRO A 33 8.07 4.05 2.78
C PRO A 33 7.04 5.08 3.25
N TYR A 34 5.97 4.57 3.85
CA TYR A 34 4.91 5.43 4.35
C TYR A 34 5.49 6.64 5.08
N LYS A 35 6.42 6.36 5.99
CA LYS A 35 7.05 7.41 6.76
C LYS A 35 7.43 8.57 5.84
N LEU A 36 8.03 8.21 4.70
CA LEU A 36 8.44 9.20 3.73
C LEU A 36 7.19 9.85 3.11
N ILE A 37 6.46 9.04 2.36
CA ILE A 37 5.25 9.52 1.70
C ILE A 37 4.47 10.39 2.68
N ARG A 38 4.59 10.07 3.95
CA ARG A 38 3.89 10.82 4.99
C ARG A 38 4.39 12.27 5.01
N ASP A 39 5.70 12.41 5.21
CA ASP A 39 6.30 13.72 5.25
C ASP A 39 6.34 14.32 3.84
N SER A 40 6.39 13.43 2.86
CA SER A 40 6.43 13.84 1.47
C SER A 40 5.18 13.34 0.74
N PRO A 41 4.17 14.24 0.64
CA PRO A 41 2.92 13.91 -0.02
C PRO A 41 3.10 13.90 -1.54
N ASP A 42 4.17 14.54 -1.98
CA ASP A 42 4.46 14.61 -3.41
C ASP A 42 5.61 13.65 -3.73
N ALA A 43 5.44 12.40 -3.33
CA ALA A 43 6.45 11.40 -3.57
C ALA A 43 5.83 10.26 -4.39
N VAL A 44 4.73 9.73 -3.88
CA VAL A 44 4.04 8.64 -4.55
C VAL A 44 2.53 8.88 -4.47
N GLU A 45 1.87 8.58 -5.57
CA GLU A 45 0.42 8.75 -5.65
C GLU A 45 -0.29 7.41 -5.44
N VAL A 46 -1.31 7.43 -4.60
CA VAL A 46 -2.08 6.24 -4.31
C VAL A 46 -3.53 6.46 -4.71
N THR A 47 -4.04 5.54 -5.52
CA THR A 47 -5.41 5.62 -5.99
C THR A 47 -6.03 4.23 -6.08
N GLY A 48 -7.32 4.21 -6.33
CA GLY A 48 -8.04 2.95 -6.44
C GLY A 48 -8.58 2.50 -5.08
N LEU A 49 -7.91 2.96 -4.03
CA LEU A 49 -8.30 2.61 -2.68
C LEU A 49 -9.83 2.73 -2.55
N PRO A 50 -10.36 2.12 -1.45
CA PRO A 50 -11.79 2.15 -1.21
C PRO A 50 -12.23 3.53 -0.70
N ASP A 51 -13.46 3.88 -1.03
CA ASP A 51 -14.01 5.16 -0.62
C ASP A 51 -14.12 5.20 0.92
N ASP A 52 -13.88 6.37 1.47
CA ASP A 52 -13.95 6.55 2.91
C ASP A 52 -12.78 5.82 3.57
N ILE A 53 -11.68 5.75 2.83
CA ILE A 53 -10.49 5.08 3.33
C ILE A 53 -9.24 5.76 2.74
N PRO A 54 -8.41 6.32 3.67
CA PRO A 54 -7.18 6.99 3.25
C PRO A 54 -6.11 5.98 2.83
N PHE A 55 -4.88 6.47 2.78
CA PHE A 55 -3.76 5.62 2.39
C PHE A 55 -2.62 5.74 3.41
N ARG A 56 -2.63 4.80 4.36
CA ARG A 56 -1.60 4.79 5.38
C ARG A 56 -1.18 3.35 5.70
N ASN A 57 -0.22 3.23 6.59
CA ASN A 57 0.28 1.93 6.99
C ASN A 57 -0.90 0.95 7.11
N PRO A 58 -0.70 -0.27 6.55
CA PRO A 58 -1.73 -1.29 6.59
C PRO A 58 -1.83 -1.91 7.99
N ASN A 59 -0.86 -1.56 8.83
CA ASN A 59 -0.84 -2.07 10.19
C ASN A 59 -1.57 -1.10 11.12
N THR A 60 -2.89 -1.07 10.96
CA THR A 60 -3.72 -0.20 11.77
C THR A 60 -5.19 -0.32 11.36
N TYR A 61 -5.39 -0.50 10.05
CA TYR A 61 -6.73 -0.63 9.51
C TYR A 61 -7.52 -1.70 10.28
N ASP A 62 -8.81 -1.77 9.96
CA ASP A 62 -9.69 -2.74 10.59
C ASP A 62 -10.14 -3.77 9.56
N ILE A 63 -10.76 -4.83 10.06
CA ILE A 63 -11.24 -5.89 9.20
C ILE A 63 -11.95 -5.27 7.99
N HIS A 64 -12.68 -4.20 8.25
CA HIS A 64 -13.39 -3.51 7.19
C HIS A 64 -12.40 -2.96 6.17
N ARG A 65 -11.70 -1.91 6.58
CA ARG A 65 -10.71 -1.27 5.73
C ARG A 65 -9.83 -2.33 5.06
N LEU A 66 -9.36 -3.26 5.89
CA LEU A 66 -8.49 -4.32 5.40
C LEU A 66 -9.21 -5.06 4.27
N GLU A 67 -10.49 -5.35 4.49
CA GLU A 67 -11.30 -6.04 3.50
C GLU A 67 -11.57 -5.13 2.30
N LYS A 68 -12.09 -3.95 2.60
CA LYS A 68 -12.41 -2.99 1.56
C LYS A 68 -11.20 -2.83 0.64
N ILE A 69 -10.08 -2.46 1.24
CA ILE A 69 -8.85 -2.27 0.48
C ILE A 69 -8.55 -3.53 -0.33
N LEU A 70 -8.82 -4.68 0.30
CA LEU A 70 -8.58 -5.95 -0.35
C LEU A 70 -9.58 -6.12 -1.50
N LYS A 71 -10.78 -5.60 -1.29
CA LYS A 71 -11.82 -5.70 -2.29
C LYS A 71 -11.47 -4.80 -3.48
N ALA A 72 -10.60 -3.84 -3.20
CA ALA A 72 -10.16 -2.91 -4.24
C ALA A 72 -8.67 -3.08 -4.47
N ARG A 73 -8.18 -4.27 -4.16
CA ARG A 73 -6.77 -4.57 -4.33
C ARG A 73 -6.37 -4.46 -5.80
N GLU A 74 -7.31 -4.82 -6.66
CA GLU A 74 -7.07 -4.76 -8.09
C GLU A 74 -7.23 -3.32 -8.60
N HIS A 75 -8.04 -2.56 -7.88
CA HIS A 75 -8.28 -1.18 -8.25
C HIS A 75 -7.12 -0.31 -7.75
N VAL A 76 -6.66 -0.60 -6.55
CA VAL A 76 -5.57 0.14 -5.95
C VAL A 76 -4.44 0.28 -6.98
N ARG A 77 -4.01 1.52 -7.19
CA ARG A 77 -2.96 1.80 -8.13
C ARG A 77 -2.02 2.87 -7.57
N MET A 78 -0.72 2.64 -7.77
CA MET A 78 0.28 3.56 -7.29
C MET A 78 1.01 4.25 -8.46
N VAL A 79 1.28 5.53 -8.27
CA VAL A 79 1.96 6.30 -9.30
C VAL A 79 3.08 7.11 -8.66
N ILE A 80 4.29 6.86 -9.12
CA ILE A 80 5.45 7.55 -8.60
C ILE A 80 5.42 9.01 -9.05
N ILE A 81 5.14 9.88 -8.10
CA ILE A 81 5.07 11.31 -8.39
C ILE A 81 6.48 11.87 -8.51
N ASN A 82 7.25 11.69 -7.44
CA ASN A 82 8.62 12.17 -7.43
C ASN A 82 9.52 11.11 -6.79
N GLN A 83 10.14 10.32 -7.65
CA GLN A 83 11.02 9.26 -7.18
C GLN A 83 11.85 9.75 -5.99
N SER A 84 11.92 8.90 -4.98
CA SER A 84 12.68 9.23 -3.77
C SER A 84 12.60 8.08 -2.77
N GLY A 85 13.70 7.36 -2.64
CA GLY A 85 13.78 6.24 -1.73
C GLY A 85 14.39 5.02 -2.40
N PRO A 86 15.61 4.66 -1.93
CA PRO A 86 16.31 3.51 -2.48
C PRO A 86 15.69 2.20 -1.98
N SER A 87 16.27 1.09 -2.45
CA SER A 87 15.78 -0.22 -2.07
C SER A 87 16.95 -1.11 -1.65
N SER A 88 16.63 -2.13 -0.86
CA SER A 88 17.63 -3.05 -0.39
C SER A 88 17.00 -4.10 0.52
N GLY A 89 16.77 -5.28 -0.05
CA GLY A 89 16.18 -6.36 0.71
C GLY A 89 16.76 -7.71 0.30
N GLY A 1 -12.73 -10.81 15.99
CA GLY A 1 -11.28 -10.82 16.14
C GLY A 1 -10.80 -12.14 16.75
N SER A 2 -11.03 -13.21 16.01
CA SER A 2 -10.63 -14.53 16.47
C SER A 2 -9.11 -14.61 16.55
N SER A 3 -8.61 -14.59 17.78
CA SER A 3 -7.18 -14.66 18.01
C SER A 3 -6.59 -15.86 17.28
N GLY A 4 -5.74 -15.57 16.30
CA GLY A 4 -5.11 -16.60 15.51
C GLY A 4 -4.01 -16.03 14.62
N SER A 5 -4.39 -15.74 13.38
CA SER A 5 -3.45 -15.18 12.42
C SER A 5 -4.14 -14.13 11.56
N SER A 6 -3.55 -12.95 11.54
CA SER A 6 -4.09 -11.85 10.77
C SER A 6 -3.54 -11.88 9.35
N GLY A 7 -4.32 -12.47 8.46
CA GLY A 7 -3.91 -12.58 7.06
C GLY A 7 -4.10 -11.25 6.33
N LEU A 8 -5.31 -10.73 6.43
CA LEU A 8 -5.64 -9.47 5.78
C LEU A 8 -4.45 -8.51 5.92
N ARG A 9 -3.96 -8.39 7.15
CA ARG A 9 -2.84 -7.51 7.43
C ARG A 9 -1.72 -7.76 6.42
N GLU A 10 -1.31 -9.02 6.32
CA GLU A 10 -0.25 -9.40 5.41
C GLU A 10 -0.72 -9.27 3.97
N GLN A 11 -1.96 -9.71 3.74
CA GLN A 11 -2.54 -9.64 2.42
C GLN A 11 -2.44 -8.23 1.85
N VAL A 12 -2.86 -7.28 2.68
CA VAL A 12 -2.83 -5.88 2.27
C VAL A 12 -1.37 -5.43 2.13
N LYS A 13 -0.56 -5.88 3.06
CA LYS A 13 0.86 -5.53 3.05
C LYS A 13 1.44 -5.85 1.67
N GLU A 14 1.27 -7.09 1.25
CA GLU A 14 1.77 -7.52 -0.04
C GLU A 14 1.12 -6.72 -1.16
N LEU A 15 -0.15 -6.39 -0.95
CA LEU A 15 -0.89 -5.61 -1.93
C LEU A 15 -0.15 -4.30 -2.21
N PHE A 16 -0.12 -3.46 -1.19
CA PHE A 16 0.55 -2.16 -1.32
C PHE A 16 1.97 -2.33 -1.86
N ASN A 17 2.65 -3.36 -1.35
CA ASN A 17 4.00 -3.64 -1.77
C ASN A 17 4.00 -4.04 -3.26
N GLU A 18 2.99 -4.80 -3.63
CA GLU A 18 2.86 -5.25 -5.00
C GLU A 18 2.70 -4.05 -5.95
N LYS A 19 1.84 -3.13 -5.54
CA LYS A 19 1.59 -1.95 -6.33
C LYS A 19 2.88 -1.15 -6.46
N TYR A 20 3.48 -0.83 -5.32
CA TYR A 20 4.71 -0.07 -5.29
C TYR A 20 5.70 -0.60 -6.33
N GLY A 21 5.92 -1.91 -6.27
CA GLY A 21 6.85 -2.55 -7.19
C GLY A 21 6.54 -2.15 -8.63
N GLU A 22 5.31 -2.45 -9.05
CA GLU A 22 4.88 -2.13 -10.40
C GLU A 22 5.10 -0.65 -10.69
N ALA A 23 4.68 0.17 -9.74
CA ALA A 23 4.82 1.62 -9.88
C ALA A 23 6.30 1.97 -9.99
N LEU A 24 7.12 1.18 -9.30
CA LEU A 24 8.56 1.41 -9.31
C LEU A 24 9.12 0.96 -10.67
N GLY A 25 8.27 0.32 -11.45
CA GLY A 25 8.68 -0.15 -12.76
C GLY A 25 9.48 -1.45 -12.65
N LEU A 26 9.24 -2.16 -11.55
CA LEU A 26 9.93 -3.42 -11.32
C LEU A 26 8.99 -4.58 -11.62
N ASN A 27 9.44 -5.78 -11.29
CA ASN A 27 8.65 -6.97 -11.51
C ASN A 27 8.50 -7.74 -10.19
N ARG A 28 8.75 -7.02 -9.11
CA ARG A 28 8.64 -7.62 -7.79
C ARG A 28 8.02 -6.61 -6.81
N PRO A 29 7.42 -7.17 -5.72
CA PRO A 29 6.78 -6.35 -4.71
C PRO A 29 7.83 -5.67 -3.81
N VAL A 30 7.65 -4.37 -3.63
CA VAL A 30 8.58 -3.60 -2.80
C VAL A 30 7.78 -2.88 -1.70
N LEU A 31 8.38 -2.85 -0.53
CA LEU A 31 7.75 -2.20 0.62
C LEU A 31 7.51 -0.73 0.27
N VAL A 32 6.48 -0.18 0.91
CA VAL A 32 6.14 1.22 0.69
C VAL A 32 6.64 2.06 1.87
N PRO A 33 7.49 3.07 1.52
CA PRO A 33 8.05 3.95 2.53
C PRO A 33 7.01 4.95 3.03
N TYR A 34 6.00 4.43 3.72
CA TYR A 34 4.94 5.26 4.24
C TYR A 34 5.50 6.40 5.08
N LYS A 35 6.44 6.05 5.96
CA LYS A 35 7.07 7.04 6.82
C LYS A 35 7.45 8.26 6.00
N LEU A 36 7.94 7.99 4.79
CA LEU A 36 8.35 9.06 3.89
C LEU A 36 7.10 9.71 3.28
N ILE A 37 6.42 8.95 2.44
CA ILE A 37 5.22 9.43 1.79
C ILE A 37 4.39 10.25 2.79
N ARG A 38 4.36 9.76 4.02
CA ARG A 38 3.62 10.43 5.07
C ARG A 38 4.08 11.89 5.20
N ASP A 39 5.39 12.04 5.32
CA ASP A 39 5.97 13.37 5.46
C ASP A 39 6.00 14.05 4.08
N SER A 40 6.17 13.23 3.06
CA SER A 40 6.23 13.73 1.70
C SER A 40 5.01 13.25 0.91
N PRO A 41 3.97 14.12 0.86
CA PRO A 41 2.75 13.79 0.15
C PRO A 41 2.95 13.90 -1.36
N ASP A 42 4.11 14.41 -1.74
CA ASP A 42 4.44 14.57 -3.14
C ASP A 42 5.61 13.64 -3.50
N ALA A 43 5.44 12.38 -3.12
CA ALA A 43 6.47 11.39 -3.40
C ALA A 43 5.87 10.27 -4.25
N VAL A 44 4.77 9.72 -3.77
CA VAL A 44 4.09 8.64 -4.47
C VAL A 44 2.58 8.86 -4.39
N GLU A 45 1.92 8.59 -5.52
CA GLU A 45 0.48 8.76 -5.59
C GLU A 45 -0.22 7.41 -5.46
N VAL A 46 -1.25 7.38 -4.62
CA VAL A 46 -1.99 6.16 -4.39
C VAL A 46 -3.47 6.40 -4.75
N THR A 47 -4.00 5.50 -5.56
CA THR A 47 -5.39 5.61 -5.99
C THR A 47 -6.01 4.21 -6.10
N GLY A 48 -7.32 4.20 -6.34
CA GLY A 48 -8.05 2.95 -6.47
C GLY A 48 -8.61 2.50 -5.13
N LEU A 49 -7.95 2.94 -4.06
CA LEU A 49 -8.38 2.58 -2.72
C LEU A 49 -9.89 2.75 -2.61
N PRO A 50 -10.47 2.13 -1.55
CA PRO A 50 -11.90 2.22 -1.32
C PRO A 50 -12.30 3.59 -0.77
N ASP A 51 -13.48 4.03 -1.17
CA ASP A 51 -13.98 5.31 -0.73
C ASP A 51 -14.10 5.32 0.79
N ASP A 52 -13.87 6.49 1.37
CA ASP A 52 -13.96 6.65 2.81
C ASP A 52 -12.77 5.91 3.46
N ILE A 53 -11.67 5.84 2.73
CA ILE A 53 -10.49 5.17 3.23
C ILE A 53 -9.25 5.83 2.61
N PRO A 54 -8.40 6.39 3.52
CA PRO A 54 -7.18 7.04 3.08
C PRO A 54 -6.12 6.01 2.66
N PHE A 55 -4.88 6.49 2.57
CA PHE A 55 -3.78 5.63 2.18
C PHE A 55 -2.64 5.69 3.21
N ARG A 56 -2.69 4.76 4.15
CA ARG A 56 -1.68 4.70 5.19
C ARG A 56 -1.32 3.25 5.51
N ASN A 57 -0.28 3.09 6.32
CA ASN A 57 0.17 1.76 6.70
C ASN A 57 -1.05 0.86 6.92
N PRO A 58 -0.91 -0.42 6.46
CA PRO A 58 -1.98 -1.38 6.61
C PRO A 58 -2.09 -1.88 8.05
N ASN A 59 -1.11 -1.45 8.85
CA ASN A 59 -1.08 -1.85 10.26
C ASN A 59 -1.79 -0.80 11.09
N THR A 60 -3.09 -0.70 10.90
CA THR A 60 -3.90 0.26 11.63
C THR A 60 -5.37 0.16 11.22
N TYR A 61 -5.57 -0.10 9.93
CA TYR A 61 -6.92 -0.23 9.41
C TYR A 61 -7.76 -1.17 10.26
N ASP A 62 -9.02 -1.31 9.87
CA ASP A 62 -9.94 -2.17 10.59
C ASP A 62 -10.37 -3.32 9.68
N ILE A 63 -10.90 -4.37 10.30
CA ILE A 63 -11.36 -5.52 9.56
C ILE A 63 -12.09 -5.06 8.30
N HIS A 64 -12.83 -3.97 8.45
CA HIS A 64 -13.58 -3.41 7.33
C HIS A 64 -12.61 -2.89 6.27
N ARG A 65 -11.97 -1.77 6.58
CA ARG A 65 -11.02 -1.17 5.66
C ARG A 65 -10.12 -2.25 5.05
N LEU A 66 -9.58 -3.09 5.92
CA LEU A 66 -8.70 -4.15 5.48
C LEU A 66 -9.37 -4.92 4.34
N GLU A 67 -10.64 -5.27 4.56
CA GLU A 67 -11.40 -6.00 3.57
C GLU A 67 -11.60 -5.15 2.31
N LYS A 68 -12.14 -3.96 2.53
CA LYS A 68 -12.39 -3.04 1.43
C LYS A 68 -11.15 -2.98 0.53
N ILE A 69 -10.03 -2.62 1.15
CA ILE A 69 -8.78 -2.52 0.42
C ILE A 69 -8.57 -3.80 -0.41
N LEU A 70 -8.58 -4.92 0.29
CA LEU A 70 -8.39 -6.20 -0.36
C LEU A 70 -9.42 -6.35 -1.49
N LYS A 71 -10.61 -5.84 -1.23
CA LYS A 71 -11.68 -5.91 -2.20
C LYS A 71 -11.34 -5.00 -3.39
N ALA A 72 -10.52 -4.00 -3.11
CA ALA A 72 -10.12 -3.05 -4.15
C ALA A 72 -8.65 -3.29 -4.49
N ARG A 73 -8.21 -4.53 -4.33
CA ARG A 73 -6.83 -4.90 -4.61
C ARG A 73 -6.59 -4.86 -6.12
N GLU A 74 -7.62 -5.17 -6.87
CA GLU A 74 -7.53 -5.18 -8.32
C GLU A 74 -7.89 -3.81 -8.89
N HIS A 75 -7.73 -2.80 -8.04
CA HIS A 75 -8.04 -1.43 -8.45
C HIS A 75 -6.91 -0.50 -7.99
N VAL A 76 -6.52 -0.68 -6.73
CA VAL A 76 -5.46 0.13 -6.15
C VAL A 76 -4.36 0.34 -7.19
N ARG A 77 -3.97 1.60 -7.36
CA ARG A 77 -2.93 1.94 -8.31
C ARG A 77 -1.98 2.98 -7.70
N MET A 78 -0.70 2.77 -7.94
CA MET A 78 0.32 3.68 -7.43
C MET A 78 1.04 4.40 -8.57
N VAL A 79 1.32 5.67 -8.33
CA VAL A 79 2.01 6.48 -9.32
C VAL A 79 3.13 7.28 -8.65
N ILE A 80 4.34 7.04 -9.10
CA ILE A 80 5.50 7.73 -8.55
C ILE A 80 5.45 9.20 -8.95
N ILE A 81 5.11 10.04 -7.99
CA ILE A 81 5.03 11.46 -8.24
C ILE A 81 6.44 12.07 -8.27
N ASN A 82 7.13 11.92 -7.16
CA ASN A 82 8.49 12.43 -7.06
C ASN A 82 9.32 11.49 -6.16
N GLN A 83 10.00 10.56 -6.81
CA GLN A 83 10.83 9.60 -6.10
C GLN A 83 11.99 10.32 -5.42
N SER A 84 12.21 9.96 -4.16
CA SER A 84 13.29 10.55 -3.39
C SER A 84 13.63 9.66 -2.19
N GLY A 85 14.57 8.76 -2.41
CA GLY A 85 15.00 7.85 -1.36
C GLY A 85 15.19 6.44 -1.91
N PRO A 86 16.44 5.92 -1.77
CA PRO A 86 16.77 4.60 -2.24
C PRO A 86 16.19 3.52 -1.31
N SER A 87 16.22 2.29 -1.79
CA SER A 87 15.71 1.17 -1.02
C SER A 87 16.66 0.85 0.13
N SER A 88 16.07 0.61 1.30
CA SER A 88 16.86 0.30 2.47
C SER A 88 16.76 -1.20 2.77
N GLY A 89 17.81 -1.72 3.41
CA GLY A 89 17.86 -3.12 3.76
C GLY A 89 16.57 -3.56 4.45
N GLY A 1 -14.18 -21.85 16.26
CA GLY A 1 -14.10 -20.41 16.14
C GLY A 1 -12.86 -19.88 16.88
N SER A 2 -11.97 -19.25 16.11
CA SER A 2 -10.76 -18.69 16.66
C SER A 2 -10.74 -17.18 16.47
N SER A 3 -10.87 -16.47 17.59
CA SER A 3 -10.87 -15.02 17.55
C SER A 3 -9.49 -14.50 17.16
N GLY A 4 -9.47 -13.30 16.61
CA GLY A 4 -8.22 -12.68 16.20
C GLY A 4 -7.89 -13.05 14.75
N SER A 5 -6.95 -13.98 14.61
CA SER A 5 -6.54 -14.43 13.29
C SER A 5 -6.27 -13.23 12.39
N SER A 6 -5.01 -12.82 12.37
CA SER A 6 -4.60 -11.69 11.55
C SER A 6 -3.94 -12.18 10.26
N GLY A 7 -4.66 -11.99 9.16
CA GLY A 7 -4.17 -12.40 7.86
C GLY A 7 -4.35 -11.29 6.83
N LEU A 8 -5.56 -10.79 6.75
CA LEU A 8 -5.88 -9.73 5.81
C LEU A 8 -4.74 -8.70 5.81
N ARG A 9 -4.33 -8.31 7.01
CA ARG A 9 -3.25 -7.35 7.16
C ARG A 9 -2.08 -7.72 6.26
N GLU A 10 -1.65 -8.96 6.39
CA GLU A 10 -0.53 -9.45 5.60
C GLU A 10 -0.85 -9.34 4.10
N GLN A 11 -2.06 -9.74 3.75
CA GLN A 11 -2.50 -9.69 2.37
C GLN A 11 -2.46 -8.25 1.86
N VAL A 12 -2.69 -7.31 2.78
CA VAL A 12 -2.68 -5.91 2.42
C VAL A 12 -1.24 -5.43 2.27
N LYS A 13 -0.38 -5.96 3.13
CA LYS A 13 1.03 -5.61 3.10
C LYS A 13 1.58 -5.85 1.70
N GLU A 14 1.48 -7.10 1.26
CA GLU A 14 1.96 -7.47 -0.06
C GLU A 14 1.26 -6.64 -1.14
N LEU A 15 0.02 -6.30 -0.87
CA LEU A 15 -0.77 -5.51 -1.80
C LEU A 15 -0.06 -4.18 -2.05
N PHE A 16 -0.06 -3.34 -1.01
CA PHE A 16 0.57 -2.04 -1.10
C PHE A 16 2.00 -2.15 -1.63
N ASN A 17 2.67 -3.22 -1.21
CA ASN A 17 4.03 -3.46 -1.64
C ASN A 17 4.05 -3.81 -3.13
N GLU A 18 3.07 -4.62 -3.51
CA GLU A 18 2.96 -5.05 -4.90
C GLU A 18 2.77 -3.83 -5.81
N LYS A 19 1.85 -2.95 -5.41
CA LYS A 19 1.57 -1.75 -6.17
C LYS A 19 2.86 -0.94 -6.33
N TYR A 20 3.47 -0.62 -5.20
CA TYR A 20 4.71 0.14 -5.20
C TYR A 20 5.68 -0.39 -6.25
N GLY A 21 5.89 -1.70 -6.20
CA GLY A 21 6.80 -2.35 -7.13
C GLY A 21 6.44 -2.01 -8.58
N GLU A 22 5.21 -2.34 -8.94
CA GLU A 22 4.73 -2.07 -10.29
C GLU A 22 4.88 -0.58 -10.62
N ALA A 23 4.54 0.24 -9.63
CA ALA A 23 4.63 1.69 -9.81
C ALA A 23 6.08 2.07 -10.10
N LEU A 24 6.99 1.38 -9.42
CA LEU A 24 8.41 1.64 -9.59
C LEU A 24 8.85 1.13 -10.97
N GLY A 25 7.94 0.41 -11.62
CA GLY A 25 8.22 -0.13 -12.93
C GLY A 25 9.06 -1.41 -12.83
N LEU A 26 9.02 -2.01 -11.65
CA LEU A 26 9.77 -3.23 -11.40
C LEU A 26 8.86 -4.44 -11.65
N ASN A 27 9.40 -5.61 -11.35
CA ASN A 27 8.65 -6.84 -11.52
C ASN A 27 8.58 -7.59 -10.19
N ARG A 28 8.76 -6.83 -9.12
CA ARG A 28 8.71 -7.40 -7.78
C ARG A 28 8.10 -6.40 -6.80
N PRO A 29 7.51 -6.96 -5.71
CA PRO A 29 6.89 -6.13 -4.69
C PRO A 29 7.94 -5.45 -3.81
N VAL A 30 7.70 -4.19 -3.53
CA VAL A 30 8.61 -3.41 -2.71
C VAL A 30 7.82 -2.74 -1.58
N LEU A 31 8.45 -2.73 -0.41
CA LEU A 31 7.82 -2.13 0.77
C LEU A 31 7.53 -0.66 0.48
N VAL A 32 6.48 -0.17 1.11
CA VAL A 32 6.08 1.22 0.94
C VAL A 32 6.58 2.04 2.12
N PRO A 33 7.48 3.01 1.82
CA PRO A 33 8.04 3.87 2.84
C PRO A 33 7.02 4.92 3.30
N TYR A 34 5.92 4.43 3.86
CA TYR A 34 4.86 5.31 4.33
C TYR A 34 5.45 6.47 5.14
N LYS A 35 6.49 6.17 5.90
CA LYS A 35 7.14 7.18 6.71
C LYS A 35 7.53 8.37 5.83
N LEU A 36 8.10 8.04 4.68
CA LEU A 36 8.52 9.07 3.74
C LEU A 36 7.29 9.70 3.09
N ILE A 37 6.58 8.89 2.32
CA ILE A 37 5.38 9.35 1.64
C ILE A 37 4.58 10.25 2.58
N ARG A 38 4.62 9.90 3.86
CA ARG A 38 3.90 10.66 4.87
C ARG A 38 4.44 12.09 4.93
N ASP A 39 5.75 12.19 5.12
CA ASP A 39 6.41 13.48 5.21
C ASP A 39 6.46 14.11 3.81
N SER A 40 6.43 13.25 2.80
CA SER A 40 6.47 13.72 1.44
C SER A 40 5.25 13.18 0.67
N PRO A 41 4.20 14.05 0.61
CA PRO A 41 2.97 13.68 -0.09
C PRO A 41 3.16 13.75 -1.61
N ASP A 42 4.26 14.36 -2.01
CA ASP A 42 4.57 14.51 -3.42
C ASP A 42 5.72 13.56 -3.78
N ALA A 43 5.56 12.30 -3.38
CA ALA A 43 6.57 11.29 -3.66
C ALA A 43 5.93 10.14 -4.43
N VAL A 44 4.83 9.64 -3.89
CA VAL A 44 4.11 8.55 -4.52
C VAL A 44 2.62 8.84 -4.50
N GLU A 45 1.96 8.45 -5.58
CA GLU A 45 0.53 8.66 -5.70
C GLU A 45 -0.23 7.35 -5.45
N VAL A 46 -1.17 7.42 -4.53
CA VAL A 46 -1.97 6.25 -4.18
C VAL A 46 -3.44 6.51 -4.57
N THR A 47 -3.97 5.60 -5.37
CA THR A 47 -5.34 5.71 -5.82
C THR A 47 -5.98 4.33 -5.95
N GLY A 48 -7.28 4.33 -6.20
CA GLY A 48 -8.01 3.09 -6.35
C GLY A 48 -8.56 2.60 -5.01
N LEU A 49 -7.89 3.03 -3.94
CA LEU A 49 -8.29 2.66 -2.60
C LEU A 49 -9.81 2.77 -2.48
N PRO A 50 -10.35 2.13 -1.41
CA PRO A 50 -11.79 2.16 -1.18
C PRO A 50 -12.23 3.52 -0.63
N ASP A 51 -13.43 3.91 -1.00
CA ASP A 51 -13.98 5.18 -0.56
C ASP A 51 -14.09 5.18 0.97
N ASP A 52 -13.83 6.33 1.55
CA ASP A 52 -13.90 6.48 2.99
C ASP A 52 -12.75 5.70 3.64
N ILE A 53 -11.62 5.70 2.95
CA ILE A 53 -10.44 5.01 3.44
C ILE A 53 -9.18 5.69 2.90
N PRO A 54 -8.35 6.20 3.85
CA PRO A 54 -7.12 6.88 3.48
C PRO A 54 -6.05 5.87 3.04
N PHE A 55 -4.82 6.34 3.02
CA PHE A 55 -3.71 5.50 2.61
C PHE A 55 -2.57 5.55 3.65
N ARG A 56 -2.64 4.62 4.60
CA ARG A 56 -1.63 4.56 5.64
C ARG A 56 -1.26 3.10 5.92
N ASN A 57 -0.25 2.94 6.76
CA ASN A 57 0.22 1.61 7.11
C ASN A 57 -0.98 0.68 7.29
N PRO A 58 -0.84 -0.56 6.73
CA PRO A 58 -1.90 -1.55 6.80
C PRO A 58 -1.99 -2.14 8.21
N ASN A 59 -1.08 -1.70 9.07
CA ASN A 59 -1.04 -2.18 10.43
C ASN A 59 -1.77 -1.19 11.35
N THR A 60 -3.08 -1.14 11.18
CA THR A 60 -3.90 -0.24 11.98
C THR A 60 -5.36 -0.32 11.53
N TYR A 61 -5.54 -0.51 10.25
CA TYR A 61 -6.88 -0.61 9.68
C TYR A 61 -7.73 -1.61 10.45
N ASP A 62 -8.96 -1.78 9.98
CA ASP A 62 -9.88 -2.70 10.62
C ASP A 62 -10.39 -3.72 9.59
N ILE A 63 -11.07 -4.74 10.08
CA ILE A 63 -11.60 -5.77 9.22
C ILE A 63 -12.15 -5.12 7.94
N HIS A 64 -13.20 -4.35 8.11
CA HIS A 64 -13.83 -3.68 6.98
C HIS A 64 -12.75 -3.18 6.02
N ARG A 65 -12.05 -2.13 6.45
CA ARG A 65 -11.00 -1.55 5.64
C ARG A 65 -10.12 -2.66 5.05
N LEU A 66 -9.52 -3.43 5.94
CA LEU A 66 -8.65 -4.52 5.52
C LEU A 66 -9.31 -5.28 4.39
N GLU A 67 -10.63 -5.41 4.49
CA GLU A 67 -11.40 -6.12 3.48
C GLU A 67 -11.60 -5.22 2.25
N LYS A 68 -12.14 -4.05 2.50
CA LYS A 68 -12.40 -3.09 1.43
C LYS A 68 -11.15 -2.97 0.56
N ILE A 69 -10.07 -2.51 1.17
CA ILE A 69 -8.82 -2.35 0.45
C ILE A 69 -8.54 -3.61 -0.37
N LEU A 70 -8.56 -4.74 0.30
CA LEU A 70 -8.32 -6.01 -0.35
C LEU A 70 -9.36 -6.22 -1.46
N LYS A 71 -10.51 -5.62 -1.25
CA LYS A 71 -11.59 -5.73 -2.22
C LYS A 71 -11.28 -4.85 -3.43
N ALA A 72 -10.62 -3.74 -3.16
CA ALA A 72 -10.25 -2.81 -4.21
C ALA A 72 -8.79 -3.02 -4.59
N ARG A 73 -8.23 -4.10 -4.06
CA ARG A 73 -6.83 -4.43 -4.33
C ARG A 73 -6.51 -4.21 -5.81
N GLU A 74 -7.48 -4.58 -6.65
CA GLU A 74 -7.31 -4.43 -8.08
C GLU A 74 -7.37 -2.95 -8.48
N HIS A 75 -8.37 -2.28 -7.94
CA HIS A 75 -8.55 -0.86 -8.23
C HIS A 75 -7.33 -0.08 -7.75
N VAL A 76 -6.89 -0.42 -6.54
CA VAL A 76 -5.73 0.24 -5.95
C VAL A 76 -4.63 0.34 -7.00
N ARG A 77 -4.10 1.56 -7.14
CA ARG A 77 -3.03 1.80 -8.10
C ARG A 77 -2.07 2.85 -7.55
N MET A 78 -0.79 2.58 -7.74
CA MET A 78 0.25 3.50 -7.28
C MET A 78 0.96 4.16 -8.47
N VAL A 79 1.32 5.42 -8.26
CA VAL A 79 2.00 6.17 -9.30
C VAL A 79 3.12 7.01 -8.67
N ILE A 80 4.35 6.72 -9.09
CA ILE A 80 5.50 7.43 -8.57
C ILE A 80 5.45 8.88 -9.04
N ILE A 81 4.87 9.72 -8.19
CA ILE A 81 4.73 11.13 -8.49
C ILE A 81 6.10 11.67 -8.95
N ASN A 82 7.06 11.63 -8.04
CA ASN A 82 8.39 12.10 -8.35
C ASN A 82 9.23 10.95 -8.91
N GLN A 83 10.53 11.05 -8.72
CA GLN A 83 11.45 10.03 -9.19
C GLN A 83 11.51 10.03 -10.73
N SER A 84 12.67 9.68 -11.24
CA SER A 84 12.88 9.64 -12.68
C SER A 84 13.12 8.20 -13.14
N GLY A 85 14.06 7.55 -12.47
CA GLY A 85 14.39 6.18 -12.80
C GLY A 85 14.58 5.34 -11.53
N PRO A 86 14.31 4.02 -11.66
CA PRO A 86 14.45 3.11 -10.54
C PRO A 86 15.92 2.81 -10.26
N SER A 87 16.21 2.54 -9.00
CA SER A 87 17.57 2.23 -8.58
C SER A 87 17.55 1.35 -7.34
N SER A 88 18.66 0.64 -7.13
CA SER A 88 18.78 -0.25 -5.99
C SER A 88 17.75 -1.37 -6.09
N GLY A 89 18.06 -2.47 -5.41
CA GLY A 89 17.16 -3.62 -5.41
C GLY A 89 17.94 -4.90 -5.70
N GLY A 1 -9.05 -4.11 17.94
CA GLY A 1 -10.07 -5.10 17.68
C GLY A 1 -9.91 -6.32 18.59
N SER A 2 -8.89 -7.11 18.29
CA SER A 2 -8.62 -8.31 19.07
C SER A 2 -7.27 -8.90 18.65
N SER A 3 -6.46 -9.19 19.66
CA SER A 3 -5.14 -9.76 19.41
C SER A 3 -5.28 -11.25 19.07
N GLY A 4 -5.40 -11.50 17.77
CA GLY A 4 -5.54 -12.87 17.29
C GLY A 4 -4.84 -13.06 15.94
N SER A 5 -5.52 -13.76 15.05
CA SER A 5 -5.00 -14.01 13.72
C SER A 5 -5.46 -12.91 12.76
N SER A 6 -4.50 -12.38 12.02
CA SER A 6 -4.80 -11.33 11.05
C SER A 6 -4.11 -11.62 9.72
N GLY A 7 -4.77 -12.44 8.91
CA GLY A 7 -4.23 -12.80 7.62
C GLY A 7 -4.41 -11.66 6.61
N LEU A 8 -5.63 -11.16 6.54
CA LEU A 8 -5.95 -10.08 5.62
C LEU A 8 -4.80 -9.06 5.63
N ARG A 9 -4.39 -8.69 6.83
CA ARG A 9 -3.30 -7.73 6.99
C ARG A 9 -2.15 -8.09 6.05
N GLU A 10 -1.65 -9.31 6.21
CA GLU A 10 -0.55 -9.77 5.39
C GLU A 10 -0.89 -9.65 3.91
N GLN A 11 -2.15 -9.91 3.60
CA GLN A 11 -2.62 -9.82 2.23
C GLN A 11 -2.67 -8.37 1.77
N VAL A 12 -2.76 -7.48 2.75
CA VAL A 12 -2.82 -6.05 2.47
C VAL A 12 -1.39 -5.50 2.36
N LYS A 13 -0.56 -5.93 3.30
CA LYS A 13 0.83 -5.49 3.33
C LYS A 13 1.47 -5.76 1.97
N GLU A 14 1.31 -6.99 1.51
CA GLU A 14 1.87 -7.39 0.23
C GLU A 14 1.21 -6.61 -0.90
N LEU A 15 -0.07 -6.30 -0.71
CA LEU A 15 -0.82 -5.57 -1.70
C LEU A 15 -0.14 -4.22 -1.97
N PHE A 16 -0.12 -3.39 -0.94
CA PHE A 16 0.51 -2.08 -1.06
C PHE A 16 1.95 -2.20 -1.58
N ASN A 17 2.63 -3.23 -1.09
CA ASN A 17 4.00 -3.47 -1.49
C ASN A 17 4.04 -3.87 -2.97
N GLU A 18 3.06 -4.67 -3.35
CA GLU A 18 2.96 -5.14 -4.73
C GLU A 18 2.77 -3.95 -5.67
N LYS A 19 1.84 -3.08 -5.30
CA LYS A 19 1.56 -1.90 -6.10
C LYS A 19 2.84 -1.11 -6.32
N TYR A 20 3.43 -0.70 -5.22
CA TYR A 20 4.67 0.07 -5.28
C TYR A 20 5.65 -0.54 -6.28
N GLY A 21 5.86 -1.84 -6.14
CA GLY A 21 6.77 -2.56 -7.02
C GLY A 21 6.46 -2.25 -8.49
N GLU A 22 5.21 -2.49 -8.86
CA GLU A 22 4.77 -2.24 -10.22
C GLU A 22 4.92 -0.75 -10.57
N ALA A 23 4.58 0.08 -9.61
CA ALA A 23 4.67 1.53 -9.79
C ALA A 23 6.13 1.90 -10.10
N LEU A 24 7.04 1.22 -9.41
CA LEU A 24 8.46 1.47 -9.59
C LEU A 24 8.88 0.95 -10.97
N GLY A 25 7.96 0.25 -11.62
CA GLY A 25 8.23 -0.31 -12.93
C GLY A 25 9.05 -1.60 -12.82
N LEU A 26 9.05 -2.15 -11.62
CA LEU A 26 9.79 -3.39 -11.37
C LEU A 26 8.88 -4.58 -11.67
N ASN A 27 9.34 -5.76 -11.25
CA ASN A 27 8.58 -6.98 -11.47
C ASN A 27 8.47 -7.75 -10.15
N ARG A 28 8.63 -7.01 -9.06
CA ARG A 28 8.55 -7.60 -7.74
C ARG A 28 7.97 -6.59 -6.74
N PRO A 29 7.40 -7.15 -5.63
CA PRO A 29 6.81 -6.32 -4.60
C PRO A 29 7.89 -5.63 -3.76
N VAL A 30 7.60 -4.40 -3.38
CA VAL A 30 8.53 -3.63 -2.57
C VAL A 30 7.77 -2.89 -1.47
N LEU A 31 8.37 -2.84 -0.29
CA LEU A 31 7.76 -2.17 0.84
C LEU A 31 7.46 -0.71 0.46
N VAL A 32 6.52 -0.13 1.19
CA VAL A 32 6.14 1.25 0.95
C VAL A 32 6.63 2.12 2.10
N PRO A 33 7.51 3.10 1.75
CA PRO A 33 8.06 4.01 2.73
C PRO A 33 7.03 5.05 3.16
N TYR A 34 5.99 4.56 3.83
CA TYR A 34 4.93 5.44 4.30
C TYR A 34 5.50 6.63 5.08
N LYS A 35 6.50 6.32 5.91
CA LYS A 35 7.13 7.35 6.72
C LYS A 35 7.49 8.54 5.84
N LEU A 36 8.07 8.23 4.68
CA LEU A 36 8.46 9.26 3.75
C LEU A 36 7.21 9.86 3.09
N ILE A 37 6.52 9.02 2.34
CA ILE A 37 5.30 9.44 1.66
C ILE A 37 4.47 10.31 2.60
N ARG A 38 4.57 9.99 3.88
CA ARG A 38 3.83 10.74 4.90
C ARG A 38 4.29 12.19 4.92
N ASP A 39 5.59 12.37 5.11
CA ASP A 39 6.17 13.70 5.16
C ASP A 39 6.21 14.29 3.74
N SER A 40 6.17 13.39 2.77
CA SER A 40 6.21 13.80 1.38
C SER A 40 5.05 13.16 0.62
N PRO A 41 3.90 13.89 0.61
CA PRO A 41 2.71 13.42 -0.08
C PRO A 41 2.86 13.56 -1.59
N ASP A 42 3.94 14.22 -2.00
CA ASP A 42 4.19 14.44 -3.41
C ASP A 42 5.34 13.52 -3.85
N ALA A 43 5.42 12.36 -3.22
CA ALA A 43 6.45 11.39 -3.53
C ALA A 43 5.85 10.26 -4.36
N VAL A 44 4.74 9.74 -3.86
CA VAL A 44 4.07 8.64 -4.55
C VAL A 44 2.55 8.89 -4.50
N GLU A 45 1.90 8.58 -5.62
CA GLU A 45 0.46 8.77 -5.72
C GLU A 45 -0.25 7.44 -5.48
N VAL A 46 -1.22 7.48 -4.57
CA VAL A 46 -1.99 6.29 -4.24
C VAL A 46 -3.46 6.51 -4.63
N THR A 47 -3.97 5.56 -5.41
CA THR A 47 -5.35 5.63 -5.86
C THR A 47 -5.95 4.22 -5.95
N GLY A 48 -7.25 4.20 -6.19
CA GLY A 48 -7.97 2.93 -6.31
C GLY A 48 -8.54 2.51 -4.95
N LEU A 49 -7.87 2.95 -3.90
CA LEU A 49 -8.30 2.62 -2.55
C LEU A 49 -9.81 2.78 -2.45
N PRO A 50 -10.39 2.18 -1.37
CA PRO A 50 -11.83 2.25 -1.14
C PRO A 50 -12.23 3.64 -0.63
N ASP A 51 -13.40 4.08 -1.07
CA ASP A 51 -13.91 5.38 -0.67
C ASP A 51 -14.06 5.41 0.85
N ASP A 52 -13.80 6.58 1.42
CA ASP A 52 -13.90 6.75 2.86
C ASP A 52 -12.76 6.00 3.55
N ILE A 53 -11.62 5.99 2.87
CA ILE A 53 -10.45 5.31 3.40
C ILE A 53 -9.19 5.94 2.78
N PRO A 54 -8.35 6.53 3.68
CA PRO A 54 -7.12 7.17 3.25
C PRO A 54 -6.06 6.12 2.90
N PHE A 55 -4.82 6.57 2.86
CA PHE A 55 -3.71 5.69 2.55
C PHE A 55 -2.61 5.79 3.61
N ARG A 56 -2.63 4.83 4.52
CA ARG A 56 -1.65 4.80 5.59
C ARG A 56 -1.19 3.36 5.85
N ASN A 57 -0.25 3.22 6.77
CA ASN A 57 0.28 1.92 7.11
C ASN A 57 -0.86 0.90 7.14
N PRO A 58 -0.63 -0.24 6.43
CA PRO A 58 -1.63 -1.30 6.37
C PRO A 58 -1.68 -2.09 7.68
N ASN A 59 -0.66 -1.87 8.50
CA ASN A 59 -0.57 -2.55 9.78
C ASN A 59 -1.26 -1.69 10.85
N THR A 60 -2.58 -1.63 10.75
CA THR A 60 -3.37 -0.85 11.70
C THR A 60 -4.84 -0.90 11.33
N TYR A 61 -5.10 -0.92 10.03
CA TYR A 61 -6.47 -0.97 9.53
C TYR A 61 -7.27 -2.04 10.27
N ASP A 62 -8.56 -2.10 9.92
CA ASP A 62 -9.45 -3.07 10.54
C ASP A 62 -9.97 -4.03 9.46
N ILE A 63 -10.66 -5.06 9.92
CA ILE A 63 -11.22 -6.06 9.02
C ILE A 63 -11.90 -5.34 7.85
N HIS A 64 -12.65 -4.30 8.19
CA HIS A 64 -13.36 -3.53 7.18
C HIS A 64 -12.37 -2.97 6.16
N ARG A 65 -11.61 -1.97 6.62
CA ARG A 65 -10.62 -1.34 5.76
C ARG A 65 -9.78 -2.40 5.05
N LEU A 66 -9.23 -3.32 5.84
CA LEU A 66 -8.41 -4.38 5.30
C LEU A 66 -9.14 -5.06 4.14
N GLU A 67 -10.42 -5.33 4.39
CA GLU A 67 -11.25 -5.97 3.39
C GLU A 67 -11.52 -5.02 2.22
N LYS A 68 -12.01 -3.84 2.57
CA LYS A 68 -12.32 -2.84 1.57
C LYS A 68 -11.13 -2.68 0.63
N ILE A 69 -9.96 -2.48 1.22
CA ILE A 69 -8.75 -2.33 0.45
C ILE A 69 -8.55 -3.54 -0.45
N LEU A 70 -8.72 -4.72 0.14
CA LEU A 70 -8.57 -5.96 -0.58
C LEU A 70 -9.62 -6.03 -1.70
N LYS A 71 -10.80 -5.52 -1.37
CA LYS A 71 -11.90 -5.52 -2.33
C LYS A 71 -11.57 -4.56 -3.47
N ALA A 72 -10.53 -3.76 -3.25
CA ALA A 72 -10.11 -2.79 -4.24
C ALA A 72 -8.63 -3.03 -4.58
N ARG A 73 -8.15 -4.19 -4.17
CA ARG A 73 -6.76 -4.56 -4.42
C ARG A 73 -6.43 -4.38 -5.90
N GLU A 74 -7.43 -4.61 -6.73
CA GLU A 74 -7.26 -4.49 -8.17
C GLU A 74 -7.32 -3.01 -8.59
N HIS A 75 -8.24 -2.29 -7.97
CA HIS A 75 -8.41 -0.88 -8.27
C HIS A 75 -7.19 -0.11 -7.76
N VAL A 76 -6.74 -0.49 -6.58
CA VAL A 76 -5.58 0.15 -5.97
C VAL A 76 -4.47 0.29 -7.01
N ARG A 77 -3.98 1.52 -7.15
CA ARG A 77 -2.92 1.79 -8.10
C ARG A 77 -1.99 2.87 -7.56
N MET A 78 -0.70 2.63 -7.74
CA MET A 78 0.31 3.58 -7.26
C MET A 78 1.02 4.25 -8.44
N VAL A 79 1.29 5.53 -8.27
CA VAL A 79 1.98 6.30 -9.30
C VAL A 79 3.08 7.14 -8.66
N ILE A 80 4.31 6.83 -9.06
CA ILE A 80 5.47 7.56 -8.55
C ILE A 80 5.42 9.00 -9.03
N ILE A 81 5.00 9.89 -8.14
CA ILE A 81 4.92 11.30 -8.48
C ILE A 81 6.33 11.89 -8.55
N ASN A 82 7.10 11.63 -7.50
CA ASN A 82 8.46 12.14 -7.44
C ASN A 82 9.37 11.05 -6.86
N GLN A 83 10.06 10.35 -7.75
CA GLN A 83 10.96 9.29 -7.34
C GLN A 83 11.97 9.82 -6.32
N SER A 84 12.85 10.67 -6.82
CA SER A 84 13.89 11.24 -5.98
C SER A 84 14.52 10.16 -5.10
N GLY A 85 15.62 9.60 -5.62
CA GLY A 85 16.32 8.56 -4.90
C GLY A 85 15.52 7.25 -4.90
N PRO A 86 15.91 6.34 -5.83
CA PRO A 86 15.25 5.05 -5.94
C PRO A 86 15.66 4.13 -4.80
N SER A 87 14.89 3.05 -4.64
CA SER A 87 15.16 2.07 -3.60
C SER A 87 14.65 0.70 -4.02
N SER A 88 15.06 -0.30 -3.26
CA SER A 88 14.66 -1.68 -3.56
C SER A 88 13.92 -2.26 -2.36
N GLY A 89 13.32 -3.42 -2.58
CA GLY A 89 12.58 -4.09 -1.53
C GLY A 89 12.58 -5.61 -1.74
N GLY A 1 -2.71 -13.24 21.11
CA GLY A 1 -3.53 -13.08 22.29
C GLY A 1 -4.96 -13.56 22.02
N SER A 2 -5.77 -12.66 21.48
CA SER A 2 -7.15 -12.97 21.17
C SER A 2 -7.27 -13.39 19.71
N SER A 3 -6.87 -12.50 18.83
CA SER A 3 -6.92 -12.76 17.39
C SER A 3 -6.13 -14.02 17.06
N GLY A 4 -6.73 -14.87 16.24
CA GLY A 4 -6.08 -16.10 15.84
C GLY A 4 -4.85 -15.83 14.97
N SER A 5 -5.10 -15.20 13.83
CA SER A 5 -4.03 -14.87 12.91
C SER A 5 -4.56 -14.03 11.76
N SER A 6 -4.42 -12.72 11.92
CA SER A 6 -4.90 -11.79 10.90
C SER A 6 -4.16 -12.06 9.58
N GLY A 7 -4.89 -12.65 8.65
CA GLY A 7 -4.33 -12.96 7.35
C GLY A 7 -4.41 -11.76 6.42
N LEU A 8 -5.62 -11.20 6.32
CA LEU A 8 -5.84 -10.04 5.46
C LEU A 8 -4.69 -9.06 5.64
N ARG A 9 -4.41 -8.72 6.89
CA ARG A 9 -3.34 -7.79 7.21
C ARG A 9 -2.14 -8.04 6.29
N GLU A 10 -1.65 -9.26 6.35
CA GLU A 10 -0.50 -9.64 5.54
C GLU A 10 -0.78 -9.38 4.05
N GLN A 11 -1.96 -9.83 3.63
CA GLN A 11 -2.37 -9.65 2.24
C GLN A 11 -2.26 -8.17 1.85
N VAL A 12 -2.92 -7.34 2.63
CA VAL A 12 -2.92 -5.90 2.38
C VAL A 12 -1.47 -5.42 2.27
N LYS A 13 -0.65 -5.88 3.20
CA LYS A 13 0.75 -5.50 3.22
C LYS A 13 1.37 -5.78 1.85
N GLU A 14 1.26 -7.04 1.43
CA GLU A 14 1.81 -7.44 0.14
C GLU A 14 1.16 -6.64 -0.98
N LEU A 15 -0.12 -6.33 -0.79
CA LEU A 15 -0.86 -5.58 -1.77
C LEU A 15 -0.15 -4.24 -2.04
N PHE A 16 -0.16 -3.39 -1.02
CA PHE A 16 0.47 -2.09 -1.14
C PHE A 16 1.90 -2.23 -1.66
N ASN A 17 2.61 -3.21 -1.13
CA ASN A 17 3.98 -3.47 -1.53
C ASN A 17 4.01 -3.85 -3.01
N GLU A 18 3.06 -4.69 -3.39
CA GLU A 18 2.97 -5.15 -4.76
C GLU A 18 2.78 -3.97 -5.71
N LYS A 19 1.86 -3.08 -5.33
CA LYS A 19 1.58 -1.91 -6.13
C LYS A 19 2.87 -1.11 -6.31
N TYR A 20 3.49 -0.79 -5.19
CA TYR A 20 4.73 -0.02 -5.21
C TYR A 20 5.71 -0.59 -6.25
N GLY A 21 5.92 -1.89 -6.15
CA GLY A 21 6.84 -2.57 -7.06
C GLY A 21 6.47 -2.26 -8.51
N GLU A 22 5.24 -2.57 -8.87
CA GLU A 22 4.77 -2.34 -10.22
C GLU A 22 4.92 -0.86 -10.60
N ALA A 23 4.59 -0.01 -9.64
CA ALA A 23 4.70 1.43 -9.84
C ALA A 23 6.16 1.80 -10.04
N LEU A 24 7.02 1.08 -9.34
CA LEU A 24 8.45 1.34 -9.42
C LEU A 24 8.97 0.85 -10.77
N GLY A 25 8.10 0.15 -11.49
CA GLY A 25 8.46 -0.38 -12.79
C GLY A 25 9.26 -1.67 -12.67
N LEU A 26 9.22 -2.24 -11.48
CA LEU A 26 9.94 -3.47 -11.20
C LEU A 26 9.01 -4.67 -11.43
N ASN A 27 9.51 -5.84 -11.09
CA ASN A 27 8.74 -7.06 -11.26
C ASN A 27 8.66 -7.79 -9.92
N ARG A 28 8.84 -7.02 -8.85
CA ARG A 28 8.79 -7.58 -7.51
C ARG A 28 8.16 -6.58 -6.54
N PRO A 29 7.52 -7.13 -5.48
CA PRO A 29 6.86 -6.31 -4.48
C PRO A 29 7.89 -5.64 -3.56
N VAL A 30 7.70 -4.35 -3.35
CA VAL A 30 8.59 -3.58 -2.50
C VAL A 30 7.78 -2.87 -1.43
N LEU A 31 8.35 -2.81 -0.23
CA LEU A 31 7.69 -2.16 0.88
C LEU A 31 7.43 -0.70 0.54
N VAL A 32 6.43 -0.14 1.20
CA VAL A 32 6.06 1.25 0.97
C VAL A 32 6.60 2.11 2.11
N PRO A 33 7.44 3.12 1.72
CA PRO A 33 8.03 4.01 2.69
C PRO A 33 7.01 5.03 3.20
N TYR A 34 5.94 4.50 3.78
CA TYR A 34 4.89 5.35 4.31
C TYR A 34 5.47 6.55 5.07
N LYS A 35 6.50 6.26 5.84
CA LYS A 35 7.15 7.30 6.63
C LYS A 35 7.47 8.49 5.72
N LEU A 36 8.16 8.20 4.62
CA LEU A 36 8.53 9.23 3.67
C LEU A 36 7.26 9.86 3.09
N ILE A 37 6.54 9.05 2.34
CA ILE A 37 5.31 9.52 1.71
C ILE A 37 4.54 10.40 2.70
N ARG A 38 4.52 9.96 3.95
CA ARG A 38 3.83 10.70 4.99
C ARG A 38 4.36 12.14 5.05
N ASP A 39 5.67 12.25 5.20
CA ASP A 39 6.32 13.54 5.28
C ASP A 39 6.25 14.22 3.91
N SER A 40 6.48 13.42 2.88
CA SER A 40 6.44 13.93 1.51
C SER A 40 5.19 13.40 0.79
N PRO A 41 4.18 14.31 0.68
CA PRO A 41 2.94 13.95 0.01
C PRO A 41 3.12 13.91 -1.51
N ASP A 42 4.13 14.64 -1.97
CA ASP A 42 4.42 14.70 -3.38
C ASP A 42 5.58 13.75 -3.71
N ALA A 43 5.41 12.50 -3.30
CA ALA A 43 6.43 11.49 -3.54
C ALA A 43 5.82 10.34 -4.34
N VAL A 44 4.71 9.82 -3.84
CA VAL A 44 4.02 8.73 -4.50
C VAL A 44 2.51 8.96 -4.44
N GLU A 45 1.85 8.64 -5.54
CA GLU A 45 0.41 8.81 -5.63
C GLU A 45 -0.30 7.46 -5.41
N VAL A 46 -1.32 7.51 -4.56
CA VAL A 46 -2.09 6.31 -4.26
C VAL A 46 -3.55 6.53 -4.67
N THR A 47 -4.06 5.58 -5.45
CA THR A 47 -5.42 5.66 -5.91
C THR A 47 -6.04 4.26 -6.01
N GLY A 48 -7.35 4.23 -6.21
CA GLY A 48 -8.06 2.97 -6.32
C GLY A 48 -8.59 2.52 -4.96
N LEU A 49 -7.95 3.01 -3.92
CA LEU A 49 -8.35 2.68 -2.56
C LEU A 49 -9.86 2.79 -2.43
N PRO A 50 -10.40 2.18 -1.35
CA PRO A 50 -11.83 2.21 -1.10
C PRO A 50 -12.26 3.58 -0.57
N ASP A 51 -13.47 3.97 -0.97
CA ASP A 51 -14.01 5.25 -0.55
C ASP A 51 -14.12 5.28 0.98
N ASP A 52 -13.84 6.44 1.54
CA ASP A 52 -13.91 6.61 2.98
C ASP A 52 -12.75 5.86 3.63
N ILE A 53 -11.62 5.85 2.95
CA ILE A 53 -10.44 5.17 3.44
C ILE A 53 -9.19 5.84 2.87
N PRO A 54 -8.36 6.38 3.80
CA PRO A 54 -7.13 7.06 3.41
C PRO A 54 -6.06 6.04 2.99
N PHE A 55 -4.82 6.52 2.97
CA PHE A 55 -3.70 5.67 2.60
C PHE A 55 -2.60 5.71 3.65
N ARG A 56 -2.64 4.74 4.55
CA ARG A 56 -1.66 4.67 5.62
C ARG A 56 -1.26 3.21 5.86
N ASN A 57 -0.26 3.04 6.72
CA ASN A 57 0.23 1.71 7.05
C ASN A 57 -0.96 0.76 7.16
N PRO A 58 -0.79 -0.45 6.53
CA PRO A 58 -1.83 -1.45 6.54
C PRO A 58 -1.92 -2.13 7.91
N ASN A 59 -0.94 -1.83 8.75
CA ASN A 59 -0.89 -2.40 10.09
C ASN A 59 -1.59 -1.47 11.07
N THR A 60 -2.90 -1.34 10.90
CA THR A 60 -3.69 -0.48 11.76
C THR A 60 -5.17 -0.54 11.35
N TYR A 61 -5.38 -0.65 10.06
CA TYR A 61 -6.73 -0.70 9.52
C TYR A 61 -7.58 -1.74 10.28
N ASP A 62 -8.86 -1.78 9.95
CA ASP A 62 -9.77 -2.71 10.59
C ASP A 62 -10.21 -3.77 9.56
N ILE A 63 -10.75 -4.86 10.08
CA ILE A 63 -11.22 -5.93 9.23
C ILE A 63 -11.93 -5.35 8.02
N HIS A 64 -12.64 -4.26 8.26
CA HIS A 64 -13.37 -3.60 7.19
C HIS A 64 -12.40 -3.01 6.18
N ARG A 65 -11.74 -1.93 6.60
CA ARG A 65 -10.78 -1.26 5.74
C ARG A 65 -9.88 -2.29 5.06
N LEU A 66 -9.37 -3.21 5.86
CA LEU A 66 -8.48 -4.25 5.35
C LEU A 66 -9.17 -4.96 4.18
N GLU A 67 -10.44 -5.30 4.40
CA GLU A 67 -11.22 -5.97 3.37
C GLU A 67 -11.48 -5.04 2.19
N LYS A 68 -12.06 -3.89 2.51
CA LYS A 68 -12.37 -2.90 1.49
C LYS A 68 -11.17 -2.75 0.56
N ILE A 69 -10.01 -2.56 1.16
CA ILE A 69 -8.78 -2.41 0.39
C ILE A 69 -8.57 -3.63 -0.49
N LEU A 70 -8.56 -4.80 0.17
CA LEU A 70 -8.37 -6.05 -0.54
C LEU A 70 -9.42 -6.17 -1.65
N LYS A 71 -10.59 -5.61 -1.36
CA LYS A 71 -11.69 -5.65 -2.32
C LYS A 71 -11.37 -4.72 -3.49
N ALA A 72 -10.50 -3.76 -3.23
CA ALA A 72 -10.11 -2.81 -4.26
C ALA A 72 -8.63 -3.02 -4.60
N ARG A 73 -8.15 -4.21 -4.30
CA ARG A 73 -6.77 -4.55 -4.58
C ARG A 73 -6.48 -4.47 -6.08
N GLU A 74 -7.53 -4.74 -6.86
CA GLU A 74 -7.40 -4.69 -8.31
C GLU A 74 -7.58 -3.27 -8.82
N HIS A 75 -8.16 -2.44 -7.96
CA HIS A 75 -8.40 -1.04 -8.31
C HIS A 75 -7.21 -0.19 -7.84
N VAL A 76 -6.73 -0.52 -6.64
CA VAL A 76 -5.60 0.20 -6.08
C VAL A 76 -4.52 0.38 -7.14
N ARG A 77 -4.05 1.61 -7.28
CA ARG A 77 -3.02 1.93 -8.24
C ARG A 77 -2.07 2.98 -7.68
N MET A 78 -0.79 2.69 -7.79
CA MET A 78 0.23 3.62 -7.31
C MET A 78 0.95 4.30 -8.46
N VAL A 79 1.27 5.57 -8.26
CA VAL A 79 1.96 6.35 -9.28
C VAL A 79 3.07 7.17 -8.62
N ILE A 80 4.28 6.92 -9.07
CA ILE A 80 5.44 7.63 -8.54
C ILE A 80 5.41 9.07 -9.02
N ILE A 81 5.08 9.96 -8.09
CA ILE A 81 5.01 11.38 -8.40
C ILE A 81 6.42 11.95 -8.48
N ASN A 82 7.16 11.77 -7.39
CA ASN A 82 8.53 12.26 -7.32
C ASN A 82 9.42 11.18 -6.70
N GLN A 83 10.43 10.79 -7.47
CA GLN A 83 11.36 9.77 -7.01
C GLN A 83 11.69 9.97 -5.53
N SER A 84 12.08 8.89 -4.89
CA SER A 84 12.43 8.93 -3.48
C SER A 84 13.62 8.01 -3.20
N GLY A 85 13.39 6.73 -3.40
CA GLY A 85 14.42 5.73 -3.17
C GLY A 85 13.92 4.60 -2.29
N PRO A 86 13.62 3.45 -2.94
CA PRO A 86 13.13 2.29 -2.22
C PRO A 86 14.25 1.59 -1.44
N SER A 87 13.90 1.06 -0.28
CA SER A 87 14.87 0.39 0.56
C SER A 87 14.23 -0.85 1.20
N SER A 88 14.96 -1.96 1.13
CA SER A 88 14.47 -3.20 1.70
C SER A 88 15.65 -4.15 1.96
N GLY A 89 16.37 -4.45 0.89
CA GLY A 89 17.52 -5.33 0.99
C GLY A 89 18.82 -4.54 1.16
N GLY A 1 -16.55 -21.09 13.42
CA GLY A 1 -16.76 -19.78 14.01
C GLY A 1 -15.43 -19.13 14.40
N SER A 2 -15.50 -18.26 15.40
CA SER A 2 -14.32 -17.57 15.87
C SER A 2 -13.80 -16.61 14.80
N SER A 3 -13.29 -17.19 13.73
CA SER A 3 -12.76 -16.40 12.62
C SER A 3 -11.60 -15.52 13.11
N GLY A 4 -10.41 -16.11 13.12
CA GLY A 4 -9.23 -15.41 13.55
C GLY A 4 -8.15 -15.42 12.47
N SER A 5 -6.94 -15.74 12.90
CA SER A 5 -5.81 -15.80 11.99
C SER A 5 -5.74 -14.52 11.15
N SER A 6 -4.94 -13.58 11.62
CA SER A 6 -4.78 -12.32 10.92
C SER A 6 -4.02 -12.53 9.62
N GLY A 7 -4.77 -12.75 8.56
CA GLY A 7 -4.18 -12.97 7.24
C GLY A 7 -4.34 -11.72 6.36
N LEU A 8 -5.54 -11.17 6.38
CA LEU A 8 -5.82 -9.97 5.59
C LEU A 8 -4.65 -9.00 5.71
N ARG A 9 -4.32 -8.69 6.95
CA ARG A 9 -3.22 -7.77 7.22
C ARG A 9 -2.07 -8.01 6.25
N GLU A 10 -1.49 -9.20 6.35
CA GLU A 10 -0.37 -9.56 5.49
C GLU A 10 -0.75 -9.34 4.02
N GLN A 11 -1.90 -9.88 3.65
CA GLN A 11 -2.38 -9.74 2.29
C GLN A 11 -2.30 -8.29 1.84
N VAL A 12 -2.83 -7.40 2.68
CA VAL A 12 -2.82 -5.99 2.39
C VAL A 12 -1.37 -5.50 2.25
N LYS A 13 -0.55 -5.94 3.20
CA LYS A 13 0.85 -5.55 3.21
C LYS A 13 1.45 -5.82 1.83
N GLU A 14 1.30 -7.07 1.39
CA GLU A 14 1.83 -7.48 0.10
C GLU A 14 1.17 -6.66 -1.02
N LEU A 15 -0.10 -6.36 -0.81
CA LEU A 15 -0.86 -5.60 -1.79
C LEU A 15 -0.16 -4.26 -2.04
N PHE A 16 -0.15 -3.42 -1.02
CA PHE A 16 0.48 -2.13 -1.12
C PHE A 16 1.92 -2.25 -1.63
N ASN A 17 2.58 -3.30 -1.16
CA ASN A 17 3.96 -3.54 -1.57
C ASN A 17 4.00 -3.93 -3.04
N GLU A 18 3.00 -4.69 -3.45
CA GLU A 18 2.90 -5.12 -4.83
C GLU A 18 2.72 -3.93 -5.76
N LYS A 19 1.81 -3.05 -5.36
CA LYS A 19 1.53 -1.85 -6.14
C LYS A 19 2.82 -1.05 -6.32
N TYR A 20 3.45 -0.75 -5.20
CA TYR A 20 4.69 0.00 -5.21
C TYR A 20 5.66 -0.55 -6.27
N GLY A 21 5.86 -1.85 -6.21
CA GLY A 21 6.75 -2.51 -7.16
C GLY A 21 6.40 -2.13 -8.60
N GLU A 22 5.15 -2.37 -8.95
CA GLU A 22 4.68 -2.06 -10.29
C GLU A 22 4.86 -0.57 -10.59
N ALA A 23 4.55 0.24 -9.59
CA ALA A 23 4.68 1.68 -9.74
C ALA A 23 6.15 2.04 -9.94
N LEU A 24 7.01 1.30 -9.26
CA LEU A 24 8.44 1.53 -9.36
C LEU A 24 8.93 1.06 -10.72
N GLY A 25 8.03 0.43 -11.46
CA GLY A 25 8.36 -0.08 -12.79
C GLY A 25 9.14 -1.39 -12.69
N LEU A 26 9.05 -2.00 -11.52
CA LEU A 26 9.75 -3.26 -11.29
C LEU A 26 8.77 -4.42 -11.53
N ASN A 27 9.27 -5.63 -11.29
CA ASN A 27 8.45 -6.82 -11.47
C ASN A 27 8.39 -7.59 -10.15
N ARG A 28 8.64 -6.87 -9.06
CA ARG A 28 8.60 -7.47 -7.74
C ARG A 28 7.99 -6.50 -6.73
N PRO A 29 7.39 -7.09 -5.66
CA PRO A 29 6.77 -6.28 -4.61
C PRO A 29 7.82 -5.63 -3.72
N VAL A 30 7.60 -4.36 -3.42
CA VAL A 30 8.52 -3.63 -2.57
C VAL A 30 7.73 -2.89 -1.48
N LEU A 31 8.31 -2.86 -0.29
CA LEU A 31 7.67 -2.20 0.84
C LEU A 31 7.40 -0.74 0.47
N VAL A 32 6.38 -0.18 1.12
CA VAL A 32 6.01 1.21 0.87
C VAL A 32 6.52 2.07 2.02
N PRO A 33 7.39 3.04 1.66
CA PRO A 33 7.97 3.95 2.63
C PRO A 33 6.94 4.99 3.07
N TYR A 34 5.89 4.52 3.71
CA TYR A 34 4.83 5.41 4.18
C TYR A 34 5.41 6.56 5.00
N LYS A 35 6.36 6.21 5.85
CA LYS A 35 7.01 7.20 6.70
C LYS A 35 7.41 8.41 5.85
N LEU A 36 7.96 8.11 4.68
CA LEU A 36 8.39 9.16 3.77
C LEU A 36 7.16 9.81 3.13
N ILE A 37 6.46 9.00 2.34
CA ILE A 37 5.26 9.49 1.66
C ILE A 37 4.45 10.37 2.61
N ARG A 38 4.45 9.97 3.87
CA ARG A 38 3.72 10.71 4.89
C ARG A 38 4.23 12.15 4.95
N ASP A 39 5.55 12.28 5.09
CA ASP A 39 6.17 13.59 5.17
C ASP A 39 6.19 14.21 3.77
N SER A 40 6.39 13.37 2.78
CA SER A 40 6.43 13.83 1.40
C SER A 40 5.22 13.30 0.63
N PRO A 41 4.19 14.18 0.51
CA PRO A 41 2.97 13.82 -0.20
C PRO A 41 3.19 13.82 -1.71
N ASP A 42 4.29 14.45 -2.12
CA ASP A 42 4.62 14.53 -3.52
C ASP A 42 5.76 13.55 -3.83
N ALA A 43 5.58 12.32 -3.37
CA ALA A 43 6.59 11.29 -3.58
C ALA A 43 5.96 10.14 -4.38
N VAL A 44 4.84 9.65 -3.86
CA VAL A 44 4.14 8.55 -4.51
C VAL A 44 2.64 8.82 -4.47
N GLU A 45 1.98 8.47 -5.57
CA GLU A 45 0.55 8.67 -5.68
C GLU A 45 -0.20 7.35 -5.43
N VAL A 46 -1.17 7.42 -4.53
CA VAL A 46 -1.96 6.24 -4.20
C VAL A 46 -3.41 6.49 -4.59
N THR A 47 -3.93 5.60 -5.43
CA THR A 47 -5.30 5.71 -5.88
C THR A 47 -5.94 4.32 -5.98
N GLY A 48 -7.24 4.32 -6.24
CA GLY A 48 -7.98 3.08 -6.36
C GLY A 48 -8.55 2.63 -5.01
N LEU A 49 -7.90 3.09 -3.95
CA LEU A 49 -8.32 2.75 -2.61
C LEU A 49 -9.84 2.89 -2.51
N PRO A 50 -10.41 2.29 -1.43
CA PRO A 50 -11.84 2.34 -1.21
C PRO A 50 -12.26 3.72 -0.69
N ASP A 51 -13.47 4.11 -1.06
CA ASP A 51 -14.00 5.40 -0.64
C ASP A 51 -14.15 5.41 0.89
N ASP A 52 -13.89 6.58 1.46
CA ASP A 52 -13.98 6.74 2.90
C ASP A 52 -12.84 5.98 3.57
N ILE A 53 -11.73 5.91 2.86
CA ILE A 53 -10.56 5.21 3.38
C ILE A 53 -9.30 5.88 2.84
N PRO A 54 -8.46 6.39 3.78
CA PRO A 54 -7.23 7.05 3.40
C PRO A 54 -6.16 6.03 2.97
N PHE A 55 -4.93 6.48 2.95
CA PHE A 55 -3.81 5.63 2.56
C PHE A 55 -2.68 5.70 3.58
N ARG A 56 -2.67 4.73 4.48
CA ARG A 56 -1.64 4.67 5.51
C ARG A 56 -1.23 3.23 5.76
N ASN A 57 -0.22 3.07 6.61
CA ASN A 57 0.29 1.75 6.94
C ASN A 57 -0.88 0.77 7.07
N PRO A 58 -0.70 -0.42 6.46
CA PRO A 58 -1.72 -1.45 6.50
C PRO A 58 -1.78 -2.12 7.87
N ASN A 59 -0.80 -1.79 8.70
CA ASN A 59 -0.73 -2.35 10.04
C ASN A 59 -1.42 -1.40 11.02
N THR A 60 -2.73 -1.37 10.94
CA THR A 60 -3.53 -0.52 11.81
C THR A 60 -5.00 -0.57 11.42
N TYR A 61 -5.24 -0.73 10.12
CA TYR A 61 -6.59 -0.79 9.60
C TYR A 61 -7.42 -1.82 10.38
N ASP A 62 -8.65 -2.01 9.92
CA ASP A 62 -9.55 -2.95 10.56
C ASP A 62 -10.06 -3.95 9.52
N ILE A 63 -10.91 -4.85 9.98
CA ILE A 63 -11.48 -5.87 9.10
C ILE A 63 -12.07 -5.19 7.87
N HIS A 64 -12.74 -4.07 8.11
CA HIS A 64 -13.37 -3.32 7.03
C HIS A 64 -12.28 -2.81 6.08
N ARG A 65 -11.56 -1.80 6.55
CA ARG A 65 -10.50 -1.21 5.75
C ARG A 65 -9.66 -2.30 5.08
N LEU A 66 -9.25 -3.26 5.89
CA LEU A 66 -8.45 -4.37 5.37
C LEU A 66 -9.19 -5.03 4.21
N GLU A 67 -10.40 -5.46 4.48
CA GLU A 67 -11.23 -6.10 3.47
C GLU A 67 -11.45 -5.15 2.29
N LYS A 68 -12.06 -4.02 2.59
CA LYS A 68 -12.35 -3.03 1.58
C LYS A 68 -11.15 -2.90 0.63
N ILE A 69 -10.03 -2.47 1.20
CA ILE A 69 -8.81 -2.30 0.43
C ILE A 69 -8.61 -3.54 -0.46
N LEU A 70 -8.69 -4.70 0.17
CA LEU A 70 -8.51 -5.96 -0.55
C LEU A 70 -9.57 -6.06 -1.64
N LYS A 71 -10.75 -5.54 -1.33
CA LYS A 71 -11.86 -5.56 -2.28
C LYS A 71 -11.56 -4.60 -3.43
N ALA A 72 -10.60 -3.72 -3.20
CA ALA A 72 -10.21 -2.74 -4.20
C ALA A 72 -8.73 -2.95 -4.56
N ARG A 73 -8.23 -4.12 -4.19
CA ARG A 73 -6.84 -4.45 -4.47
C ARG A 73 -6.55 -4.30 -5.97
N GLU A 74 -7.55 -4.61 -6.77
CA GLU A 74 -7.42 -4.52 -8.21
C GLU A 74 -7.55 -3.06 -8.66
N HIS A 75 -8.31 -2.30 -7.88
CA HIS A 75 -8.52 -0.89 -8.18
C HIS A 75 -7.31 -0.08 -7.71
N VAL A 76 -6.82 -0.45 -6.53
CA VAL A 76 -5.68 0.24 -5.95
C VAL A 76 -4.56 0.35 -6.99
N ARG A 77 -4.05 1.56 -7.14
CA ARG A 77 -2.98 1.79 -8.09
C ARG A 77 -2.02 2.86 -7.56
N MET A 78 -0.73 2.59 -7.72
CA MET A 78 0.29 3.51 -7.25
C MET A 78 1.00 4.17 -8.44
N VAL A 79 1.35 5.44 -8.24
CA VAL A 79 2.03 6.19 -9.27
C VAL A 79 3.15 7.04 -8.63
N ILE A 80 4.37 6.74 -9.04
CA ILE A 80 5.52 7.47 -8.52
C ILE A 80 5.46 8.92 -9.00
N ILE A 81 5.13 9.81 -8.07
CA ILE A 81 5.04 11.22 -8.37
C ILE A 81 6.45 11.81 -8.41
N ASN A 82 7.16 11.64 -7.31
CA ASN A 82 8.52 12.15 -7.21
C ASN A 82 9.42 11.09 -6.55
N GLN A 83 10.04 10.29 -7.40
CA GLN A 83 10.92 9.24 -6.91
C GLN A 83 12.11 9.85 -6.18
N SER A 84 12.72 9.04 -5.32
CA SER A 84 13.87 9.49 -4.55
C SER A 84 14.85 8.33 -4.34
N GLY A 85 14.35 7.29 -3.68
CA GLY A 85 15.17 6.12 -3.42
C GLY A 85 14.30 4.94 -2.94
N PRO A 86 14.47 3.78 -3.63
CA PRO A 86 13.71 2.60 -3.28
C PRO A 86 14.25 1.95 -2.00
N SER A 87 13.64 0.83 -1.64
CA SER A 87 14.06 0.12 -0.45
C SER A 87 13.36 -1.24 -0.39
N SER A 88 14.14 -2.26 -0.05
CA SER A 88 13.61 -3.61 0.05
C SER A 88 13.61 -4.06 1.51
N GLY A 89 12.75 -5.04 1.80
CA GLY A 89 12.64 -5.58 3.14
C GLY A 89 13.63 -6.72 3.35
N GLY A 1 11.27 -10.75 8.04
CA GLY A 1 9.85 -10.48 8.04
C GLY A 1 9.15 -11.23 9.19
N SER A 2 7.86 -11.42 9.02
CA SER A 2 7.06 -12.12 10.02
C SER A 2 5.65 -12.36 9.49
N SER A 3 4.96 -13.30 10.14
CA SER A 3 3.61 -13.64 9.74
C SER A 3 2.95 -14.51 10.81
N GLY A 4 1.69 -14.22 11.08
CA GLY A 4 0.94 -14.97 12.08
C GLY A 4 -0.56 -14.68 11.97
N SER A 5 -1.15 -14.34 13.11
CA SER A 5 -2.57 -14.04 13.15
C SER A 5 -2.91 -12.95 12.12
N SER A 6 -4.21 -12.77 11.92
CA SER A 6 -4.67 -11.78 10.97
C SER A 6 -3.96 -11.95 9.62
N GLY A 7 -4.67 -12.60 8.70
CA GLY A 7 -4.12 -12.85 7.37
C GLY A 7 -4.27 -11.62 6.48
N LEU A 8 -5.51 -11.15 6.38
CA LEU A 8 -5.80 -9.98 5.57
C LEU A 8 -4.70 -8.94 5.76
N ARG A 9 -4.43 -8.63 7.01
CA ARG A 9 -3.40 -7.66 7.34
C ARG A 9 -2.19 -7.84 6.43
N GLU A 10 -1.64 -9.05 6.47
CA GLU A 10 -0.48 -9.36 5.66
C GLU A 10 -0.80 -9.20 4.17
N GLN A 11 -1.95 -9.76 3.78
CA GLN A 11 -2.38 -9.67 2.40
C GLN A 11 -2.28 -8.23 1.90
N VAL A 12 -2.83 -7.32 2.69
CA VAL A 12 -2.80 -5.91 2.34
C VAL A 12 -1.36 -5.44 2.24
N LYS A 13 -0.56 -5.84 3.22
CA LYS A 13 0.85 -5.47 3.24
C LYS A 13 1.48 -5.77 1.88
N GLU A 14 1.28 -7.00 1.43
CA GLU A 14 1.81 -7.42 0.16
C GLU A 14 1.19 -6.62 -0.99
N LEU A 15 -0.09 -6.31 -0.82
CA LEU A 15 -0.81 -5.54 -1.82
C LEU A 15 -0.08 -4.22 -2.07
N PHE A 16 -0.10 -3.36 -1.06
CA PHE A 16 0.55 -2.08 -1.16
C PHE A 16 1.98 -2.22 -1.68
N ASN A 17 2.60 -3.32 -1.29
CA ASN A 17 3.97 -3.59 -1.71
C ASN A 17 3.99 -3.98 -3.19
N GLU A 18 2.93 -4.69 -3.59
CA GLU A 18 2.80 -5.12 -4.96
C GLU A 18 2.62 -3.92 -5.89
N LYS A 19 1.80 -2.98 -5.44
CA LYS A 19 1.53 -1.78 -6.22
C LYS A 19 2.83 -1.00 -6.39
N TYR A 20 3.45 -0.68 -5.26
CA TYR A 20 4.69 0.07 -5.28
C TYR A 20 5.67 -0.50 -6.33
N GLY A 21 5.89 -1.80 -6.24
CA GLY A 21 6.78 -2.47 -7.17
C GLY A 21 6.43 -2.12 -8.62
N GLU A 22 5.19 -2.42 -8.97
CA GLU A 22 4.71 -2.15 -10.32
C GLU A 22 4.93 -0.68 -10.68
N ALA A 23 4.55 0.19 -9.74
CA ALA A 23 4.70 1.62 -9.94
C ALA A 23 6.18 1.95 -10.09
N LEU A 24 7.00 1.21 -9.37
CA LEU A 24 8.44 1.41 -9.40
C LEU A 24 8.99 0.92 -10.74
N GLY A 25 8.11 0.29 -11.52
CA GLY A 25 8.48 -0.23 -12.82
C GLY A 25 9.29 -1.52 -12.67
N LEU A 26 9.09 -2.19 -11.55
CA LEU A 26 9.79 -3.44 -11.28
C LEU A 26 8.84 -4.61 -11.53
N ASN A 27 9.34 -5.80 -11.24
CA ASN A 27 8.55 -7.01 -11.44
C ASN A 27 8.41 -7.75 -10.10
N ARG A 28 8.62 -7.00 -9.03
CA ARG A 28 8.52 -7.57 -7.70
C ARG A 28 7.93 -6.54 -6.72
N PRO A 29 7.32 -7.06 -5.62
CA PRO A 29 6.72 -6.21 -4.62
C PRO A 29 7.79 -5.55 -3.75
N VAL A 30 7.58 -4.27 -3.48
CA VAL A 30 8.52 -3.52 -2.66
C VAL A 30 7.74 -2.78 -1.55
N LEU A 31 8.35 -2.76 -0.38
CA LEU A 31 7.74 -2.11 0.77
C LEU A 31 7.51 -0.63 0.44
N VAL A 32 6.48 -0.07 1.04
CA VAL A 32 6.14 1.32 0.83
C VAL A 32 6.73 2.17 1.96
N PRO A 33 7.52 3.20 1.56
CA PRO A 33 8.14 4.08 2.52
C PRO A 33 7.11 5.06 3.12
N TYR A 34 6.09 4.49 3.72
CA TYR A 34 5.04 5.28 4.34
C TYR A 34 5.63 6.46 5.11
N LYS A 35 6.67 6.17 5.86
CA LYS A 35 7.34 7.20 6.65
C LYS A 35 7.61 8.41 5.77
N LEU A 36 8.13 8.15 4.59
CA LEU A 36 8.43 9.21 3.65
C LEU A 36 7.13 9.80 3.10
N ILE A 37 6.43 8.99 2.32
CA ILE A 37 5.17 9.41 1.74
C ILE A 37 4.39 10.24 2.76
N ARG A 38 4.43 9.77 4.00
CA ARG A 38 3.74 10.46 5.08
C ARG A 38 4.22 11.91 5.18
N ASP A 39 5.53 12.06 5.26
CA ASP A 39 6.13 13.38 5.37
C ASP A 39 6.03 14.09 4.02
N SER A 40 6.30 13.34 2.96
CA SER A 40 6.24 13.90 1.61
C SER A 40 5.05 13.30 0.86
N PRO A 41 3.95 14.11 0.80
CA PRO A 41 2.74 13.67 0.12
C PRO A 41 2.92 13.73 -1.40
N ASP A 42 3.98 14.40 -1.82
CA ASP A 42 4.28 14.54 -3.23
C ASP A 42 5.45 13.61 -3.60
N ALA A 43 5.38 12.40 -3.08
CA ALA A 43 6.42 11.41 -3.35
C ALA A 43 5.85 10.29 -4.20
N VAL A 44 4.72 9.75 -3.75
CA VAL A 44 4.05 8.67 -4.46
C VAL A 44 2.55 8.92 -4.46
N GLU A 45 1.93 8.58 -5.58
CA GLU A 45 0.49 8.75 -5.73
C GLU A 45 -0.23 7.42 -5.50
N VAL A 46 -1.19 7.45 -4.59
CA VAL A 46 -1.97 6.26 -4.28
C VAL A 46 -3.43 6.50 -4.67
N THR A 47 -3.96 5.57 -5.46
CA THR A 47 -5.33 5.66 -5.91
C THR A 47 -5.95 4.26 -6.02
N GLY A 48 -7.25 4.25 -6.28
CA GLY A 48 -7.96 2.99 -6.41
C GLY A 48 -8.55 2.55 -5.06
N LEU A 49 -7.90 3.01 -4.00
CA LEU A 49 -8.34 2.67 -2.66
C LEU A 49 -9.86 2.83 -2.57
N PRO A 50 -10.44 2.23 -1.50
CA PRO A 50 -11.88 2.28 -1.29
C PRO A 50 -12.29 3.67 -0.77
N ASP A 51 -13.55 4.00 -1.03
CA ASP A 51 -14.08 5.29 -0.59
C ASP A 51 -14.19 5.30 0.94
N ASP A 52 -13.92 6.47 1.51
CA ASP A 52 -14.00 6.63 2.95
C ASP A 52 -12.84 5.87 3.60
N ILE A 53 -11.73 5.83 2.87
CA ILE A 53 -10.53 5.15 3.36
C ILE A 53 -9.29 5.82 2.79
N PRO A 54 -8.44 6.35 3.72
CA PRO A 54 -7.22 7.02 3.33
C PRO A 54 -6.16 6.01 2.88
N PHE A 55 -4.93 6.49 2.81
CA PHE A 55 -3.81 5.64 2.41
C PHE A 55 -2.67 5.71 3.43
N ARG A 56 -2.70 4.76 4.36
CA ARG A 56 -1.68 4.70 5.38
C ARG A 56 -1.31 3.25 5.68
N ASN A 57 -0.31 3.09 6.54
CA ASN A 57 0.15 1.76 6.92
C ASN A 57 -1.06 0.84 7.07
N PRO A 58 -0.90 -0.41 6.56
CA PRO A 58 -1.97 -1.40 6.64
C PRO A 58 -2.10 -1.96 8.06
N ASN A 59 -1.10 -1.64 8.88
CA ASN A 59 -1.09 -2.10 10.26
C ASN A 59 -1.78 -1.07 11.14
N THR A 60 -3.09 -0.98 10.98
CA THR A 60 -3.87 -0.03 11.76
C THR A 60 -5.35 -0.09 11.34
N TYR A 61 -5.56 -0.30 10.05
CA TYR A 61 -6.90 -0.38 9.51
C TYR A 61 -7.76 -1.37 10.31
N ASP A 62 -9.01 -1.47 9.91
CA ASP A 62 -9.94 -2.37 10.58
C ASP A 62 -10.34 -3.49 9.62
N ILE A 63 -10.89 -4.55 10.19
CA ILE A 63 -11.32 -5.68 9.39
C ILE A 63 -12.01 -5.19 8.12
N HIS A 64 -12.82 -4.15 8.29
CA HIS A 64 -13.55 -3.58 7.17
C HIS A 64 -12.55 -3.02 6.15
N ARG A 65 -11.94 -1.91 6.52
CA ARG A 65 -10.96 -1.27 5.65
C ARG A 65 -10.03 -2.32 5.03
N LEU A 66 -9.48 -3.16 5.90
CA LEU A 66 -8.58 -4.21 5.45
C LEU A 66 -9.22 -4.96 4.29
N GLU A 67 -10.47 -5.37 4.50
CA GLU A 67 -11.20 -6.10 3.48
C GLU A 67 -11.46 -5.21 2.27
N LYS A 68 -12.03 -4.04 2.55
CA LYS A 68 -12.34 -3.08 1.50
C LYS A 68 -11.14 -2.97 0.55
N ILE A 69 -10.01 -2.59 1.12
CA ILE A 69 -8.80 -2.44 0.34
C ILE A 69 -8.58 -3.69 -0.52
N LEU A 70 -8.51 -4.82 0.16
CA LEU A 70 -8.31 -6.09 -0.51
C LEU A 70 -9.36 -6.25 -1.62
N LYS A 71 -10.52 -5.64 -1.38
CA LYS A 71 -11.62 -5.71 -2.33
C LYS A 71 -11.29 -4.82 -3.53
N ALA A 72 -10.55 -3.75 -3.24
CA ALA A 72 -10.17 -2.81 -4.28
C ALA A 72 -8.69 -3.01 -4.62
N ARG A 73 -8.19 -4.18 -4.28
CA ARG A 73 -6.80 -4.51 -4.54
C ARG A 73 -6.48 -4.31 -6.02
N GLU A 74 -7.47 -4.59 -6.86
CA GLU A 74 -7.30 -4.45 -8.30
C GLU A 74 -7.34 -2.98 -8.69
N HIS A 75 -8.29 -2.27 -8.09
CA HIS A 75 -8.45 -0.85 -8.37
C HIS A 75 -7.23 -0.09 -7.87
N VAL A 76 -6.79 -0.44 -6.67
CA VAL A 76 -5.64 0.19 -6.08
C VAL A 76 -4.54 0.35 -7.13
N ARG A 77 -4.01 1.57 -7.22
CA ARG A 77 -2.96 1.85 -8.18
C ARG A 77 -2.01 2.91 -7.62
N MET A 78 -0.72 2.66 -7.80
CA MET A 78 0.30 3.58 -7.32
C MET A 78 1.01 4.26 -8.49
N VAL A 79 1.35 5.53 -8.28
CA VAL A 79 2.03 6.29 -9.31
C VAL A 79 3.15 7.11 -8.66
N ILE A 80 4.37 6.84 -9.09
CA ILE A 80 5.53 7.54 -8.55
C ILE A 80 5.48 9.01 -9.00
N ILE A 81 5.16 9.87 -8.04
CA ILE A 81 5.08 11.29 -8.32
C ILE A 81 6.48 11.89 -8.36
N ASN A 82 7.26 11.55 -7.35
CA ASN A 82 8.62 12.03 -7.25
C ASN A 82 9.48 11.00 -6.53
N GLN A 83 10.29 10.30 -7.32
CA GLN A 83 11.18 9.28 -6.77
C GLN A 83 12.12 8.75 -7.85
N SER A 84 13.19 8.13 -7.39
CA SER A 84 14.17 7.58 -8.31
C SER A 84 15.30 6.89 -7.52
N GLY A 85 15.37 5.58 -7.67
CA GLY A 85 16.38 4.80 -6.99
C GLY A 85 16.14 3.30 -7.18
N PRO A 86 17.26 2.56 -7.43
CA PRO A 86 17.19 1.12 -7.63
C PRO A 86 16.95 0.40 -6.31
N SER A 87 16.40 -0.80 -6.41
CA SER A 87 16.13 -1.61 -5.23
C SER A 87 16.66 -3.03 -5.45
N SER A 88 17.30 -3.54 -4.40
CA SER A 88 17.85 -4.88 -4.46
C SER A 88 18.25 -5.34 -3.06
N GLY A 89 17.54 -6.35 -2.57
CA GLY A 89 17.81 -6.88 -1.24
C GLY A 89 17.93 -5.76 -0.21
N GLY A 1 -8.37 -16.39 11.29
CA GLY A 1 -7.56 -15.37 11.93
C GLY A 1 -8.44 -14.31 12.60
N SER A 2 -7.93 -13.80 13.72
CA SER A 2 -8.66 -12.78 14.46
C SER A 2 -7.81 -12.30 15.64
N SER A 3 -7.22 -11.13 15.46
CA SER A 3 -6.39 -10.55 16.49
C SER A 3 -5.12 -11.38 16.69
N GLY A 4 -4.03 -10.89 16.13
CA GLY A 4 -2.75 -11.58 16.24
C GLY A 4 -2.19 -11.90 14.84
N SER A 5 -2.83 -12.84 14.18
CA SER A 5 -2.41 -13.25 12.85
C SER A 5 -3.00 -12.30 11.80
N SER A 6 -4.31 -12.43 11.61
CA SER A 6 -5.01 -11.60 10.65
C SER A 6 -4.31 -11.68 9.28
N GLY A 7 -4.81 -12.58 8.46
CA GLY A 7 -4.25 -12.77 7.13
C GLY A 7 -4.39 -11.50 6.29
N LEU A 8 -5.61 -10.99 6.26
CA LEU A 8 -5.88 -9.78 5.50
C LEU A 8 -4.77 -8.76 5.73
N ARG A 9 -4.42 -8.60 7.00
CA ARG A 9 -3.36 -7.67 7.37
C ARG A 9 -2.11 -7.91 6.53
N GLU A 10 -1.67 -9.17 6.55
CA GLU A 10 -0.48 -9.54 5.79
C GLU A 10 -0.75 -9.39 4.28
N GLN A 11 -1.97 -9.70 3.90
CA GLN A 11 -2.36 -9.61 2.50
C GLN A 11 -2.22 -8.17 2.01
N VAL A 12 -2.90 -7.26 2.71
CA VAL A 12 -2.86 -5.86 2.35
C VAL A 12 -1.40 -5.40 2.23
N LYS A 13 -0.60 -5.87 3.18
CA LYS A 13 0.81 -5.52 3.20
C LYS A 13 1.43 -5.81 1.82
N GLU A 14 1.30 -7.06 1.41
CA GLU A 14 1.83 -7.48 0.12
C GLU A 14 1.20 -6.66 -1.01
N LEU A 15 -0.09 -6.36 -0.84
CA LEU A 15 -0.82 -5.60 -1.83
C LEU A 15 -0.09 -4.28 -2.08
N PHE A 16 -0.15 -3.40 -1.09
CA PHE A 16 0.50 -2.11 -1.20
C PHE A 16 1.93 -2.25 -1.72
N ASN A 17 2.57 -3.35 -1.32
CA ASN A 17 3.94 -3.62 -1.74
C ASN A 17 3.94 -3.98 -3.23
N GLU A 18 2.95 -4.75 -3.63
CA GLU A 18 2.83 -5.17 -5.01
C GLU A 18 2.68 -3.94 -5.92
N LYS A 19 1.79 -3.05 -5.52
CA LYS A 19 1.55 -1.84 -6.29
C LYS A 19 2.85 -1.06 -6.43
N TYR A 20 3.43 -0.72 -5.29
CA TYR A 20 4.68 0.03 -5.28
C TYR A 20 5.65 -0.52 -6.31
N GLY A 21 5.90 -1.81 -6.22
CA GLY A 21 6.81 -2.48 -7.15
C GLY A 21 6.46 -2.13 -8.59
N GLU A 22 5.25 -2.47 -8.98
CA GLU A 22 4.78 -2.20 -10.33
C GLU A 22 4.98 -0.72 -10.67
N ALA A 23 4.61 0.12 -9.72
CA ALA A 23 4.74 1.57 -9.91
C ALA A 23 6.21 1.92 -10.05
N LEU A 24 7.04 1.22 -9.31
CA LEU A 24 8.47 1.45 -9.35
C LEU A 24 9.03 0.99 -10.70
N GLY A 25 8.17 0.31 -11.44
CA GLY A 25 8.56 -0.19 -12.76
C GLY A 25 9.36 -1.49 -12.64
N LEU A 26 9.21 -2.14 -11.48
CA LEU A 26 9.91 -3.39 -11.23
C LEU A 26 8.95 -4.55 -11.44
N ASN A 27 9.46 -5.75 -11.17
CA ASN A 27 8.65 -6.95 -11.32
C ASN A 27 8.54 -7.67 -9.97
N ARG A 28 8.81 -6.91 -8.92
CA ARG A 28 8.74 -7.46 -7.57
C ARG A 28 8.11 -6.44 -6.62
N PRO A 29 7.47 -6.98 -5.55
CA PRO A 29 6.82 -6.14 -4.56
C PRO A 29 7.86 -5.47 -3.65
N VAL A 30 7.64 -4.19 -3.41
CA VAL A 30 8.54 -3.43 -2.57
C VAL A 30 7.73 -2.73 -1.47
N LEU A 31 8.31 -2.71 -0.27
CA LEU A 31 7.65 -2.10 0.87
C LEU A 31 7.42 -0.61 0.56
N VAL A 32 6.33 -0.09 1.09
CA VAL A 32 5.99 1.30 0.89
C VAL A 32 6.55 2.14 2.05
N PRO A 33 7.40 3.13 1.68
CA PRO A 33 8.01 4.00 2.68
C PRO A 33 6.99 5.02 3.21
N TYR A 34 5.90 4.50 3.74
CA TYR A 34 4.84 5.33 4.28
C TYR A 34 5.44 6.49 5.10
N LYS A 35 6.46 6.15 5.87
CA LYS A 35 7.12 7.15 6.71
C LYS A 35 7.48 8.36 5.86
N LEU A 36 7.96 8.08 4.65
CA LEU A 36 8.34 9.14 3.73
C LEU A 36 7.08 9.74 3.11
N ILE A 37 6.40 8.94 2.32
CA ILE A 37 5.18 9.38 1.66
C ILE A 37 4.37 10.25 2.63
N ARG A 38 4.40 9.85 3.90
CA ARG A 38 3.69 10.59 4.93
C ARG A 38 4.20 12.02 5.02
N ASP A 39 5.50 12.15 5.21
CA ASP A 39 6.12 13.44 5.31
C ASP A 39 6.10 14.13 3.94
N SER A 40 6.35 13.34 2.91
CA SER A 40 6.36 13.85 1.56
C SER A 40 5.13 13.34 0.80
N PRO A 41 4.11 14.23 0.68
CA PRO A 41 2.88 13.88 -0.01
C PRO A 41 3.09 13.88 -1.53
N ASP A 42 4.21 14.47 -1.95
CA ASP A 42 4.54 14.54 -3.35
C ASP A 42 5.68 13.57 -3.65
N ALA A 43 5.51 12.34 -3.20
CA ALA A 43 6.52 11.31 -3.41
C ALA A 43 5.91 10.19 -4.26
N VAL A 44 4.79 9.67 -3.78
CA VAL A 44 4.11 8.60 -4.49
C VAL A 44 2.59 8.85 -4.46
N GLU A 45 1.96 8.55 -5.58
CA GLU A 45 0.52 8.74 -5.69
C GLU A 45 -0.21 7.42 -5.47
N VAL A 46 -1.17 7.47 -4.56
CA VAL A 46 -1.94 6.27 -4.24
C VAL A 46 -3.42 6.52 -4.60
N THR A 47 -3.96 5.62 -5.41
CA THR A 47 -5.34 5.73 -5.83
C THR A 47 -5.96 4.34 -5.98
N GLY A 48 -7.26 4.34 -6.23
CA GLY A 48 -7.99 3.09 -6.39
C GLY A 48 -8.58 2.63 -5.05
N LEU A 49 -7.93 3.04 -3.97
CA LEU A 49 -8.38 2.67 -2.64
C LEU A 49 -9.90 2.86 -2.56
N PRO A 50 -10.50 2.20 -1.52
CA PRO A 50 -11.93 2.28 -1.32
C PRO A 50 -12.32 3.63 -0.73
N ASP A 51 -13.50 4.11 -1.14
CA ASP A 51 -13.99 5.39 -0.66
C ASP A 51 -14.15 5.33 0.86
N ASP A 52 -13.93 6.47 1.49
CA ASP A 52 -14.05 6.57 2.94
C ASP A 52 -12.88 5.81 3.59
N ILE A 53 -11.74 5.86 2.91
CA ILE A 53 -10.54 5.19 3.40
C ILE A 53 -9.30 5.86 2.80
N PRO A 54 -8.45 6.42 3.69
CA PRO A 54 -7.24 7.07 3.25
C PRO A 54 -6.18 6.06 2.84
N PHE A 55 -4.94 6.52 2.78
CA PHE A 55 -3.84 5.66 2.39
C PHE A 55 -2.69 5.75 3.41
N ARG A 56 -2.72 4.80 4.33
CA ARG A 56 -1.70 4.75 5.37
C ARG A 56 -1.31 3.30 5.67
N ASN A 57 -0.31 3.15 6.53
CA ASN A 57 0.16 1.83 6.90
C ASN A 57 -1.04 0.89 7.06
N PRO A 58 -0.87 -0.35 6.52
CA PRO A 58 -1.93 -1.35 6.59
C PRO A 58 -2.03 -1.93 8.00
N ASN A 59 -1.02 -1.64 8.81
CA ASN A 59 -0.98 -2.14 10.17
C ASN A 59 -1.69 -1.13 11.09
N THR A 60 -3.00 -1.03 10.91
CA THR A 60 -3.79 -0.11 11.71
C THR A 60 -5.27 -0.21 11.31
N TYR A 61 -5.49 -0.38 10.01
CA TYR A 61 -6.84 -0.48 9.49
C TYR A 61 -7.66 -1.50 10.30
N ASP A 62 -8.93 -1.61 9.92
CA ASP A 62 -9.83 -2.54 10.60
C ASP A 62 -10.23 -3.64 9.62
N ILE A 63 -10.68 -4.76 10.20
CA ILE A 63 -11.10 -5.90 9.39
C ILE A 63 -11.86 -5.39 8.17
N HIS A 64 -12.62 -4.33 8.38
CA HIS A 64 -13.41 -3.75 7.31
C HIS A 64 -12.48 -3.13 6.27
N ARG A 65 -11.89 -2.01 6.65
CA ARG A 65 -10.97 -1.31 5.75
C ARG A 65 -10.01 -2.30 5.11
N LEU A 66 -9.48 -3.19 5.93
CA LEU A 66 -8.55 -4.19 5.45
C LEU A 66 -9.17 -4.95 4.28
N GLU A 67 -10.45 -5.26 4.43
CA GLU A 67 -11.18 -5.97 3.38
C GLU A 67 -11.43 -5.05 2.19
N LYS A 68 -12.02 -3.90 2.48
CA LYS A 68 -12.32 -2.93 1.44
C LYS A 68 -11.11 -2.79 0.52
N ILE A 69 -9.95 -2.54 1.12
CA ILE A 69 -8.73 -2.38 0.37
C ILE A 69 -8.51 -3.61 -0.50
N LEU A 70 -8.53 -4.76 0.14
CA LEU A 70 -8.34 -6.02 -0.57
C LEU A 70 -9.40 -6.15 -1.67
N LYS A 71 -10.55 -5.58 -1.40
CA LYS A 71 -11.66 -5.62 -2.36
C LYS A 71 -11.34 -4.69 -3.52
N ALA A 72 -10.50 -3.70 -3.25
CA ALA A 72 -10.11 -2.75 -4.27
C ALA A 72 -8.64 -2.96 -4.63
N ARG A 73 -8.19 -4.20 -4.46
CA ARG A 73 -6.81 -4.55 -4.76
C ARG A 73 -6.53 -4.33 -6.25
N GLU A 74 -7.56 -4.52 -7.05
CA GLU A 74 -7.43 -4.35 -8.49
C GLU A 74 -7.53 -2.87 -8.85
N HIS A 75 -8.35 -2.16 -8.09
CA HIS A 75 -8.54 -0.73 -8.33
C HIS A 75 -7.32 0.04 -7.83
N VAL A 76 -6.83 -0.38 -6.67
CA VAL A 76 -5.67 0.27 -6.07
C VAL A 76 -4.58 0.42 -7.13
N ARG A 77 -4.05 1.63 -7.23
CA ARG A 77 -3.00 1.92 -8.19
C ARG A 77 -2.04 2.96 -7.62
N MET A 78 -0.75 2.70 -7.83
CA MET A 78 0.28 3.61 -7.35
C MET A 78 1.00 4.28 -8.52
N VAL A 79 1.36 5.54 -8.30
CA VAL A 79 2.06 6.31 -9.31
C VAL A 79 3.15 7.14 -8.66
N ILE A 80 4.38 6.86 -9.07
CA ILE A 80 5.53 7.57 -8.53
C ILE A 80 5.48 9.03 -8.98
N ILE A 81 5.13 9.89 -8.04
CA ILE A 81 5.05 11.31 -8.32
C ILE A 81 6.46 11.91 -8.39
N ASN A 82 7.23 11.60 -7.36
CA ASN A 82 8.60 12.10 -7.29
C ASN A 82 9.49 11.03 -6.65
N GLN A 83 10.79 11.19 -6.84
CA GLN A 83 11.75 10.26 -6.29
C GLN A 83 12.38 10.82 -5.01
N SER A 84 12.76 9.91 -4.13
CA SER A 84 13.37 10.31 -2.87
C SER A 84 13.69 9.07 -2.03
N GLY A 85 14.89 8.54 -2.25
CA GLY A 85 15.33 7.36 -1.53
C GLY A 85 15.73 6.25 -2.49
N PRO A 86 16.45 5.24 -1.94
CA PRO A 86 16.90 4.10 -2.74
C PRO A 86 15.74 3.15 -3.04
N SER A 87 15.28 2.50 -1.98
CA SER A 87 14.17 1.56 -2.12
C SER A 87 14.57 0.42 -3.05
N SER A 88 14.99 -0.68 -2.44
CA SER A 88 15.41 -1.85 -3.19
C SER A 88 16.59 -1.49 -4.11
N GLY A 89 16.25 -1.13 -5.33
CA GLY A 89 17.27 -0.75 -6.31
C GLY A 89 17.19 -1.65 -7.55
N GLY A 1 5.98 -13.63 22.72
CA GLY A 1 5.54 -14.51 21.65
C GLY A 1 5.17 -13.71 20.40
N SER A 2 4.43 -14.37 19.52
CA SER A 2 4.02 -13.73 18.28
C SER A 2 2.50 -13.47 18.32
N SER A 3 2.17 -12.20 18.52
CA SER A 3 0.77 -11.80 18.58
C SER A 3 0.39 -11.05 17.29
N GLY A 4 -0.73 -11.48 16.71
CA GLY A 4 -1.22 -10.87 15.49
C GLY A 4 -2.46 -11.59 14.98
N SER A 5 -2.22 -12.70 14.28
CA SER A 5 -3.31 -13.48 13.73
C SER A 5 -4.19 -12.60 12.84
N SER A 6 -3.86 -12.58 11.56
CA SER A 6 -4.61 -11.79 10.60
C SER A 6 -4.00 -11.93 9.21
N GLY A 7 -4.66 -12.72 8.39
CA GLY A 7 -4.20 -12.95 7.03
C GLY A 7 -4.38 -11.70 6.17
N LEU A 8 -5.61 -11.18 6.18
CA LEU A 8 -5.92 -9.99 5.41
C LEU A 8 -4.79 -8.97 5.58
N ARG A 9 -4.45 -8.71 6.83
CA ARG A 9 -3.40 -7.76 7.14
C ARG A 9 -2.22 -7.95 6.19
N GLU A 10 -1.63 -9.13 6.26
CA GLU A 10 -0.49 -9.46 5.42
C GLU A 10 -0.86 -9.28 3.94
N GLN A 11 -2.05 -9.72 3.60
CA GLN A 11 -2.54 -9.62 2.23
C GLN A 11 -2.45 -8.16 1.75
N VAL A 12 -2.95 -7.27 2.60
CA VAL A 12 -2.95 -5.85 2.28
C VAL A 12 -1.50 -5.36 2.19
N LYS A 13 -0.67 -5.90 3.07
CA LYS A 13 0.73 -5.53 3.10
C LYS A 13 1.36 -5.78 1.72
N GLU A 14 1.30 -7.04 1.30
CA GLU A 14 1.85 -7.42 0.02
C GLU A 14 1.20 -6.60 -1.10
N LEU A 15 -0.06 -6.27 -0.89
CA LEU A 15 -0.81 -5.50 -1.87
C LEU A 15 -0.10 -4.17 -2.11
N PHE A 16 -0.06 -3.36 -1.06
CA PHE A 16 0.59 -2.06 -1.15
C PHE A 16 2.02 -2.19 -1.68
N ASN A 17 2.70 -3.21 -1.20
CA ASN A 17 4.08 -3.46 -1.61
C ASN A 17 4.10 -3.83 -3.10
N GLU A 18 3.15 -4.67 -3.47
CA GLU A 18 3.05 -5.12 -4.86
C GLU A 18 2.88 -3.92 -5.79
N LYS A 19 2.00 -3.01 -5.38
CA LYS A 19 1.75 -1.81 -6.16
C LYS A 19 3.04 -1.02 -6.33
N TYR A 20 3.62 -0.65 -5.20
CA TYR A 20 4.87 0.10 -5.20
C TYR A 20 5.85 -0.46 -6.23
N GLY A 21 6.07 -1.77 -6.14
CA GLY A 21 6.97 -2.45 -7.05
C GLY A 21 6.63 -2.11 -8.51
N GLU A 22 5.39 -2.38 -8.88
CA GLU A 22 4.94 -2.11 -10.23
C GLU A 22 5.10 -0.63 -10.56
N ALA A 23 4.68 0.21 -9.62
CA ALA A 23 4.78 1.65 -9.81
C ALA A 23 6.26 2.03 -9.96
N LEU A 24 7.10 1.31 -9.24
CA LEU A 24 8.53 1.57 -9.28
C LEU A 24 9.09 1.12 -10.63
N GLY A 25 8.22 0.48 -11.41
CA GLY A 25 8.62 0.00 -12.73
C GLY A 25 9.45 -1.28 -12.61
N LEU A 26 9.28 -1.96 -11.49
CA LEU A 26 10.01 -3.19 -11.25
C LEU A 26 9.07 -4.39 -11.47
N ASN A 27 9.60 -5.57 -11.20
CA ASN A 27 8.82 -6.79 -11.37
C ASN A 27 8.77 -7.55 -10.04
N ARG A 28 8.98 -6.80 -8.96
CA ARG A 28 8.96 -7.38 -7.63
C ARG A 28 8.29 -6.43 -6.64
N PRO A 29 7.65 -7.03 -5.61
CA PRO A 29 6.97 -6.24 -4.58
C PRO A 29 7.97 -5.59 -3.63
N VAL A 30 7.81 -4.28 -3.47
CA VAL A 30 8.69 -3.53 -2.60
C VAL A 30 7.86 -2.83 -1.52
N LEU A 31 8.40 -2.80 -0.31
CA LEU A 31 7.73 -2.18 0.81
C LEU A 31 7.43 -0.71 0.46
N VAL A 32 6.47 -0.15 1.19
CA VAL A 32 6.09 1.23 0.96
C VAL A 32 6.62 2.10 2.11
N PRO A 33 7.50 3.06 1.74
CA PRO A 33 8.08 3.96 2.73
C PRO A 33 7.07 5.01 3.19
N TYR A 34 5.96 4.52 3.74
CA TYR A 34 4.91 5.39 4.22
C TYR A 34 5.50 6.58 4.99
N LYS A 35 6.45 6.28 5.86
CA LYS A 35 7.10 7.30 6.65
C LYS A 35 7.50 8.47 5.74
N LEU A 36 8.05 8.11 4.59
CA LEU A 36 8.48 9.10 3.62
C LEU A 36 7.26 9.74 2.96
N ILE A 37 6.50 8.91 2.27
CA ILE A 37 5.29 9.38 1.60
C ILE A 37 4.50 10.28 2.54
N ARG A 38 4.68 10.04 3.84
CA ARG A 38 3.99 10.82 4.84
C ARG A 38 4.52 12.25 4.87
N ASP A 39 5.83 12.35 5.08
CA ASP A 39 6.47 13.66 5.12
C ASP A 39 6.53 14.24 3.71
N SER A 40 6.49 13.35 2.73
CA SER A 40 6.53 13.76 1.34
C SER A 40 5.31 13.24 0.59
N PRO A 41 4.25 14.10 0.54
CA PRO A 41 3.03 13.74 -0.14
C PRO A 41 3.20 13.79 -1.66
N ASP A 42 4.29 14.42 -2.08
CA ASP A 42 4.59 14.54 -3.49
C ASP A 42 5.72 13.58 -3.86
N ALA A 43 5.57 12.34 -3.39
CA ALA A 43 6.57 11.31 -3.67
C ALA A 43 5.92 10.18 -4.47
N VAL A 44 4.83 9.67 -3.92
CA VAL A 44 4.12 8.59 -4.57
C VAL A 44 2.62 8.87 -4.51
N GLU A 45 1.92 8.49 -5.58
CA GLU A 45 0.49 8.70 -5.66
C GLU A 45 -0.25 7.37 -5.42
N VAL A 46 -1.20 7.43 -4.49
CA VAL A 46 -1.97 6.24 -4.15
C VAL A 46 -3.44 6.49 -4.53
N THR A 47 -3.97 5.58 -5.33
CA THR A 47 -5.35 5.68 -5.77
C THR A 47 -5.97 4.29 -5.92
N GLY A 48 -7.27 4.28 -6.18
CA GLY A 48 -7.99 3.03 -6.34
C GLY A 48 -8.56 2.54 -5.01
N LEU A 49 -7.90 2.93 -3.93
CA LEU A 49 -8.32 2.55 -2.60
C LEU A 49 -9.85 2.71 -2.50
N PRO A 50 -10.42 2.07 -1.44
CA PRO A 50 -11.85 2.14 -1.21
C PRO A 50 -12.27 3.51 -0.68
N ASP A 51 -13.47 3.92 -1.06
CA ASP A 51 -13.98 5.21 -0.62
C ASP A 51 -14.11 5.21 0.90
N ASP A 52 -13.95 6.39 1.48
CA ASP A 52 -14.04 6.54 2.92
C ASP A 52 -12.89 5.78 3.58
N ILE A 53 -11.78 5.72 2.87
CA ILE A 53 -10.60 5.03 3.38
C ILE A 53 -9.34 5.68 2.81
N PRO A 54 -8.53 6.25 3.74
CA PRO A 54 -7.29 6.91 3.34
C PRO A 54 -6.22 5.88 2.97
N PHE A 55 -4.98 6.35 2.96
CA PHE A 55 -3.86 5.49 2.62
C PHE A 55 -2.79 5.54 3.71
N ARG A 56 -2.86 4.57 4.60
CA ARG A 56 -1.90 4.48 5.70
C ARG A 56 -1.51 3.03 5.96
N ASN A 57 -0.47 2.85 6.75
CA ASN A 57 0.01 1.52 7.08
C ASN A 57 -1.19 0.59 7.31
N PRO A 58 -1.06 -0.65 6.78
CA PRO A 58 -2.12 -1.63 6.92
C PRO A 58 -2.16 -2.21 8.34
N ASN A 59 -1.28 -1.67 9.18
CA ASN A 59 -1.21 -2.11 10.56
C ASN A 59 -2.00 -1.14 11.44
N THR A 60 -3.24 -0.92 11.04
CA THR A 60 -4.11 -0.02 11.79
C THR A 60 -5.57 -0.20 11.35
N TYR A 61 -5.75 -0.37 10.05
CA TYR A 61 -7.07 -0.56 9.50
C TYR A 61 -7.89 -1.56 10.32
N ASP A 62 -9.16 -1.66 9.99
CA ASP A 62 -10.05 -2.57 10.70
C ASP A 62 -10.42 -3.73 9.77
N ILE A 63 -11.17 -4.67 10.32
CA ILE A 63 -11.60 -5.83 9.56
C ILE A 63 -12.26 -5.36 8.25
N HIS A 64 -12.96 -4.25 8.35
CA HIS A 64 -13.64 -3.68 7.20
C HIS A 64 -12.62 -3.15 6.20
N ARG A 65 -12.00 -2.04 6.57
CA ARG A 65 -11.00 -1.42 5.72
C ARG A 65 -10.06 -2.49 5.15
N LEU A 66 -9.60 -3.35 6.04
CA LEU A 66 -8.68 -4.41 5.65
C LEU A 66 -9.30 -5.19 4.48
N GLU A 67 -10.59 -5.46 4.60
CA GLU A 67 -11.29 -6.19 3.56
C GLU A 67 -11.56 -5.28 2.36
N LYS A 68 -12.06 -4.09 2.66
CA LYS A 68 -12.36 -3.12 1.62
C LYS A 68 -11.15 -2.99 0.68
N ILE A 69 -10.04 -2.60 1.27
CA ILE A 69 -8.80 -2.43 0.52
C ILE A 69 -8.58 -3.66 -0.38
N LEU A 70 -8.69 -4.83 0.25
CA LEU A 70 -8.51 -6.08 -0.47
C LEU A 70 -9.55 -6.16 -1.60
N LYS A 71 -10.73 -5.64 -1.31
CA LYS A 71 -11.81 -5.66 -2.28
C LYS A 71 -11.48 -4.69 -3.42
N ALA A 72 -10.62 -3.74 -3.11
CA ALA A 72 -10.21 -2.74 -4.09
C ALA A 72 -8.74 -2.97 -4.46
N ARG A 73 -8.26 -4.17 -4.16
CA ARG A 73 -6.89 -4.52 -4.45
C ARG A 73 -6.62 -4.42 -5.95
N GLU A 74 -7.66 -4.69 -6.73
CA GLU A 74 -7.55 -4.63 -8.17
C GLU A 74 -7.71 -3.18 -8.66
N HIS A 75 -8.30 -2.36 -7.80
CA HIS A 75 -8.51 -0.96 -8.12
C HIS A 75 -7.32 -0.14 -7.65
N VAL A 76 -6.84 -0.47 -6.46
CA VAL A 76 -5.71 0.22 -5.88
C VAL A 76 -4.58 0.31 -6.92
N ARG A 77 -4.06 1.52 -7.08
CA ARG A 77 -2.99 1.75 -8.04
C ARG A 77 -2.04 2.84 -7.52
N MET A 78 -0.76 2.59 -7.70
CA MET A 78 0.25 3.55 -7.26
C MET A 78 0.92 4.22 -8.45
N VAL A 79 1.25 5.49 -8.27
CA VAL A 79 1.90 6.25 -9.32
C VAL A 79 3.04 7.08 -8.71
N ILE A 80 4.24 6.83 -9.21
CA ILE A 80 5.42 7.53 -8.73
C ILE A 80 5.33 9.01 -9.15
N ILE A 81 5.05 9.85 -8.17
CA ILE A 81 4.94 11.28 -8.43
C ILE A 81 6.33 11.88 -8.52
N ASN A 82 7.16 11.57 -7.53
CA ASN A 82 8.51 12.07 -7.49
C ASN A 82 9.40 11.09 -6.71
N GLN A 83 10.03 10.20 -7.45
CA GLN A 83 10.91 9.21 -6.84
C GLN A 83 12.08 9.89 -6.15
N SER A 84 12.83 9.09 -5.40
CA SER A 84 13.98 9.61 -4.68
C SER A 84 14.96 8.48 -4.39
N GLY A 85 14.45 7.42 -3.79
CA GLY A 85 15.27 6.27 -3.45
C GLY A 85 14.45 4.97 -3.54
N PRO A 86 15.19 3.84 -3.72
CA PRO A 86 14.55 2.55 -3.82
C PRO A 86 14.08 2.05 -2.45
N SER A 87 15.05 1.84 -1.58
CA SER A 87 14.74 1.36 -0.23
C SER A 87 14.26 -0.09 -0.28
N SER A 88 15.12 -0.97 0.21
CA SER A 88 14.80 -2.39 0.23
C SER A 88 15.59 -3.09 1.34
N GLY A 89 14.99 -4.15 1.88
CA GLY A 89 15.63 -4.91 2.94
C GLY A 89 15.62 -6.41 2.61
N GLY A 1 -10.96 -6.47 13.47
CA GLY A 1 -9.84 -7.29 13.90
C GLY A 1 -8.69 -6.41 14.41
N SER A 2 -8.14 -6.83 15.55
CA SER A 2 -7.04 -6.10 16.15
C SER A 2 -5.81 -7.00 16.29
N SER A 3 -6.02 -8.11 16.98
CA SER A 3 -4.95 -9.06 17.19
C SER A 3 -5.51 -10.49 17.25
N GLY A 4 -4.71 -11.43 16.77
CA GLY A 4 -5.12 -12.82 16.77
C GLY A 4 -5.69 -13.22 15.41
N SER A 5 -4.93 -14.04 14.69
CA SER A 5 -5.36 -14.50 13.39
C SER A 5 -5.71 -13.30 12.49
N SER A 6 -4.71 -12.80 11.81
CA SER A 6 -4.91 -11.66 10.93
C SER A 6 -4.20 -11.90 9.59
N GLY A 7 -4.93 -12.54 8.69
CA GLY A 7 -4.39 -12.85 7.38
C GLY A 7 -4.53 -11.64 6.43
N LEU A 8 -5.73 -11.08 6.42
CA LEU A 8 -6.01 -9.94 5.57
C LEU A 8 -4.85 -8.94 5.68
N ARG A 9 -4.53 -8.57 6.90
CA ARG A 9 -3.44 -7.64 7.15
C ARG A 9 -2.28 -7.90 6.18
N GLU A 10 -1.71 -9.09 6.32
CA GLU A 10 -0.59 -9.48 5.48
C GLU A 10 -0.93 -9.26 4.00
N GLN A 11 -2.09 -9.79 3.61
CA GLN A 11 -2.55 -9.65 2.24
C GLN A 11 -2.44 -8.20 1.79
N VAL A 12 -2.93 -7.31 2.64
CA VAL A 12 -2.90 -5.88 2.34
C VAL A 12 -1.44 -5.42 2.23
N LYS A 13 -0.63 -5.91 3.16
CA LYS A 13 0.78 -5.55 3.19
C LYS A 13 1.39 -5.82 1.80
N GLU A 14 1.28 -7.08 1.38
CA GLU A 14 1.81 -7.47 0.09
C GLU A 14 1.16 -6.65 -1.03
N LEU A 15 -0.11 -6.33 -0.82
CA LEU A 15 -0.85 -5.56 -1.81
C LEU A 15 -0.14 -4.23 -2.05
N PHE A 16 -0.13 -3.40 -1.01
CA PHE A 16 0.51 -2.09 -1.10
C PHE A 16 1.95 -2.23 -1.61
N ASN A 17 2.62 -3.27 -1.12
CA ASN A 17 4.00 -3.52 -1.52
C ASN A 17 4.04 -3.89 -3.00
N GLU A 18 3.06 -4.69 -3.41
CA GLU A 18 2.97 -5.13 -4.79
C GLU A 18 2.78 -3.93 -5.72
N LYS A 19 1.85 -3.06 -5.34
CA LYS A 19 1.58 -1.87 -6.12
C LYS A 19 2.87 -1.07 -6.31
N TYR A 20 3.48 -0.74 -5.18
CA TYR A 20 4.72 0.03 -5.21
C TYR A 20 5.69 -0.54 -6.24
N GLY A 21 5.90 -1.84 -6.16
CA GLY A 21 6.79 -2.52 -7.09
C GLY A 21 6.43 -2.20 -8.54
N GLU A 22 5.18 -2.50 -8.88
CA GLU A 22 4.70 -2.24 -10.23
C GLU A 22 4.87 -0.77 -10.59
N ALA A 23 4.58 0.08 -9.61
CA ALA A 23 4.69 1.51 -9.81
C ALA A 23 6.15 1.87 -10.04
N LEU A 24 7.04 1.15 -9.36
CA LEU A 24 8.46 1.39 -9.48
C LEU A 24 8.93 0.89 -10.85
N GLY A 25 8.03 0.25 -11.57
CA GLY A 25 8.34 -0.28 -12.88
C GLY A 25 9.16 -1.56 -12.77
N LEU A 26 9.12 -2.15 -11.58
CA LEU A 26 9.86 -3.38 -11.34
C LEU A 26 8.93 -4.58 -11.54
N ASN A 27 9.44 -5.75 -11.20
CA ASN A 27 8.68 -6.98 -11.35
C ASN A 27 8.62 -7.71 -10.01
N ARG A 28 8.80 -6.94 -8.95
CA ARG A 28 8.78 -7.48 -7.61
C ARG A 28 8.12 -6.50 -6.64
N PRO A 29 7.51 -7.08 -5.57
CA PRO A 29 6.85 -6.26 -4.56
C PRO A 29 7.86 -5.57 -3.64
N VAL A 30 7.68 -4.27 -3.49
CA VAL A 30 8.57 -3.49 -2.65
C VAL A 30 7.75 -2.79 -1.57
N LEU A 31 8.33 -2.74 -0.37
CA LEU A 31 7.67 -2.10 0.75
C LEU A 31 7.37 -0.65 0.40
N VAL A 32 6.38 -0.10 1.09
CA VAL A 32 5.98 1.28 0.85
C VAL A 32 6.48 2.16 2.01
N PRO A 33 7.34 3.14 1.65
CA PRO A 33 7.90 4.05 2.64
C PRO A 33 6.86 5.07 3.09
N TYR A 34 5.89 4.60 3.85
CA TYR A 34 4.84 5.46 4.35
C TYR A 34 5.42 6.65 5.13
N LYS A 35 6.43 6.34 5.92
CA LYS A 35 7.08 7.38 6.71
C LYS A 35 7.45 8.55 5.82
N LEU A 36 8.05 8.22 4.68
CA LEU A 36 8.46 9.24 3.72
C LEU A 36 7.22 9.86 3.08
N ILE A 37 6.47 9.03 2.38
CA ILE A 37 5.26 9.48 1.71
C ILE A 37 4.48 10.39 2.65
N ARG A 38 4.66 10.14 3.94
CA ARG A 38 3.97 10.93 4.96
C ARG A 38 4.50 12.37 4.96
N ASP A 39 5.81 12.48 5.18
CA ASP A 39 6.45 13.77 5.22
C ASP A 39 6.46 14.38 3.80
N SER A 40 6.48 13.49 2.83
CA SER A 40 6.50 13.91 1.43
C SER A 40 5.25 13.37 0.71
N PRO A 41 4.20 14.23 0.64
CA PRO A 41 2.97 13.86 -0.01
C PRO A 41 3.12 13.88 -1.53
N ASP A 42 4.22 14.46 -1.97
CA ASP A 42 4.50 14.55 -3.40
C ASP A 42 5.64 13.59 -3.75
N ALA A 43 5.51 12.37 -3.26
CA ALA A 43 6.52 11.35 -3.52
C ALA A 43 5.89 10.22 -4.33
N VAL A 44 4.79 9.69 -3.81
CA VAL A 44 4.09 8.61 -4.47
C VAL A 44 2.59 8.85 -4.38
N GLU A 45 1.90 8.52 -5.47
CA GLU A 45 0.46 8.70 -5.53
C GLU A 45 -0.25 7.36 -5.31
N VAL A 46 -1.26 7.39 -4.46
CA VAL A 46 -2.04 6.19 -4.17
C VAL A 46 -3.48 6.40 -4.58
N THR A 47 -3.97 5.52 -5.45
CA THR A 47 -5.33 5.61 -5.92
C THR A 47 -5.95 4.20 -6.01
N GLY A 48 -7.25 4.19 -6.29
CA GLY A 48 -7.97 2.93 -6.40
C GLY A 48 -8.53 2.50 -5.04
N LEU A 49 -7.88 2.97 -3.99
CA LEU A 49 -8.30 2.64 -2.64
C LEU A 49 -9.83 2.73 -2.55
N PRO A 50 -10.37 2.12 -1.46
CA PRO A 50 -11.81 2.13 -1.25
C PRO A 50 -12.29 3.50 -0.77
N ASP A 51 -13.54 3.79 -1.08
CA ASP A 51 -14.13 5.06 -0.68
C ASP A 51 -14.27 5.11 0.84
N ASP A 52 -14.02 6.28 1.39
CA ASP A 52 -14.11 6.47 2.83
C ASP A 52 -12.95 5.75 3.51
N ILE A 53 -11.83 5.70 2.80
CA ILE A 53 -10.65 5.04 3.33
C ILE A 53 -9.40 5.75 2.78
N PRO A 54 -8.59 6.30 3.73
CA PRO A 54 -7.38 7.01 3.36
C PRO A 54 -6.28 6.02 2.96
N PHE A 55 -5.05 6.52 2.97
CA PHE A 55 -3.91 5.70 2.60
C PHE A 55 -2.79 5.82 3.64
N ARG A 56 -2.76 4.85 4.55
CA ARG A 56 -1.76 4.84 5.60
C ARG A 56 -1.26 3.41 5.83
N ASN A 57 -0.28 3.30 6.72
CA ASN A 57 0.30 2.00 7.04
C ASN A 57 -0.81 0.96 7.10
N PRO A 58 -0.58 -0.17 6.38
CA PRO A 58 -1.54 -1.25 6.35
C PRO A 58 -1.53 -2.05 7.66
N ASN A 59 -0.61 -1.67 8.53
CA ASN A 59 -0.47 -2.33 9.82
C ASN A 59 -1.22 -1.52 10.87
N THR A 60 -2.53 -1.42 10.68
CA THR A 60 -3.36 -0.69 11.62
C THR A 60 -4.84 -0.81 11.23
N TYR A 61 -5.07 -0.81 9.93
CA TYR A 61 -6.42 -0.92 9.40
C TYR A 61 -7.21 -2.00 10.14
N ASP A 62 -8.50 -2.05 9.85
CA ASP A 62 -9.37 -3.04 10.49
C ASP A 62 -9.92 -3.97 9.43
N ILE A 63 -10.52 -5.07 9.89
CA ILE A 63 -11.09 -6.06 9.00
C ILE A 63 -11.80 -5.34 7.84
N HIS A 64 -12.36 -4.18 8.16
CA HIS A 64 -13.07 -3.40 7.17
C HIS A 64 -12.07 -2.87 6.13
N ARG A 65 -11.30 -1.89 6.55
CA ARG A 65 -10.31 -1.29 5.67
C ARG A 65 -9.54 -2.38 4.91
N LEU A 66 -9.11 -3.39 5.66
CA LEU A 66 -8.38 -4.50 5.07
C LEU A 66 -9.24 -5.17 4.01
N GLU A 67 -10.47 -5.47 4.40
CA GLU A 67 -11.40 -6.13 3.49
C GLU A 67 -11.66 -5.23 2.28
N LYS A 68 -12.19 -4.05 2.55
CA LYS A 68 -12.49 -3.10 1.50
C LYS A 68 -11.28 -2.97 0.57
N ILE A 69 -10.18 -2.50 1.15
CA ILE A 69 -8.95 -2.32 0.39
C ILE A 69 -8.70 -3.57 -0.45
N LEU A 70 -8.80 -4.72 0.21
CA LEU A 70 -8.58 -5.99 -0.46
C LEU A 70 -9.61 -6.16 -1.57
N LYS A 71 -10.79 -5.62 -1.33
CA LYS A 71 -11.87 -5.71 -2.30
C LYS A 71 -11.55 -4.80 -3.50
N ALA A 72 -10.70 -3.82 -3.24
CA ALA A 72 -10.31 -2.88 -4.28
C ALA A 72 -8.81 -3.06 -4.57
N ARG A 73 -8.30 -4.22 -4.21
CA ARG A 73 -6.89 -4.52 -4.43
C ARG A 73 -6.54 -4.37 -5.91
N GLU A 74 -7.50 -4.72 -6.75
CA GLU A 74 -7.30 -4.63 -8.19
C GLU A 74 -7.41 -3.17 -8.65
N HIS A 75 -8.24 -2.42 -7.94
CA HIS A 75 -8.44 -1.01 -8.27
C HIS A 75 -7.24 -0.21 -7.78
N VAL A 76 -6.78 -0.54 -6.58
CA VAL A 76 -5.66 0.14 -5.98
C VAL A 76 -4.54 0.27 -7.01
N ARG A 77 -4.02 1.49 -7.14
CA ARG A 77 -2.95 1.76 -8.08
C ARG A 77 -2.02 2.83 -7.54
N MET A 78 -0.73 2.60 -7.68
CA MET A 78 0.27 3.54 -7.21
C MET A 78 0.97 4.23 -8.38
N VAL A 79 1.27 5.51 -8.19
CA VAL A 79 1.93 6.29 -9.21
C VAL A 79 3.06 7.10 -8.58
N ILE A 80 4.27 6.86 -9.06
CA ILE A 80 5.43 7.57 -8.54
C ILE A 80 5.37 9.03 -9.00
N ILE A 81 5.08 9.89 -8.05
CA ILE A 81 4.99 11.32 -8.32
C ILE A 81 6.39 11.88 -8.54
N ASN A 82 7.23 11.69 -7.53
CA ASN A 82 8.60 12.18 -7.59
C ASN A 82 9.57 10.99 -7.50
N GLN A 83 10.81 11.24 -7.88
CA GLN A 83 11.82 10.21 -7.84
C GLN A 83 12.36 10.04 -6.41
N SER A 84 12.51 8.78 -6.01
CA SER A 84 13.01 8.47 -4.69
C SER A 84 13.82 7.17 -4.72
N GLY A 85 14.57 6.96 -3.65
CA GLY A 85 15.39 5.76 -3.56
C GLY A 85 14.66 4.67 -2.78
N PRO A 86 14.97 3.39 -3.16
CA PRO A 86 14.36 2.25 -2.52
C PRO A 86 14.95 2.02 -1.13
N SER A 87 14.49 0.95 -0.49
CA SER A 87 14.96 0.60 0.84
C SER A 87 15.72 -0.73 0.80
N SER A 88 15.07 -1.73 0.22
CA SER A 88 15.66 -3.05 0.11
C SER A 88 15.76 -3.46 -1.36
N GLY A 89 16.99 -3.76 -1.77
CA GLY A 89 17.24 -4.16 -3.15
C GLY A 89 16.29 -5.27 -3.58
N GLY A 1 -19.60 -15.29 8.99
CA GLY A 1 -18.89 -15.49 10.24
C GLY A 1 -17.45 -14.96 10.15
N SER A 2 -16.51 -15.81 10.51
CA SER A 2 -15.11 -15.44 10.47
C SER A 2 -14.84 -14.33 11.48
N SER A 3 -14.60 -14.73 12.71
CA SER A 3 -14.32 -13.78 13.77
C SER A 3 -12.88 -13.93 14.25
N GLY A 4 -11.98 -13.25 13.54
CA GLY A 4 -10.56 -13.30 13.88
C GLY A 4 -9.72 -13.63 12.64
N SER A 5 -8.75 -14.52 12.85
CA SER A 5 -7.88 -14.93 11.77
C SER A 5 -7.10 -13.72 11.24
N SER A 6 -5.80 -13.73 11.51
CA SER A 6 -4.94 -12.64 11.07
C SER A 6 -4.24 -13.02 9.77
N GLY A 7 -4.81 -12.56 8.67
CA GLY A 7 -4.24 -12.85 7.35
C GLY A 7 -4.35 -11.63 6.43
N LEU A 8 -5.55 -11.07 6.38
CA LEU A 8 -5.81 -9.90 5.55
C LEU A 8 -4.62 -8.94 5.66
N ARG A 9 -4.28 -8.61 6.90
CA ARG A 9 -3.17 -7.70 7.16
C ARG A 9 -2.01 -7.99 6.19
N GLU A 10 -1.44 -9.18 6.36
CA GLU A 10 -0.32 -9.60 5.52
C GLU A 10 -0.69 -9.43 4.05
N GLN A 11 -1.89 -9.87 3.71
CA GLN A 11 -2.37 -9.77 2.34
C GLN A 11 -2.34 -8.32 1.86
N VAL A 12 -2.75 -7.43 2.76
CA VAL A 12 -2.77 -6.01 2.45
C VAL A 12 -1.33 -5.50 2.31
N LYS A 13 -0.49 -5.96 3.22
CA LYS A 13 0.91 -5.56 3.21
C LYS A 13 1.51 -5.82 1.83
N GLU A 14 1.39 -7.07 1.39
CA GLU A 14 1.91 -7.46 0.10
C GLU A 14 1.23 -6.67 -1.02
N LEU A 15 -0.05 -6.37 -0.79
CA LEU A 15 -0.83 -5.62 -1.75
C LEU A 15 -0.13 -4.28 -2.03
N PHE A 16 -0.10 -3.45 -1.00
CA PHE A 16 0.53 -2.14 -1.12
C PHE A 16 1.96 -2.26 -1.66
N ASN A 17 2.65 -3.29 -1.16
CA ASN A 17 4.02 -3.52 -1.58
C ASN A 17 4.05 -3.92 -3.05
N GLU A 18 3.05 -4.69 -3.45
CA GLU A 18 2.94 -5.13 -4.81
C GLU A 18 2.74 -3.94 -5.76
N LYS A 19 1.85 -3.05 -5.34
CA LYS A 19 1.55 -1.88 -6.14
C LYS A 19 2.83 -1.05 -6.32
N TYR A 20 3.49 -0.80 -5.20
CA TYR A 20 4.72 -0.03 -5.22
C TYR A 20 5.70 -0.59 -6.27
N GLY A 21 5.88 -1.90 -6.21
CA GLY A 21 6.78 -2.57 -7.14
C GLY A 21 6.41 -2.25 -8.59
N GLU A 22 5.17 -2.56 -8.93
CA GLU A 22 4.67 -2.32 -10.28
C GLU A 22 4.86 -0.84 -10.65
N ALA A 23 4.50 0.02 -9.70
CA ALA A 23 4.62 1.45 -9.91
C ALA A 23 6.09 1.81 -10.13
N LEU A 24 6.95 1.09 -9.43
CA LEU A 24 8.38 1.32 -9.53
C LEU A 24 8.88 0.80 -10.88
N GLY A 25 7.97 0.15 -11.61
CA GLY A 25 8.31 -0.40 -12.91
C GLY A 25 9.13 -1.68 -12.75
N LEU A 26 9.00 -2.30 -11.60
CA LEU A 26 9.72 -3.54 -11.32
C LEU A 26 8.78 -4.73 -11.48
N ASN A 27 9.32 -5.91 -11.23
CA ASN A 27 8.54 -7.13 -11.34
C ASN A 27 8.50 -7.83 -9.98
N ARG A 28 8.73 -7.04 -8.94
CA ARG A 28 8.73 -7.57 -7.58
C ARG A 28 8.10 -6.55 -6.62
N PRO A 29 7.48 -7.09 -5.54
CA PRO A 29 6.85 -6.26 -4.54
C PRO A 29 7.88 -5.57 -3.65
N VAL A 30 7.68 -4.28 -3.44
CA VAL A 30 8.58 -3.50 -2.61
C VAL A 30 7.78 -2.77 -1.52
N LEU A 31 8.38 -2.72 -0.34
CA LEU A 31 7.73 -2.08 0.79
C LEU A 31 7.45 -0.62 0.44
N VAL A 32 6.44 -0.06 1.09
CA VAL A 32 6.05 1.31 0.85
C VAL A 32 6.58 2.19 1.99
N PRO A 33 7.43 3.18 1.61
CA PRO A 33 8.02 4.08 2.58
C PRO A 33 6.99 5.11 3.06
N TYR A 34 5.94 4.60 3.68
CA TYR A 34 4.88 5.46 4.19
C TYR A 34 5.46 6.61 5.02
N LYS A 35 6.46 6.26 5.83
CA LYS A 35 7.10 7.25 6.67
C LYS A 35 7.48 8.48 5.84
N LEU A 36 8.04 8.20 4.67
CA LEU A 36 8.45 9.27 3.77
C LEU A 36 7.21 9.91 3.15
N ILE A 37 6.50 9.13 2.35
CA ILE A 37 5.30 9.62 1.69
C ILE A 37 4.50 10.47 2.68
N ARG A 38 4.47 10.01 3.92
CA ARG A 38 3.74 10.72 4.97
C ARG A 38 4.24 12.16 5.07
N ASP A 39 5.56 12.29 5.14
CA ASP A 39 6.17 13.61 5.24
C ASP A 39 6.18 14.27 3.86
N SER A 40 6.41 13.45 2.85
CA SER A 40 6.44 13.95 1.48
C SER A 40 5.21 13.46 0.72
N PRO A 41 4.21 14.38 0.58
CA PRO A 41 2.99 14.05 -0.12
C PRO A 41 3.21 14.02 -1.63
N ASP A 42 4.34 14.58 -2.04
CA ASP A 42 4.68 14.62 -3.45
C ASP A 42 5.81 13.62 -3.73
N ALA A 43 5.59 12.39 -3.30
CA ALA A 43 6.57 11.34 -3.49
C ALA A 43 5.95 10.20 -4.30
N VAL A 44 4.83 9.71 -3.80
CA VAL A 44 4.13 8.62 -4.46
C VAL A 44 2.62 8.89 -4.42
N GLU A 45 1.97 8.55 -5.51
CA GLU A 45 0.53 8.75 -5.61
C GLU A 45 -0.21 7.42 -5.42
N VAL A 46 -1.14 7.44 -4.48
CA VAL A 46 -1.92 6.25 -4.17
C VAL A 46 -3.38 6.48 -4.56
N THR A 47 -3.91 5.56 -5.34
CA THR A 47 -5.29 5.66 -5.79
C THR A 47 -5.92 4.27 -5.89
N GLY A 48 -7.22 4.26 -6.10
CA GLY A 48 -7.95 3.01 -6.21
C GLY A 48 -8.50 2.56 -4.85
N LEU A 49 -7.85 3.05 -3.80
CA LEU A 49 -8.26 2.70 -2.45
C LEU A 49 -9.78 2.84 -2.33
N PRO A 50 -10.32 2.23 -1.24
CA PRO A 50 -11.75 2.27 -1.01
C PRO A 50 -12.18 3.65 -0.48
N ASP A 51 -13.42 4.00 -0.80
CA ASP A 51 -13.95 5.28 -0.37
C ASP A 51 -14.06 5.31 1.16
N ASP A 52 -13.79 6.49 1.71
CA ASP A 52 -13.84 6.66 3.15
C ASP A 52 -12.66 5.92 3.80
N ILE A 53 -11.56 5.90 3.06
CA ILE A 53 -10.36 5.23 3.55
C ILE A 53 -9.13 5.91 2.95
N PRO A 54 -8.29 6.47 3.86
CA PRO A 54 -7.08 7.16 3.45
C PRO A 54 -6.00 6.16 3.03
N PHE A 55 -4.77 6.64 2.97
CA PHE A 55 -3.65 5.81 2.58
C PHE A 55 -2.53 5.87 3.62
N ARG A 56 -2.50 4.87 4.48
CA ARG A 56 -1.49 4.80 5.52
C ARG A 56 -1.07 3.34 5.76
N ASN A 57 -0.11 3.18 6.65
CA ASN A 57 0.39 1.86 6.99
C ASN A 57 -0.78 0.87 7.02
N PRO A 58 -0.58 -0.28 6.33
CA PRO A 58 -1.61 -1.31 6.28
C PRO A 58 -1.68 -2.08 7.61
N ASN A 59 -0.64 -1.91 8.41
CA ASN A 59 -0.58 -2.57 9.69
C ASN A 59 -1.23 -1.68 10.76
N THR A 60 -2.54 -1.55 10.65
CA THR A 60 -3.28 -0.73 11.59
C THR A 60 -4.77 -0.74 11.24
N TYR A 61 -5.04 -0.76 9.94
CA TYR A 61 -6.40 -0.76 9.46
C TYR A 61 -7.25 -1.79 10.23
N ASP A 62 -8.55 -1.77 9.93
CA ASP A 62 -9.47 -2.69 10.58
C ASP A 62 -10.00 -3.69 9.55
N ILE A 63 -10.64 -4.72 10.06
CA ILE A 63 -11.20 -5.76 9.20
C ILE A 63 -11.79 -5.10 7.94
N HIS A 64 -12.89 -4.40 8.15
CA HIS A 64 -13.56 -3.72 7.06
C HIS A 64 -12.53 -3.15 6.09
N ARG A 65 -11.87 -2.09 6.54
CA ARG A 65 -10.85 -1.44 5.72
C ARG A 65 -10.00 -2.49 5.00
N LEU A 66 -9.38 -3.35 5.79
CA LEU A 66 -8.55 -4.41 5.24
C LEU A 66 -9.28 -5.10 4.10
N GLU A 67 -10.57 -5.34 4.33
CA GLU A 67 -11.40 -5.99 3.32
C GLU A 67 -11.70 -5.03 2.18
N LYS A 68 -12.12 -3.84 2.54
CA LYS A 68 -12.44 -2.82 1.55
C LYS A 68 -11.26 -2.65 0.60
N ILE A 69 -10.09 -2.43 1.20
CA ILE A 69 -8.87 -2.25 0.42
C ILE A 69 -8.64 -3.49 -0.45
N LEU A 70 -8.72 -4.64 0.19
CA LEU A 70 -8.52 -5.90 -0.51
C LEU A 70 -9.57 -6.04 -1.60
N LYS A 71 -10.73 -5.46 -1.34
CA LYS A 71 -11.83 -5.53 -2.29
C LYS A 71 -11.51 -4.63 -3.49
N ALA A 72 -10.71 -3.61 -3.22
CA ALA A 72 -10.31 -2.67 -4.27
C ALA A 72 -8.85 -2.92 -4.64
N ARG A 73 -8.31 -4.01 -4.12
CA ARG A 73 -6.93 -4.35 -4.38
C ARG A 73 -6.61 -4.18 -5.87
N GLU A 74 -7.61 -4.48 -6.69
CA GLU A 74 -7.44 -4.37 -8.13
C GLU A 74 -7.44 -2.89 -8.54
N HIS A 75 -8.37 -2.15 -7.97
CA HIS A 75 -8.49 -0.73 -8.27
C HIS A 75 -7.26 0.00 -7.76
N VAL A 76 -6.80 -0.41 -6.59
CA VAL A 76 -5.62 0.19 -5.99
C VAL A 76 -4.53 0.33 -7.04
N ARG A 77 -4.01 1.56 -7.14
CA ARG A 77 -2.95 1.84 -8.10
C ARG A 77 -2.01 2.92 -7.55
N MET A 78 -0.73 2.67 -7.73
CA MET A 78 0.28 3.61 -7.25
C MET A 78 0.98 4.29 -8.43
N VAL A 79 1.31 5.56 -8.22
CA VAL A 79 1.98 6.34 -9.25
C VAL A 79 3.10 7.17 -8.61
N ILE A 80 4.32 6.87 -9.03
CA ILE A 80 5.48 7.58 -8.52
C ILE A 80 5.43 9.04 -8.97
N ILE A 81 5.07 9.91 -8.05
CA ILE A 81 4.99 11.32 -8.35
C ILE A 81 6.40 11.91 -8.44
N ASN A 82 7.18 11.65 -7.41
CA ASN A 82 8.55 12.13 -7.37
C ASN A 82 9.46 11.05 -6.80
N GLN A 83 10.67 11.00 -7.34
CA GLN A 83 11.64 10.00 -6.90
C GLN A 83 12.42 10.53 -5.70
N SER A 84 12.91 9.59 -4.89
CA SER A 84 13.67 9.96 -3.70
C SER A 84 14.10 8.69 -2.96
N GLY A 85 15.32 8.27 -3.23
CA GLY A 85 15.87 7.08 -2.59
C GLY A 85 16.21 6.01 -3.63
N PRO A 86 17.53 5.70 -3.74
CA PRO A 86 17.99 4.71 -4.68
C PRO A 86 17.67 3.29 -4.18
N SER A 87 18.13 3.00 -2.98
CA SER A 87 17.90 1.70 -2.39
C SER A 87 18.00 1.79 -0.87
N SER A 88 17.18 0.99 -0.19
CA SER A 88 17.17 0.98 1.25
C SER A 88 17.36 -0.46 1.76
N GLY A 89 18.56 -0.71 2.28
CA GLY A 89 18.89 -2.03 2.80
C GLY A 89 19.81 -2.78 1.84
N GLY A 1 -7.76 -14.87 13.58
CA GLY A 1 -8.92 -14.00 13.57
C GLY A 1 -9.21 -13.45 14.96
N SER A 2 -9.09 -12.14 15.09
CA SER A 2 -9.33 -11.48 16.36
C SER A 2 -8.49 -12.12 17.46
N SER A 3 -7.28 -11.59 17.61
CA SER A 3 -6.36 -12.10 18.62
C SER A 3 -6.02 -13.56 18.32
N GLY A 4 -4.90 -13.75 17.65
CA GLY A 4 -4.45 -15.10 17.30
C GLY A 4 -3.75 -15.09 15.95
N SER A 5 -4.55 -14.95 14.90
CA SER A 5 -4.02 -14.94 13.54
C SER A 5 -4.20 -13.56 12.93
N SER A 6 -3.54 -13.36 11.79
CA SER A 6 -3.62 -12.09 11.09
C SER A 6 -3.16 -12.25 9.65
N GLY A 7 -4.12 -12.53 8.77
CA GLY A 7 -3.83 -12.71 7.36
C GLY A 7 -4.16 -11.46 6.57
N LEU A 8 -5.38 -10.98 6.76
CA LEU A 8 -5.84 -9.78 6.07
C LEU A 8 -4.69 -8.76 6.01
N ARG A 9 -4.13 -8.49 7.17
CA ARG A 9 -3.04 -7.53 7.26
C ARG A 9 -2.00 -7.82 6.17
N GLU A 10 -1.36 -8.97 6.30
CA GLU A 10 -0.34 -9.38 5.34
C GLU A 10 -0.86 -9.21 3.92
N GLN A 11 -2.05 -9.74 3.69
CA GLN A 11 -2.68 -9.66 2.37
C GLN A 11 -2.55 -8.23 1.82
N VAL A 12 -2.95 -7.28 2.65
CA VAL A 12 -2.90 -5.88 2.26
C VAL A 12 -1.43 -5.44 2.15
N LYS A 13 -0.62 -5.95 3.07
CA LYS A 13 0.79 -5.62 3.09
C LYS A 13 1.39 -5.90 1.71
N GLU A 14 1.24 -7.14 1.27
CA GLU A 14 1.76 -7.54 -0.03
C GLU A 14 1.14 -6.70 -1.13
N LEU A 15 -0.13 -6.35 -0.93
CA LEU A 15 -0.86 -5.54 -1.90
C LEU A 15 -0.11 -4.22 -2.12
N PHE A 16 -0.17 -3.38 -1.10
CA PHE A 16 0.49 -2.08 -1.17
C PHE A 16 1.93 -2.23 -1.67
N ASN A 17 2.58 -3.28 -1.19
CA ASN A 17 3.96 -3.54 -1.58
C ASN A 17 4.01 -3.90 -3.07
N GLU A 18 3.04 -4.71 -3.48
CA GLU A 18 2.97 -5.14 -4.86
C GLU A 18 2.82 -3.93 -5.78
N LYS A 19 1.91 -3.04 -5.41
CA LYS A 19 1.67 -1.84 -6.19
C LYS A 19 2.97 -1.06 -6.34
N TYR A 20 3.59 -0.78 -5.20
CA TYR A 20 4.84 -0.04 -5.19
C TYR A 20 5.81 -0.59 -6.24
N GLY A 21 5.98 -1.91 -6.21
CA GLY A 21 6.87 -2.57 -7.15
C GLY A 21 6.52 -2.20 -8.59
N GLU A 22 5.28 -2.45 -8.95
CA GLU A 22 4.80 -2.14 -10.28
C GLU A 22 5.00 -0.66 -10.59
N ALA A 23 4.59 0.17 -9.64
CA ALA A 23 4.71 1.61 -9.79
C ALA A 23 6.18 1.97 -9.99
N LEU A 24 7.04 1.26 -9.28
CA LEU A 24 8.46 1.49 -9.37
C LEU A 24 8.98 1.04 -10.74
N GLY A 25 8.09 0.38 -11.47
CA GLY A 25 8.43 -0.12 -12.79
C GLY A 25 9.27 -1.39 -12.69
N LEU A 26 9.09 -2.10 -11.58
CA LEU A 26 9.83 -3.34 -11.36
C LEU A 26 8.90 -4.53 -11.60
N ASN A 27 9.39 -5.70 -11.27
CA ASN A 27 8.62 -6.92 -11.45
C ASN A 27 8.56 -7.69 -10.12
N ARG A 28 8.78 -6.94 -9.04
CA ARG A 28 8.75 -7.53 -7.71
C ARG A 28 8.11 -6.55 -6.73
N PRO A 29 7.48 -7.15 -5.66
CA PRO A 29 6.83 -6.35 -4.64
C PRO A 29 7.86 -5.70 -3.72
N VAL A 30 7.67 -4.40 -3.50
CA VAL A 30 8.57 -3.65 -2.64
C VAL A 30 7.76 -2.95 -1.55
N LEU A 31 8.36 -2.88 -0.36
CA LEU A 31 7.70 -2.25 0.76
C LEU A 31 7.43 -0.77 0.42
N VAL A 32 6.42 -0.23 1.09
CA VAL A 32 6.04 1.16 0.87
C VAL A 32 6.60 2.02 2.01
N PRO A 33 7.47 2.99 1.62
CA PRO A 33 8.07 3.88 2.59
C PRO A 33 7.06 4.93 3.08
N TYR A 34 6.01 4.43 3.70
CA TYR A 34 4.97 5.31 4.22
C TYR A 34 5.56 6.51 4.95
N LYS A 35 6.54 6.20 5.81
CA LYS A 35 7.21 7.24 6.58
C LYS A 35 7.53 8.42 5.67
N LEU A 36 8.14 8.09 4.53
CA LEU A 36 8.52 9.12 3.57
C LEU A 36 7.25 9.77 3.01
N ILE A 37 6.48 8.96 2.28
CA ILE A 37 5.25 9.44 1.68
C ILE A 37 4.50 10.31 2.70
N ARG A 38 4.68 9.96 3.97
CA ARG A 38 4.02 10.69 5.05
C ARG A 38 4.51 12.14 5.08
N ASP A 39 5.82 12.28 5.23
CA ASP A 39 6.43 13.60 5.28
C ASP A 39 6.36 14.24 3.89
N SER A 40 6.55 13.41 2.88
CA SER A 40 6.51 13.88 1.50
C SER A 40 5.26 13.34 0.80
N PRO A 41 4.22 14.22 0.72
CA PRO A 41 2.98 13.84 0.07
C PRO A 41 3.13 13.81 -1.45
N ASP A 42 4.18 14.47 -1.91
CA ASP A 42 4.45 14.54 -3.33
C ASP A 42 5.57 13.55 -3.69
N ALA A 43 5.47 12.37 -3.12
CA ALA A 43 6.47 11.33 -3.37
C ALA A 43 5.86 10.23 -4.24
N VAL A 44 4.75 9.70 -3.76
CA VAL A 44 4.05 8.64 -4.48
C VAL A 44 2.54 8.86 -4.37
N GLU A 45 1.86 8.59 -5.48
CA GLU A 45 0.41 8.75 -5.51
C GLU A 45 -0.27 7.40 -5.33
N VAL A 46 -1.27 7.39 -4.46
CA VAL A 46 -2.02 6.18 -4.19
C VAL A 46 -3.50 6.40 -4.54
N THR A 47 -4.03 5.48 -5.31
CA THR A 47 -5.43 5.56 -5.73
C THR A 47 -6.03 4.15 -5.84
N GLY A 48 -7.33 4.13 -6.11
CA GLY A 48 -8.05 2.87 -6.24
C GLY A 48 -8.62 2.42 -4.91
N LEU A 49 -7.96 2.81 -3.84
CA LEU A 49 -8.39 2.45 -2.50
C LEU A 49 -9.90 2.69 -2.39
N PRO A 50 -10.50 2.06 -1.34
CA PRO A 50 -11.93 2.19 -1.11
C PRO A 50 -12.27 3.57 -0.53
N ASP A 51 -13.42 4.08 -0.95
CA ASP A 51 -13.87 5.38 -0.48
C ASP A 51 -14.03 5.35 1.04
N ASP A 52 -13.80 6.50 1.65
CA ASP A 52 -13.91 6.62 3.09
C ASP A 52 -12.74 5.88 3.75
N ILE A 53 -11.63 5.84 3.03
CA ILE A 53 -10.44 5.17 3.53
C ILE A 53 -9.20 5.79 2.87
N PRO A 54 -8.33 6.38 3.73
CA PRO A 54 -7.11 7.01 3.24
C PRO A 54 -6.07 5.94 2.86
N PHE A 55 -4.82 6.40 2.76
CA PHE A 55 -3.73 5.51 2.40
C PHE A 55 -2.60 5.60 3.42
N ARG A 56 -2.62 4.67 4.37
CA ARG A 56 -1.59 4.64 5.41
C ARG A 56 -1.21 3.20 5.72
N ASN A 57 -0.23 3.06 6.61
CA ASN A 57 0.24 1.75 7.01
C ASN A 57 -0.96 0.79 7.12
N PRO A 58 -0.78 -0.41 6.52
CA PRO A 58 -1.82 -1.42 6.55
C PRO A 58 -1.92 -2.08 7.93
N ASN A 59 -0.96 -1.75 8.78
CA ASN A 59 -0.92 -2.29 10.12
C ASN A 59 -1.62 -1.33 11.08
N THR A 60 -2.92 -1.23 10.92
CA THR A 60 -3.72 -0.34 11.76
C THR A 60 -5.19 -0.39 11.34
N TYR A 61 -5.40 -0.52 10.04
CA TYR A 61 -6.75 -0.58 9.50
C TYR A 61 -7.61 -1.58 10.28
N ASP A 62 -8.88 -1.63 9.92
CA ASP A 62 -9.81 -2.53 10.57
C ASP A 62 -10.30 -3.56 9.55
N ILE A 63 -10.97 -4.59 10.07
CA ILE A 63 -11.50 -5.64 9.22
C ILE A 63 -12.04 -5.02 7.94
N HIS A 64 -13.15 -4.32 8.09
CA HIS A 64 -13.79 -3.68 6.95
C HIS A 64 -12.72 -3.10 6.01
N ARG A 65 -12.10 -2.02 6.47
CA ARG A 65 -11.05 -1.37 5.69
C ARG A 65 -10.14 -2.42 5.06
N LEU A 66 -9.53 -3.23 5.92
CA LEU A 66 -8.63 -4.28 5.46
C LEU A 66 -9.28 -5.02 4.29
N GLU A 67 -10.55 -5.33 4.46
CA GLU A 67 -11.29 -6.04 3.43
C GLU A 67 -11.51 -5.13 2.21
N LYS A 68 -12.00 -3.94 2.49
CA LYS A 68 -12.26 -2.97 1.43
C LYS A 68 -11.03 -2.87 0.53
N ILE A 69 -9.88 -2.64 1.17
CA ILE A 69 -8.63 -2.52 0.44
C ILE A 69 -8.43 -3.76 -0.43
N LEU A 70 -8.56 -4.91 0.21
CA LEU A 70 -8.40 -6.18 -0.50
C LEU A 70 -9.39 -6.25 -1.65
N LYS A 71 -10.61 -5.82 -1.36
CA LYS A 71 -11.66 -5.83 -2.37
C LYS A 71 -11.31 -4.85 -3.49
N ALA A 72 -10.44 -3.90 -3.15
CA ALA A 72 -10.01 -2.90 -4.11
C ALA A 72 -8.54 -3.12 -4.43
N ARG A 73 -8.11 -4.36 -4.29
CA ARG A 73 -6.73 -4.72 -4.58
C ARG A 73 -6.43 -4.54 -6.06
N GLU A 74 -7.44 -4.83 -6.88
CA GLU A 74 -7.29 -4.72 -8.32
C GLU A 74 -7.48 -3.26 -8.75
N HIS A 75 -8.13 -2.50 -7.88
CA HIS A 75 -8.38 -1.10 -8.17
C HIS A 75 -7.19 -0.25 -7.67
N VAL A 76 -6.70 -0.63 -6.50
CA VAL A 76 -5.57 0.07 -5.91
C VAL A 76 -4.48 0.25 -6.96
N ARG A 77 -4.02 1.49 -7.09
CA ARG A 77 -2.98 1.81 -8.05
C ARG A 77 -2.03 2.87 -7.47
N MET A 78 -0.74 2.68 -7.74
CA MET A 78 0.26 3.60 -7.26
C MET A 78 0.95 4.31 -8.42
N VAL A 79 1.19 5.60 -8.24
CA VAL A 79 1.85 6.40 -9.26
C VAL A 79 2.99 7.21 -8.62
N ILE A 80 4.19 6.97 -9.12
CA ILE A 80 5.36 7.67 -8.61
C ILE A 80 5.30 9.14 -9.04
N ILE A 81 4.99 9.99 -8.07
CA ILE A 81 4.89 11.41 -8.33
C ILE A 81 6.30 11.99 -8.52
N ASN A 82 7.18 11.65 -7.58
CA ASN A 82 8.55 12.12 -7.64
C ASN A 82 9.49 10.92 -7.67
N GLN A 83 10.03 10.66 -8.87
CA GLN A 83 10.95 9.55 -9.05
C GLN A 83 12.37 9.97 -8.70
N SER A 84 13.21 8.97 -8.47
CA SER A 84 14.60 9.23 -8.12
C SER A 84 14.68 9.89 -6.75
N GLY A 85 15.68 9.49 -5.99
CA GLY A 85 15.89 10.03 -4.65
C GLY A 85 16.66 9.06 -3.77
N PRO A 86 16.04 8.74 -2.60
CA PRO A 86 16.66 7.81 -1.66
C PRO A 86 16.55 6.37 -2.16
N SER A 87 17.70 5.82 -2.53
CA SER A 87 17.74 4.45 -3.02
C SER A 87 19.19 3.95 -3.04
N SER A 88 19.33 2.64 -3.13
CA SER A 88 20.65 2.02 -3.15
C SER A 88 21.47 2.61 -4.29
N GLY A 89 22.63 3.14 -3.94
CA GLY A 89 23.52 3.73 -4.91
C GLY A 89 24.78 4.29 -4.24
N GLY A 1 -2.01 -26.49 10.58
CA GLY A 1 -2.46 -25.16 10.95
C GLY A 1 -3.09 -24.45 9.75
N SER A 2 -4.29 -23.92 9.98
CA SER A 2 -5.01 -23.22 8.95
C SER A 2 -5.58 -21.92 9.50
N SER A 3 -5.05 -20.80 9.01
CA SER A 3 -5.50 -19.49 9.45
C SER A 3 -5.22 -19.32 10.94
N GLY A 4 -4.89 -18.09 11.31
CA GLY A 4 -4.60 -17.78 12.70
C GLY A 4 -4.21 -16.31 12.86
N SER A 5 -2.94 -16.03 12.60
CA SER A 5 -2.43 -14.67 12.70
C SER A 5 -3.15 -13.77 11.71
N SER A 6 -2.92 -12.47 11.88
CA SER A 6 -3.55 -11.48 11.01
C SER A 6 -3.17 -11.75 9.55
N GLY A 7 -4.12 -12.34 8.83
CA GLY A 7 -3.90 -12.66 7.42
C GLY A 7 -4.10 -11.43 6.55
N LEU A 8 -5.33 -10.94 6.55
CA LEU A 8 -5.67 -9.76 5.75
C LEU A 8 -4.54 -8.73 5.85
N ARG A 9 -4.06 -8.55 7.07
CA ARG A 9 -2.98 -7.60 7.31
C ARG A 9 -1.82 -7.87 6.36
N GLU A 10 -1.36 -9.11 6.35
CA GLU A 10 -0.26 -9.51 5.49
C GLU A 10 -0.68 -9.39 4.02
N GLN A 11 -1.90 -9.83 3.74
CA GLN A 11 -2.42 -9.79 2.39
C GLN A 11 -2.39 -8.36 1.86
N VAL A 12 -2.81 -7.43 2.71
CA VAL A 12 -2.84 -6.02 2.34
C VAL A 12 -1.40 -5.50 2.22
N LYS A 13 -0.59 -5.87 3.20
CA LYS A 13 0.79 -5.46 3.22
C LYS A 13 1.43 -5.76 1.85
N GLU A 14 1.24 -6.98 1.41
CA GLU A 14 1.79 -7.42 0.13
C GLU A 14 1.14 -6.64 -1.01
N LEU A 15 -0.14 -6.35 -0.83
CA LEU A 15 -0.89 -5.60 -1.84
C LEU A 15 -0.19 -4.28 -2.12
N PHE A 16 -0.15 -3.43 -1.10
CA PHE A 16 0.48 -2.13 -1.23
C PHE A 16 1.92 -2.27 -1.75
N ASN A 17 2.61 -3.27 -1.22
CA ASN A 17 3.98 -3.52 -1.62
C ASN A 17 4.01 -3.93 -3.10
N GLU A 18 3.01 -4.72 -3.48
CA GLU A 18 2.90 -5.20 -4.85
C GLU A 18 2.72 -4.02 -5.80
N LYS A 19 1.82 -3.12 -5.41
CA LYS A 19 1.54 -1.95 -6.22
C LYS A 19 2.82 -1.14 -6.41
N TYR A 20 3.44 -0.81 -5.29
CA TYR A 20 4.67 -0.04 -5.32
C TYR A 20 5.66 -0.62 -6.34
N GLY A 21 5.89 -1.92 -6.23
CA GLY A 21 6.81 -2.60 -7.13
C GLY A 21 6.46 -2.30 -8.58
N GLU A 22 5.21 -2.57 -8.92
CA GLU A 22 4.74 -2.33 -10.28
C GLU A 22 4.92 -0.87 -10.66
N ALA A 23 4.51 0.01 -9.75
CA ALA A 23 4.63 1.44 -9.98
C ALA A 23 6.10 1.81 -10.14
N LEU A 24 6.95 1.06 -9.45
CA LEU A 24 8.38 1.30 -9.52
C LEU A 24 8.92 0.79 -10.86
N GLY A 25 8.02 0.15 -11.61
CA GLY A 25 8.40 -0.38 -12.91
C GLY A 25 9.21 -1.67 -12.77
N LEU A 26 9.07 -2.28 -11.60
CA LEU A 26 9.79 -3.52 -11.32
C LEU A 26 8.84 -4.71 -11.55
N ASN A 27 9.35 -5.88 -11.23
CA ASN A 27 8.57 -7.10 -11.38
C ASN A 27 8.49 -7.83 -10.04
N ARG A 28 8.70 -7.07 -8.98
CA ARG A 28 8.64 -7.62 -7.63
C ARG A 28 8.04 -6.61 -6.67
N PRO A 29 7.44 -7.14 -5.57
CA PRO A 29 6.81 -6.30 -4.56
C PRO A 29 7.87 -5.62 -3.69
N VAL A 30 7.64 -4.34 -3.43
CA VAL A 30 8.56 -3.57 -2.62
C VAL A 30 7.78 -2.85 -1.51
N LEU A 31 8.39 -2.79 -0.34
CA LEU A 31 7.76 -2.14 0.80
C LEU A 31 7.51 -0.67 0.46
N VAL A 32 6.46 -0.13 1.05
CA VAL A 32 6.09 1.26 0.83
C VAL A 32 6.58 2.11 2.00
N PRO A 33 7.45 3.11 1.66
CA PRO A 33 7.99 3.99 2.67
C PRO A 33 6.93 5.01 3.14
N TYR A 34 5.94 4.50 3.83
CA TYR A 34 4.86 5.34 4.34
C TYR A 34 5.42 6.52 5.13
N LYS A 35 6.36 6.20 6.01
CA LYS A 35 6.98 7.22 6.83
C LYS A 35 7.38 8.42 5.96
N LEU A 36 7.98 8.11 4.82
CA LEU A 36 8.40 9.15 3.90
C LEU A 36 7.17 9.77 3.24
N ILE A 37 6.50 8.98 2.42
CA ILE A 37 5.30 9.43 1.74
C ILE A 37 4.47 10.28 2.69
N ARG A 38 4.49 9.89 3.96
CA ARG A 38 3.73 10.61 4.97
C ARG A 38 4.20 12.07 5.04
N ASP A 39 5.51 12.22 5.25
CA ASP A 39 6.09 13.55 5.34
C ASP A 39 6.15 14.18 3.95
N SER A 40 6.32 13.31 2.95
CA SER A 40 6.40 13.77 1.57
C SER A 40 5.20 13.25 0.78
N PRO A 41 4.15 14.12 0.70
CA PRO A 41 2.94 13.75 -0.02
C PRO A 41 3.16 13.82 -1.53
N ASP A 42 4.28 14.43 -1.92
CA ASP A 42 4.62 14.56 -3.32
C ASP A 42 5.76 13.59 -3.65
N ALA A 43 5.60 12.36 -3.20
CA ALA A 43 6.61 11.33 -3.44
C ALA A 43 5.98 10.21 -4.28
N VAL A 44 4.85 9.72 -3.79
CA VAL A 44 4.15 8.65 -4.48
C VAL A 44 2.64 8.89 -4.39
N GLU A 45 1.96 8.60 -5.49
CA GLU A 45 0.53 8.79 -5.56
C GLU A 45 -0.20 7.45 -5.37
N VAL A 46 -1.20 7.46 -4.51
CA VAL A 46 -1.97 6.27 -4.22
C VAL A 46 -3.44 6.52 -4.58
N THR A 47 -3.98 5.61 -5.39
CA THR A 47 -5.36 5.72 -5.81
C THR A 47 -5.99 4.34 -5.96
N GLY A 48 -7.31 4.33 -6.11
CA GLY A 48 -8.03 3.08 -6.26
C GLY A 48 -8.58 2.58 -4.92
N LEU A 49 -7.95 3.07 -3.85
CA LEU A 49 -8.35 2.70 -2.51
C LEU A 49 -9.88 2.85 -2.37
N PRO A 50 -10.42 2.22 -1.32
CA PRO A 50 -11.86 2.28 -1.07
C PRO A 50 -12.26 3.65 -0.51
N ASP A 51 -13.46 4.07 -0.86
CA ASP A 51 -13.98 5.34 -0.41
C ASP A 51 -14.09 5.34 1.12
N ASP A 52 -13.82 6.49 1.71
CA ASP A 52 -13.88 6.63 3.15
C ASP A 52 -12.71 5.87 3.78
N ILE A 53 -11.60 5.87 3.06
CA ILE A 53 -10.41 5.18 3.54
C ILE A 53 -9.17 5.86 2.94
N PRO A 54 -8.32 6.39 3.86
CA PRO A 54 -7.10 7.07 3.45
C PRO A 54 -6.04 6.06 2.99
N PHE A 55 -4.81 6.54 2.93
CA PHE A 55 -3.71 5.69 2.52
C PHE A 55 -2.55 5.76 3.53
N ARG A 56 -2.54 4.77 4.43
CA ARG A 56 -1.51 4.71 5.45
C ARG A 56 -1.09 3.25 5.69
N ASN A 57 -0.16 3.08 6.60
CA ASN A 57 0.33 1.76 6.94
C ASN A 57 -0.84 0.78 6.96
N PRO A 58 -0.65 -0.37 6.27
CA PRO A 58 -1.67 -1.40 6.20
C PRO A 58 -1.77 -2.18 7.52
N ASN A 59 -0.70 -2.07 8.29
CA ASN A 59 -0.65 -2.76 9.59
C ASN A 59 -1.25 -1.85 10.66
N THR A 60 -2.56 -1.67 10.57
CA THR A 60 -3.26 -0.83 11.53
C THR A 60 -4.75 -0.77 11.19
N TYR A 61 -5.03 -0.77 9.90
CA TYR A 61 -6.41 -0.72 9.43
C TYR A 61 -7.29 -1.71 10.20
N ASP A 62 -8.58 -1.63 9.92
CA ASP A 62 -9.54 -2.51 10.57
C ASP A 62 -10.05 -3.54 9.56
N ILE A 63 -10.72 -4.55 10.08
CA ILE A 63 -11.26 -5.60 9.24
C ILE A 63 -11.84 -4.98 7.96
N HIS A 64 -12.94 -4.27 8.14
CA HIS A 64 -13.60 -3.62 7.02
C HIS A 64 -12.55 -3.05 6.07
N ARG A 65 -11.92 -1.97 6.51
CA ARG A 65 -10.89 -1.32 5.72
C ARG A 65 -9.98 -2.37 5.06
N LEU A 66 -9.37 -3.19 5.89
CA LEU A 66 -8.48 -4.22 5.41
C LEU A 66 -9.15 -4.96 4.25
N GLU A 67 -10.40 -5.34 4.47
CA GLU A 67 -11.17 -6.05 3.46
C GLU A 67 -11.42 -5.14 2.26
N LYS A 68 -11.99 -3.97 2.55
CA LYS A 68 -12.29 -3.01 1.51
C LYS A 68 -11.08 -2.88 0.57
N ILE A 69 -9.94 -2.56 1.17
CA ILE A 69 -8.71 -2.40 0.41
C ILE A 69 -8.50 -3.64 -0.47
N LEU A 70 -8.72 -4.81 0.14
CA LEU A 70 -8.56 -6.06 -0.57
C LEU A 70 -9.55 -6.12 -1.72
N LYS A 71 -10.75 -5.62 -1.46
CA LYS A 71 -11.79 -5.62 -2.46
C LYS A 71 -11.43 -4.62 -3.57
N ALA A 72 -10.50 -3.75 -3.25
CA ALA A 72 -10.06 -2.74 -4.20
C ALA A 72 -8.57 -2.95 -4.49
N ARG A 73 -8.17 -4.21 -4.46
CA ARG A 73 -6.77 -4.55 -4.72
C ARG A 73 -6.45 -4.35 -6.20
N GLU A 74 -7.45 -4.60 -7.03
CA GLU A 74 -7.28 -4.45 -8.47
C GLU A 74 -7.49 -2.99 -8.88
N HIS A 75 -8.20 -2.27 -8.03
CA HIS A 75 -8.48 -0.86 -8.28
C HIS A 75 -7.30 -0.01 -7.79
N VAL A 76 -6.71 -0.46 -6.70
CA VAL A 76 -5.57 0.27 -6.13
C VAL A 76 -4.50 0.44 -7.19
N ARG A 77 -4.04 1.67 -7.33
CA ARG A 77 -3.01 2.00 -8.30
C ARG A 77 -2.05 3.05 -7.73
N MET A 78 -0.76 2.75 -7.85
CA MET A 78 0.26 3.66 -7.36
C MET A 78 0.97 4.36 -8.52
N VAL A 79 1.30 5.62 -8.28
CA VAL A 79 1.99 6.42 -9.29
C VAL A 79 3.11 7.21 -8.62
N ILE A 80 4.33 6.95 -9.09
CA ILE A 80 5.49 7.63 -8.56
C ILE A 80 5.47 9.09 -9.01
N ILE A 81 5.21 9.97 -8.04
CA ILE A 81 5.16 11.40 -8.32
C ILE A 81 6.58 11.92 -8.50
N ASN A 82 7.36 11.80 -7.43
CA ASN A 82 8.74 12.26 -7.46
C ASN A 82 9.68 11.05 -7.33
N GLN A 83 10.68 11.04 -8.20
CA GLN A 83 11.65 9.95 -8.20
C GLN A 83 12.21 9.75 -6.79
N SER A 84 12.14 8.51 -6.33
CA SER A 84 12.64 8.17 -5.01
C SER A 84 12.99 6.68 -4.94
N GLY A 85 13.70 6.32 -3.90
CA GLY A 85 14.11 4.93 -3.70
C GLY A 85 13.74 4.44 -2.30
N PRO A 86 13.41 3.12 -2.23
CA PRO A 86 13.03 2.52 -0.96
C PRO A 86 14.26 2.30 -0.07
N SER A 87 14.03 1.66 1.07
CA SER A 87 15.10 1.38 2.01
C SER A 87 14.79 0.10 2.79
N SER A 88 15.20 -1.01 2.21
CA SER A 88 14.98 -2.30 2.84
C SER A 88 16.01 -2.54 3.94
N GLY A 89 15.60 -3.28 4.96
CA GLY A 89 16.47 -3.59 6.07
C GLY A 89 17.02 -5.01 5.97
N GLY A 1 -10.01 -16.62 13.85
CA GLY A 1 -8.70 -16.06 14.17
C GLY A 1 -8.26 -16.46 15.58
N SER A 2 -8.82 -15.77 16.56
CA SER A 2 -8.50 -16.04 17.94
C SER A 2 -6.99 -15.94 18.16
N SER A 3 -6.58 -14.83 18.77
CA SER A 3 -5.17 -14.60 19.04
C SER A 3 -4.41 -14.46 17.72
N GLY A 4 -3.79 -13.31 17.55
CA GLY A 4 -3.02 -13.03 16.35
C GLY A 4 -3.80 -13.44 15.09
N SER A 5 -3.19 -14.32 14.31
CA SER A 5 -3.81 -14.79 13.09
C SER A 5 -4.44 -13.63 12.33
N SER A 6 -3.61 -12.96 11.54
CA SER A 6 -4.07 -11.82 10.76
C SER A 6 -3.58 -11.94 9.32
N GLY A 7 -4.38 -12.63 8.51
CA GLY A 7 -4.04 -12.83 7.12
C GLY A 7 -4.28 -11.55 6.31
N LEU A 8 -5.49 -11.03 6.43
CA LEU A 8 -5.85 -9.83 5.71
C LEU A 8 -4.68 -8.84 5.74
N ARG A 9 -4.19 -8.59 6.95
CA ARG A 9 -3.07 -7.68 7.13
C ARG A 9 -1.95 -8.01 6.13
N GLU A 10 -1.44 -9.22 6.23
CA GLU A 10 -0.38 -9.67 5.35
C GLU A 10 -0.79 -9.48 3.90
N GLN A 11 -2.04 -9.82 3.61
CA GLN A 11 -2.56 -9.69 2.26
C GLN A 11 -2.43 -8.25 1.78
N VAL A 12 -3.02 -7.35 2.55
CA VAL A 12 -2.98 -5.94 2.21
C VAL A 12 -1.52 -5.48 2.12
N LYS A 13 -0.71 -5.99 3.03
CA LYS A 13 0.69 -5.65 3.06
C LYS A 13 1.30 -5.90 1.68
N GLU A 14 1.17 -7.14 1.24
CA GLU A 14 1.70 -7.53 -0.07
C GLU A 14 1.07 -6.68 -1.18
N LEU A 15 -0.19 -6.33 -0.95
CA LEU A 15 -0.92 -5.53 -1.92
C LEU A 15 -0.19 -4.20 -2.14
N PHE A 16 -0.24 -3.36 -1.10
CA PHE A 16 0.41 -2.07 -1.16
C PHE A 16 1.85 -2.19 -1.64
N ASN A 17 2.51 -3.26 -1.19
CA ASN A 17 3.88 -3.51 -1.57
C ASN A 17 3.95 -3.86 -3.06
N GLU A 18 2.99 -4.67 -3.48
CA GLU A 18 2.93 -5.09 -4.87
C GLU A 18 2.78 -3.87 -5.79
N LYS A 19 1.87 -2.98 -5.40
CA LYS A 19 1.63 -1.78 -6.17
C LYS A 19 2.94 -1.00 -6.32
N TYR A 20 3.54 -0.70 -5.18
CA TYR A 20 4.80 0.03 -5.16
C TYR A 20 5.78 -0.52 -6.19
N GLY A 21 5.99 -1.83 -6.11
CA GLY A 21 6.89 -2.50 -7.02
C GLY A 21 6.54 -2.19 -8.48
N GLU A 22 5.31 -2.53 -8.83
CA GLU A 22 4.82 -2.29 -10.18
C GLU A 22 5.00 -0.82 -10.55
N ALA A 23 4.61 0.04 -9.64
CA ALA A 23 4.71 1.47 -9.86
C ALA A 23 6.18 1.85 -10.05
N LEU A 24 7.04 1.14 -9.32
CA LEU A 24 8.47 1.40 -9.41
C LEU A 24 8.99 0.88 -10.75
N GLY A 25 8.12 0.19 -11.46
CA GLY A 25 8.48 -0.37 -12.76
C GLY A 25 9.33 -1.63 -12.59
N LEU A 26 9.18 -2.27 -11.45
CA LEU A 26 9.92 -3.48 -11.16
C LEU A 26 9.03 -4.70 -11.39
N ASN A 27 9.54 -5.85 -11.01
CA ASN A 27 8.80 -7.09 -11.16
C ASN A 27 8.69 -7.79 -9.80
N ARG A 28 8.89 -7.01 -8.75
CA ARG A 28 8.81 -7.54 -7.41
C ARG A 28 8.16 -6.51 -6.47
N PRO A 29 7.51 -7.04 -5.41
CA PRO A 29 6.83 -6.19 -4.44
C PRO A 29 7.84 -5.51 -3.51
N VAL A 30 7.65 -4.21 -3.33
CA VAL A 30 8.54 -3.43 -2.49
C VAL A 30 7.71 -2.73 -1.41
N LEU A 31 8.28 -2.69 -0.21
CA LEU A 31 7.61 -2.05 0.91
C LEU A 31 7.39 -0.57 0.59
N VAL A 32 6.27 -0.05 1.08
CA VAL A 32 5.93 1.34 0.86
C VAL A 32 6.43 2.18 2.04
N PRO A 33 7.33 3.15 1.71
CA PRO A 33 7.90 4.03 2.72
C PRO A 33 6.87 5.07 3.18
N TYR A 34 5.78 4.57 3.74
CA TYR A 34 4.73 5.45 4.22
C TYR A 34 5.30 6.63 5.02
N LYS A 35 6.31 6.32 5.82
CA LYS A 35 6.95 7.33 6.64
C LYS A 35 7.33 8.52 5.76
N LEU A 36 8.05 8.21 4.69
CA LEU A 36 8.49 9.25 3.76
C LEU A 36 7.26 9.91 3.13
N ILE A 37 6.54 9.13 2.35
CA ILE A 37 5.34 9.63 1.68
C ILE A 37 4.59 10.55 2.64
N ARG A 38 4.47 10.10 3.88
CA ARG A 38 3.78 10.88 4.89
C ARG A 38 4.37 12.28 4.98
N ASP A 39 5.69 12.34 5.09
CA ASP A 39 6.38 13.61 5.18
C ASP A 39 6.42 14.27 3.81
N SER A 40 6.47 13.42 2.79
CA SER A 40 6.50 13.91 1.41
C SER A 40 5.28 13.39 0.65
N PRO A 41 4.25 14.28 0.53
CA PRO A 41 3.03 13.93 -0.17
C PRO A 41 3.25 13.95 -1.68
N ASP A 42 4.35 14.57 -2.08
CA ASP A 42 4.68 14.67 -3.49
C ASP A 42 5.81 13.69 -3.81
N ALA A 43 5.62 12.45 -3.38
CA ALA A 43 6.62 11.42 -3.62
C ALA A 43 5.98 10.27 -4.40
N VAL A 44 4.87 9.78 -3.86
CA VAL A 44 4.15 8.68 -4.50
C VAL A 44 2.65 8.94 -4.41
N GLU A 45 1.95 8.55 -5.48
CA GLU A 45 0.52 8.75 -5.53
C GLU A 45 -0.20 7.42 -5.30
N VAL A 46 -1.20 7.46 -4.42
CA VAL A 46 -1.97 6.27 -4.11
C VAL A 46 -3.44 6.51 -4.47
N THR A 47 -3.95 5.63 -5.33
CA THR A 47 -5.33 5.73 -5.77
C THR A 47 -5.95 4.34 -5.93
N GLY A 48 -7.24 4.32 -6.20
CA GLY A 48 -7.95 3.08 -6.39
C GLY A 48 -8.55 2.59 -5.06
N LEU A 49 -7.90 2.99 -3.98
CA LEU A 49 -8.36 2.61 -2.65
C LEU A 49 -9.88 2.74 -2.57
N PRO A 50 -10.46 2.11 -1.52
CA PRO A 50 -11.89 2.16 -1.32
C PRO A 50 -12.33 3.53 -0.79
N ASP A 51 -13.51 3.95 -1.25
CA ASP A 51 -14.06 5.23 -0.84
C ASP A 51 -14.24 5.24 0.68
N ASP A 52 -14.03 6.41 1.27
CA ASP A 52 -14.16 6.57 2.70
C ASP A 52 -13.00 5.84 3.40
N ILE A 53 -11.87 5.83 2.72
CA ILE A 53 -10.69 5.17 3.26
C ILE A 53 -9.43 5.84 2.69
N PRO A 54 -8.62 6.43 3.61
CA PRO A 54 -7.40 7.11 3.21
C PRO A 54 -6.31 6.09 2.85
N PHE A 55 -5.08 6.58 2.82
CA PHE A 55 -3.94 5.73 2.48
C PHE A 55 -2.84 5.84 3.54
N ARG A 56 -2.80 4.85 4.42
CA ARG A 56 -1.81 4.82 5.48
C ARG A 56 -1.34 3.39 5.74
N ASN A 57 -0.39 3.26 6.66
CA ASN A 57 0.14 1.96 7.00
C ASN A 57 -0.99 0.94 7.05
N PRO A 58 -0.75 -0.21 6.35
CA PRO A 58 -1.75 -1.27 6.30
C PRO A 58 -1.80 -2.03 7.64
N ASN A 59 -0.79 -1.80 8.45
CA ASN A 59 -0.70 -2.46 9.75
C ASN A 59 -1.39 -1.58 10.80
N THR A 60 -2.71 -1.53 10.73
CA THR A 60 -3.48 -0.74 11.66
C THR A 60 -4.96 -0.76 11.29
N TYR A 61 -5.21 -0.81 9.98
CA TYR A 61 -6.57 -0.84 9.47
C TYR A 61 -7.41 -1.88 10.22
N ASP A 62 -8.71 -1.84 9.97
CA ASP A 62 -9.62 -2.77 10.60
C ASP A 62 -10.16 -3.74 9.56
N ILE A 63 -10.79 -4.81 10.05
CA ILE A 63 -11.36 -5.82 9.17
C ILE A 63 -12.01 -5.13 7.97
N HIS A 64 -12.65 -4.00 8.25
CA HIS A 64 -13.33 -3.25 7.21
C HIS A 64 -12.31 -2.80 6.17
N ARG A 65 -11.51 -1.82 6.55
CA ARG A 65 -10.48 -1.29 5.66
C ARG A 65 -9.75 -2.43 4.96
N LEU A 66 -9.25 -3.35 5.77
CA LEU A 66 -8.52 -4.49 5.23
C LEU A 66 -9.38 -5.19 4.18
N GLU A 67 -10.61 -5.49 4.57
CA GLU A 67 -11.54 -6.16 3.69
C GLU A 67 -11.78 -5.30 2.44
N LYS A 68 -12.20 -4.07 2.68
CA LYS A 68 -12.49 -3.14 1.59
C LYS A 68 -11.26 -3.08 0.67
N ILE A 69 -10.16 -2.64 1.23
CA ILE A 69 -8.92 -2.53 0.47
C ILE A 69 -8.74 -3.77 -0.39
N LEU A 70 -8.66 -4.91 0.29
CA LEU A 70 -8.47 -6.18 -0.40
C LEU A 70 -9.46 -6.26 -1.57
N LYS A 71 -10.62 -5.67 -1.35
CA LYS A 71 -11.66 -5.67 -2.38
C LYS A 71 -11.25 -4.73 -3.51
N ALA A 72 -10.66 -3.60 -3.12
CA ALA A 72 -10.22 -2.62 -4.10
C ALA A 72 -8.75 -2.85 -4.43
N ARG A 73 -8.28 -4.05 -4.07
CA ARG A 73 -6.89 -4.42 -4.32
C ARG A 73 -6.55 -4.22 -5.80
N GLU A 74 -7.53 -4.53 -6.64
CA GLU A 74 -7.34 -4.39 -8.08
C GLU A 74 -7.38 -2.92 -8.48
N HIS A 75 -8.30 -2.19 -7.86
CA HIS A 75 -8.45 -0.77 -8.15
C HIS A 75 -7.22 -0.02 -7.65
N VAL A 76 -6.79 -0.36 -6.44
CA VAL A 76 -5.62 0.27 -5.86
C VAL A 76 -4.52 0.37 -6.90
N ARG A 77 -4.01 1.59 -7.06
CA ARG A 77 -2.95 1.83 -8.03
C ARG A 77 -2.01 2.91 -7.51
N MET A 78 -0.71 2.64 -7.66
CA MET A 78 0.30 3.58 -7.21
C MET A 78 0.99 4.25 -8.40
N VAL A 79 1.33 5.52 -8.21
CA VAL A 79 2.00 6.28 -9.26
C VAL A 79 3.15 7.08 -8.64
N ILE A 80 4.35 6.77 -9.11
CA ILE A 80 5.54 7.46 -8.61
C ILE A 80 5.51 8.92 -9.05
N ILE A 81 4.92 9.75 -8.20
CA ILE A 81 4.80 11.17 -8.48
C ILE A 81 6.17 11.69 -8.96
N ASN A 82 7.14 11.60 -8.07
CA ASN A 82 8.48 12.06 -8.39
C ASN A 82 9.31 10.88 -8.91
N GLN A 83 10.62 10.98 -8.70
CA GLN A 83 11.52 9.94 -9.15
C GLN A 83 11.72 10.01 -10.66
N SER A 84 10.61 9.86 -11.38
CA SER A 84 10.64 9.91 -12.83
C SER A 84 11.42 8.72 -13.38
N GLY A 85 11.06 8.32 -14.58
CA GLY A 85 11.72 7.19 -15.23
C GLY A 85 11.04 5.87 -14.86
N PRO A 86 10.47 5.21 -15.90
CA PRO A 86 9.78 3.95 -15.70
C PRO A 86 10.78 2.81 -15.49
N SER A 87 11.76 2.76 -16.37
CA SER A 87 12.79 1.73 -16.29
C SER A 87 12.17 0.35 -16.50
N SER A 88 13.01 -0.60 -16.87
CA SER A 88 12.56 -1.96 -17.09
C SER A 88 11.53 -1.99 -18.23
N GLY A 89 10.28 -1.81 -17.86
CA GLY A 89 9.20 -1.82 -18.83
C GLY A 89 8.01 -1.00 -18.33
N GLY A 1 8.66 -6.54 12.85
CA GLY A 1 8.06 -7.67 13.52
C GLY A 1 6.83 -7.25 14.32
N SER A 2 5.76 -8.03 14.17
CA SER A 2 4.53 -7.75 14.88
C SER A 2 3.85 -9.06 15.29
N SER A 3 2.92 -8.94 16.22
CA SER A 3 2.19 -10.10 16.71
C SER A 3 0.78 -10.13 16.11
N GLY A 4 0.16 -11.30 16.20
CA GLY A 4 -1.18 -11.47 15.67
C GLY A 4 -1.23 -11.15 14.17
N SER A 5 -1.94 -10.08 13.86
CA SER A 5 -2.07 -9.65 12.48
C SER A 5 -2.80 -10.72 11.66
N SER A 6 -4.04 -10.43 11.33
CA SER A 6 -4.85 -11.35 10.55
C SER A 6 -4.32 -11.42 9.12
N GLY A 7 -4.55 -12.58 8.50
CA GLY A 7 -4.11 -12.79 7.14
C GLY A 7 -4.31 -11.54 6.29
N LEU A 8 -5.53 -11.01 6.36
CA LEU A 8 -5.87 -9.81 5.61
C LEU A 8 -4.73 -8.79 5.75
N ARG A 9 -4.29 -8.62 6.99
CA ARG A 9 -3.22 -7.68 7.27
C ARG A 9 -2.05 -7.91 6.31
N GLU A 10 -1.50 -9.11 6.38
CA GLU A 10 -0.37 -9.47 5.53
C GLU A 10 -0.73 -9.26 4.05
N GLN A 11 -1.97 -9.59 3.73
CA GLN A 11 -2.45 -9.45 2.36
C GLN A 11 -2.33 -7.99 1.91
N VAL A 12 -2.98 -7.11 2.65
CA VAL A 12 -2.96 -5.70 2.33
C VAL A 12 -1.51 -5.23 2.23
N LYS A 13 -0.69 -5.73 3.15
CA LYS A 13 0.72 -5.38 3.17
C LYS A 13 1.33 -5.65 1.79
N GLU A 14 1.34 -6.93 1.43
CA GLU A 14 1.89 -7.34 0.15
C GLU A 14 1.22 -6.56 -0.99
N LEU A 15 -0.06 -6.30 -0.81
CA LEU A 15 -0.83 -5.57 -1.80
C LEU A 15 -0.14 -4.23 -2.10
N PHE A 16 -0.22 -3.34 -1.12
CA PHE A 16 0.39 -2.03 -1.26
C PHE A 16 1.82 -2.14 -1.79
N ASN A 17 2.54 -3.12 -1.27
CA ASN A 17 3.92 -3.35 -1.68
C ASN A 17 3.94 -3.75 -3.16
N GLU A 18 3.03 -4.65 -3.51
CA GLU A 18 2.94 -5.12 -4.88
C GLU A 18 2.76 -3.95 -5.84
N LYS A 19 1.87 -3.04 -5.46
CA LYS A 19 1.60 -1.87 -6.27
C LYS A 19 2.90 -1.10 -6.49
N TYR A 20 3.51 -0.71 -5.39
CA TYR A 20 4.75 0.04 -5.44
C TYR A 20 5.72 -0.58 -6.46
N GLY A 21 5.98 -1.87 -6.27
CA GLY A 21 6.88 -2.59 -7.17
C GLY A 21 6.55 -2.28 -8.63
N GLU A 22 5.29 -2.51 -8.98
CA GLU A 22 4.84 -2.26 -10.34
C GLU A 22 5.04 -0.79 -10.71
N ALA A 23 4.60 0.08 -9.82
CA ALA A 23 4.73 1.52 -10.04
C ALA A 23 6.20 1.87 -10.21
N LEU A 24 7.04 1.14 -9.48
CA LEU A 24 8.47 1.37 -9.53
C LEU A 24 9.01 0.88 -10.88
N GLY A 25 8.14 0.25 -11.63
CA GLY A 25 8.51 -0.27 -12.93
C GLY A 25 9.28 -1.59 -12.80
N LEU A 26 9.20 -2.18 -11.62
CA LEU A 26 9.88 -3.43 -11.36
C LEU A 26 8.89 -4.58 -11.54
N ASN A 27 9.39 -5.78 -11.31
CA ASN A 27 8.57 -6.98 -11.45
C ASN A 27 8.53 -7.73 -10.11
N ARG A 28 8.76 -6.98 -9.04
CA ARG A 28 8.76 -7.55 -7.70
C ARG A 28 8.12 -6.57 -6.72
N PRO A 29 7.47 -7.16 -5.66
CA PRO A 29 6.83 -6.35 -4.65
C PRO A 29 7.85 -5.72 -3.71
N VAL A 30 7.72 -4.42 -3.53
CA VAL A 30 8.62 -3.68 -2.66
C VAL A 30 7.82 -2.98 -1.57
N LEU A 31 8.42 -2.88 -0.39
CA LEU A 31 7.78 -2.23 0.73
C LEU A 31 7.48 -0.77 0.37
N VAL A 32 6.48 -0.23 1.05
CA VAL A 32 6.09 1.15 0.82
C VAL A 32 6.51 2.02 2.01
N PRO A 33 7.43 2.98 1.73
CA PRO A 33 7.92 3.87 2.76
C PRO A 33 6.87 4.93 3.11
N TYR A 34 5.82 4.48 3.78
CA TYR A 34 4.75 5.37 4.18
C TYR A 34 5.29 6.53 5.02
N LYS A 35 6.29 6.21 5.83
CA LYS A 35 6.90 7.22 6.69
C LYS A 35 7.40 8.38 5.83
N LEU A 36 7.88 8.03 4.64
CA LEU A 36 8.39 9.02 3.72
C LEU A 36 7.23 9.68 2.98
N ILE A 37 6.33 8.84 2.50
CA ILE A 37 5.17 9.32 1.77
C ILE A 37 4.31 10.19 2.70
N ARG A 38 4.50 9.98 3.99
CA ARG A 38 3.76 10.73 4.99
C ARG A 38 4.26 12.17 5.06
N ASP A 39 5.56 12.30 5.25
CA ASP A 39 6.18 13.61 5.32
C ASP A 39 6.31 14.19 3.91
N SER A 40 6.40 13.30 2.94
CA SER A 40 6.53 13.71 1.55
C SER A 40 5.31 13.25 0.76
N PRO A 41 4.29 14.15 0.67
CA PRO A 41 3.08 13.84 -0.05
C PRO A 41 3.31 13.91 -1.56
N ASP A 42 4.46 14.46 -1.93
CA ASP A 42 4.81 14.60 -3.33
C ASP A 42 5.94 13.61 -3.67
N ALA A 43 5.73 12.37 -3.26
CA ALA A 43 6.73 11.34 -3.52
C ALA A 43 6.09 10.22 -4.34
N VAL A 44 4.98 9.70 -3.83
CA VAL A 44 4.26 8.63 -4.50
C VAL A 44 2.76 8.90 -4.42
N GLU A 45 2.06 8.51 -5.48
CA GLU A 45 0.63 8.70 -5.54
C GLU A 45 -0.10 7.36 -5.33
N VAL A 46 -1.10 7.40 -4.46
CA VAL A 46 -1.87 6.22 -4.16
C VAL A 46 -3.34 6.46 -4.51
N THR A 47 -3.85 5.60 -5.39
CA THR A 47 -5.23 5.72 -5.82
C THR A 47 -5.87 4.33 -5.96
N GLY A 48 -7.16 4.33 -6.27
CA GLY A 48 -7.88 3.08 -6.43
C GLY A 48 -8.52 2.64 -5.11
N LEU A 49 -7.85 3.01 -4.03
CA LEU A 49 -8.34 2.65 -2.70
C LEU A 49 -9.85 2.90 -2.63
N PRO A 50 -10.49 2.29 -1.60
CA PRO A 50 -11.92 2.43 -1.41
C PRO A 50 -12.27 3.82 -0.86
N ASP A 51 -13.55 4.15 -0.94
CA ASP A 51 -14.02 5.43 -0.45
C ASP A 51 -14.13 5.39 1.08
N ASP A 52 -13.81 6.52 1.69
CA ASP A 52 -13.87 6.62 3.14
C ASP A 52 -12.74 5.78 3.75
N ILE A 53 -11.61 5.76 3.04
CA ILE A 53 -10.46 5.01 3.50
C ILE A 53 -9.19 5.65 2.94
N PRO A 54 -8.33 6.14 3.88
CA PRO A 54 -7.08 6.77 3.50
C PRO A 54 -6.05 5.74 3.04
N PHE A 55 -4.80 6.16 3.03
CA PHE A 55 -3.71 5.28 2.61
C PHE A 55 -2.53 5.38 3.58
N ARG A 56 -2.54 4.48 4.56
CA ARG A 56 -1.48 4.45 5.55
C ARG A 56 -1.07 3.01 5.85
N ASN A 57 -0.08 2.88 6.72
CA ASN A 57 0.41 1.56 7.10
C ASN A 57 -0.77 0.67 7.49
N PRO A 58 -0.81 -0.53 6.86
CA PRO A 58 -1.87 -1.48 7.15
C PRO A 58 -1.67 -2.15 8.51
N ASN A 59 -1.62 -1.32 9.54
CA ASN A 59 -1.43 -1.82 10.89
C ASN A 59 -2.44 -1.15 11.83
N THR A 60 -3.37 -0.43 11.21
CA THR A 60 -4.40 0.27 11.97
C THR A 60 -5.78 -0.09 11.45
N TYR A 61 -5.86 -0.24 10.13
CA TYR A 61 -7.12 -0.58 9.49
C TYR A 61 -7.86 -1.66 10.28
N ASP A 62 -9.15 -1.78 9.99
CA ASP A 62 -9.98 -2.76 10.66
C ASP A 62 -10.41 -3.83 9.65
N ILE A 63 -10.90 -4.94 10.19
CA ILE A 63 -11.35 -6.04 9.35
C ILE A 63 -12.07 -5.49 8.12
N HIS A 64 -12.78 -4.37 8.34
CA HIS A 64 -13.52 -3.74 7.26
C HIS A 64 -12.53 -3.15 6.25
N ARG A 65 -11.88 -2.07 6.65
CA ARG A 65 -10.91 -1.41 5.79
C ARG A 65 -9.97 -2.44 5.17
N LEU A 66 -9.47 -3.32 6.01
CA LEU A 66 -8.55 -4.36 5.56
C LEU A 66 -9.18 -5.11 4.38
N GLU A 67 -10.48 -5.37 4.51
CA GLU A 67 -11.20 -6.07 3.46
C GLU A 67 -11.45 -5.15 2.27
N LYS A 68 -12.05 -4.00 2.55
CA LYS A 68 -12.35 -3.03 1.52
C LYS A 68 -11.12 -2.87 0.62
N ILE A 69 -9.99 -2.59 1.25
CA ILE A 69 -8.75 -2.41 0.52
C ILE A 69 -8.49 -3.63 -0.35
N LEU A 70 -8.78 -4.80 0.21
CA LEU A 70 -8.59 -6.05 -0.50
C LEU A 70 -9.60 -6.14 -1.64
N LYS A 71 -10.81 -5.66 -1.36
CA LYS A 71 -11.87 -5.68 -2.35
C LYS A 71 -11.54 -4.71 -3.48
N ALA A 72 -10.52 -3.90 -3.24
CA ALA A 72 -10.09 -2.92 -4.22
C ALA A 72 -8.60 -3.13 -4.52
N ARG A 73 -8.13 -4.33 -4.22
CA ARG A 73 -6.74 -4.66 -4.44
C ARG A 73 -6.39 -4.53 -5.93
N GLU A 74 -7.40 -4.75 -6.76
CA GLU A 74 -7.22 -4.65 -8.20
C GLU A 74 -7.37 -3.20 -8.66
N HIS A 75 -8.11 -2.44 -7.86
CA HIS A 75 -8.34 -1.03 -8.18
C HIS A 75 -7.14 -0.20 -7.71
N VAL A 76 -6.72 -0.46 -6.49
CA VAL A 76 -5.59 0.26 -5.92
C VAL A 76 -4.47 0.36 -6.97
N ARG A 77 -3.95 1.57 -7.10
CA ARG A 77 -2.88 1.80 -8.07
C ARG A 77 -1.93 2.89 -7.54
N MET A 78 -0.64 2.64 -7.75
CA MET A 78 0.38 3.57 -7.30
C MET A 78 1.04 4.28 -8.50
N VAL A 79 1.40 5.53 -8.27
CA VAL A 79 2.04 6.31 -9.32
C VAL A 79 3.18 7.13 -8.70
N ILE A 80 4.39 6.84 -9.16
CA ILE A 80 5.57 7.54 -8.66
C ILE A 80 5.50 9.01 -9.10
N ILE A 81 5.16 9.86 -8.15
CA ILE A 81 5.06 11.28 -8.42
C ILE A 81 6.46 11.88 -8.51
N ASN A 82 7.21 11.71 -7.44
CA ASN A 82 8.58 12.22 -7.39
C ASN A 82 9.54 11.07 -7.07
N GLN A 83 10.47 10.84 -7.98
CA GLN A 83 11.45 9.79 -7.80
C GLN A 83 11.94 9.76 -6.36
N SER A 84 11.66 8.65 -5.69
CA SER A 84 12.06 8.49 -4.30
C SER A 84 11.62 7.11 -3.79
N GLY A 85 12.46 6.54 -2.94
CA GLY A 85 12.17 5.23 -2.36
C GLY A 85 13.11 4.17 -2.92
N PRO A 86 14.14 3.84 -2.09
CA PRO A 86 15.12 2.84 -2.49
C PRO A 86 14.54 1.42 -2.40
N SER A 87 15.28 0.47 -2.93
CA SER A 87 14.86 -0.92 -2.92
C SER A 87 14.74 -1.41 -1.47
N SER A 88 15.89 -1.51 -0.82
CA SER A 88 15.93 -1.97 0.55
C SER A 88 17.35 -1.86 1.10
N GLY A 89 17.65 -0.70 1.69
CA GLY A 89 18.96 -0.46 2.25
C GLY A 89 19.18 1.03 2.50
N GLY A 1 -3.81 -0.64 20.28
CA GLY A 1 -3.18 -1.95 20.39
C GLY A 1 -3.76 -2.93 19.39
N SER A 2 -2.87 -3.69 18.75
CA SER A 2 -3.28 -4.67 17.76
C SER A 2 -2.57 -5.99 18.02
N SER A 3 -3.32 -6.94 18.55
CA SER A 3 -2.77 -8.26 18.84
C SER A 3 -3.70 -9.35 18.31
N GLY A 4 -3.17 -10.13 17.36
CA GLY A 4 -3.94 -11.20 16.77
C GLY A 4 -3.43 -11.53 15.38
N SER A 5 -3.66 -12.77 14.96
CA SER A 5 -3.24 -13.23 13.65
C SER A 5 -4.15 -12.64 12.57
N SER A 6 -3.81 -11.43 12.15
CA SER A 6 -4.59 -10.75 11.12
C SER A 6 -4.00 -11.04 9.74
N GLY A 7 -4.63 -11.96 9.04
CA GLY A 7 -4.19 -12.35 7.71
C GLY A 7 -4.30 -11.17 6.74
N LEU A 8 -5.50 -10.61 6.68
CA LEU A 8 -5.75 -9.48 5.80
C LEU A 8 -4.58 -8.51 5.88
N ARG A 9 -4.24 -8.14 7.10
CA ARG A 9 -3.14 -7.22 7.33
C ARG A 9 -1.97 -7.53 6.39
N GLU A 10 -1.55 -8.80 6.43
CA GLU A 10 -0.45 -9.24 5.59
C GLU A 10 -0.84 -9.14 4.11
N GLN A 11 -2.05 -9.59 3.81
CA GLN A 11 -2.55 -9.56 2.45
C GLN A 11 -2.45 -8.14 1.88
N VAL A 12 -2.81 -7.17 2.71
CA VAL A 12 -2.76 -5.78 2.31
C VAL A 12 -1.31 -5.34 2.18
N LYS A 13 -0.48 -5.83 3.09
CA LYS A 13 0.92 -5.50 3.09
C LYS A 13 1.50 -5.78 1.71
N GLU A 14 1.43 -7.05 1.32
CA GLU A 14 1.94 -7.47 0.02
C GLU A 14 1.29 -6.65 -1.10
N LEU A 15 0.02 -6.35 -0.90
CA LEU A 15 -0.72 -5.57 -1.89
C LEU A 15 0.01 -4.25 -2.15
N PHE A 16 -0.01 -3.39 -1.14
CA PHE A 16 0.64 -2.09 -1.24
C PHE A 16 2.06 -2.24 -1.79
N ASN A 17 2.74 -3.27 -1.32
CA ASN A 17 4.10 -3.53 -1.75
C ASN A 17 4.10 -3.90 -3.24
N GLU A 18 3.14 -4.72 -3.61
CA GLU A 18 3.01 -5.15 -4.99
C GLU A 18 2.83 -3.94 -5.91
N LYS A 19 1.93 -3.06 -5.51
CA LYS A 19 1.65 -1.86 -6.29
C LYS A 19 2.94 -1.05 -6.43
N TYR A 20 3.58 -0.82 -5.29
CA TYR A 20 4.82 -0.06 -5.27
C TYR A 20 5.81 -0.59 -6.32
N GLY A 21 5.99 -1.89 -6.31
CA GLY A 21 6.89 -2.53 -7.25
C GLY A 21 6.53 -2.18 -8.69
N GLU A 22 5.30 -2.52 -9.04
CA GLU A 22 4.81 -2.25 -10.39
C GLU A 22 5.00 -0.77 -10.73
N ALA A 23 4.53 0.08 -9.83
CA ALA A 23 4.63 1.51 -10.02
C ALA A 23 6.11 1.89 -10.20
N LEU A 24 6.96 1.17 -9.48
CA LEU A 24 8.39 1.42 -9.55
C LEU A 24 8.91 1.00 -10.93
N GLY A 25 8.05 0.31 -11.67
CA GLY A 25 8.41 -0.16 -12.99
C GLY A 25 9.22 -1.44 -12.92
N LEU A 26 9.15 -2.10 -11.77
CA LEU A 26 9.87 -3.33 -11.55
C LEU A 26 8.94 -4.52 -11.80
N ASN A 27 9.42 -5.69 -11.43
CA ASN A 27 8.63 -6.91 -11.61
C ASN A 27 8.56 -7.66 -10.28
N ARG A 28 8.85 -6.94 -9.21
CA ARG A 28 8.81 -7.52 -7.88
C ARG A 28 8.18 -6.54 -6.88
N PRO A 29 7.56 -7.13 -5.82
CA PRO A 29 6.91 -6.32 -4.80
C PRO A 29 7.95 -5.67 -3.88
N VAL A 30 7.79 -4.37 -3.69
CA VAL A 30 8.70 -3.62 -2.84
C VAL A 30 7.90 -2.94 -1.72
N LEU A 31 8.50 -2.93 -0.54
CA LEU A 31 7.86 -2.32 0.62
C LEU A 31 7.54 -0.85 0.30
N VAL A 32 6.59 -0.32 1.06
CA VAL A 32 6.18 1.06 0.87
C VAL A 32 6.57 1.87 2.11
N PRO A 33 7.48 2.86 1.88
CA PRO A 33 7.94 3.72 2.96
C PRO A 33 6.86 4.74 3.35
N TYR A 34 5.86 4.25 4.06
CA TYR A 34 4.77 5.10 4.50
C TYR A 34 5.30 6.31 5.28
N LYS A 35 6.33 6.06 6.07
CA LYS A 35 6.93 7.10 6.87
C LYS A 35 7.37 8.24 5.95
N LEU A 36 7.86 7.87 4.78
CA LEU A 36 8.31 8.85 3.80
C LEU A 36 7.09 9.48 3.11
N ILE A 37 6.30 8.62 2.49
CA ILE A 37 5.11 9.07 1.79
C ILE A 37 4.26 9.93 2.73
N ARG A 38 4.49 9.73 4.02
CA ARG A 38 3.76 10.47 5.04
C ARG A 38 4.24 11.92 5.08
N ASP A 39 5.49 12.09 5.49
CA ASP A 39 6.08 13.42 5.58
C ASP A 39 6.21 14.01 4.18
N SER A 40 6.22 13.12 3.20
CA SER A 40 6.33 13.54 1.81
C SER A 40 5.10 13.08 1.02
N PRO A 41 4.10 13.99 0.93
CA PRO A 41 2.87 13.68 0.21
C PRO A 41 3.10 13.74 -1.31
N ASP A 42 4.18 14.40 -1.68
CA ASP A 42 4.53 14.53 -3.09
C ASP A 42 5.68 13.59 -3.42
N ALA A 43 5.47 12.32 -3.08
CA ALA A 43 6.49 11.31 -3.34
C ALA A 43 5.89 10.20 -4.21
N VAL A 44 4.73 9.72 -3.78
CA VAL A 44 4.04 8.67 -4.52
C VAL A 44 2.54 8.90 -4.44
N GLU A 45 1.87 8.59 -5.54
CA GLU A 45 0.43 8.76 -5.61
C GLU A 45 -0.28 7.41 -5.46
N VAL A 46 -1.30 7.40 -4.61
CA VAL A 46 -2.07 6.19 -4.37
C VAL A 46 -3.52 6.42 -4.78
N THR A 47 -4.00 5.51 -5.62
CA THR A 47 -5.37 5.60 -6.10
C THR A 47 -6.00 4.20 -6.18
N GLY A 48 -7.29 4.19 -6.46
CA GLY A 48 -8.02 2.94 -6.57
C GLY A 48 -8.58 2.50 -5.20
N LEU A 49 -7.92 2.98 -4.16
CA LEU A 49 -8.34 2.66 -2.80
C LEU A 49 -9.86 2.75 -2.71
N PRO A 50 -10.40 2.16 -1.61
CA PRO A 50 -11.83 2.16 -1.39
C PRO A 50 -12.31 3.54 -0.93
N ASP A 51 -13.62 3.67 -0.84
CA ASP A 51 -14.22 4.93 -0.41
C ASP A 51 -14.28 4.96 1.12
N ASP A 52 -14.00 6.14 1.67
CA ASP A 52 -14.03 6.32 3.10
C ASP A 52 -12.86 5.56 3.73
N ILE A 53 -11.79 5.45 2.95
CA ILE A 53 -10.59 4.75 3.41
C ILE A 53 -9.35 5.47 2.87
N PRO A 54 -8.53 5.98 3.83
CA PRO A 54 -7.31 6.69 3.47
C PRO A 54 -6.23 5.70 3.00
N PHE A 55 -5.00 6.20 3.00
CA PHE A 55 -3.86 5.38 2.59
C PHE A 55 -2.74 5.44 3.62
N ARG A 56 -2.78 4.50 4.55
CA ARG A 56 -1.77 4.43 5.59
C ARG A 56 -1.39 2.98 5.87
N ASN A 57 -0.37 2.82 6.69
CA ASN A 57 0.11 1.49 7.05
C ASN A 57 -1.09 0.57 7.25
N PRO A 58 -0.96 -0.67 6.72
CA PRO A 58 -2.03 -1.66 6.84
C PRO A 58 -2.08 -2.24 8.25
N ASN A 59 -1.20 -1.73 9.10
CA ASN A 59 -1.15 -2.19 10.48
C ASN A 59 -1.94 -1.22 11.36
N THR A 60 -3.20 -1.05 11.01
CA THR A 60 -4.07 -0.16 11.76
C THR A 60 -5.53 -0.32 11.31
N TYR A 61 -5.69 -0.47 10.01
CA TYR A 61 -7.02 -0.64 9.45
C TYR A 61 -7.85 -1.64 10.26
N ASP A 62 -9.14 -1.66 9.98
CA ASP A 62 -10.04 -2.57 10.67
C ASP A 62 -10.48 -3.68 9.72
N ILE A 63 -11.10 -4.70 10.31
CA ILE A 63 -11.57 -5.83 9.53
C ILE A 63 -12.23 -5.32 8.25
N HIS A 64 -12.91 -4.19 8.37
CA HIS A 64 -13.58 -3.58 7.23
C HIS A 64 -12.54 -3.10 6.22
N ARG A 65 -11.88 -2.01 6.58
CA ARG A 65 -10.87 -1.45 5.72
C ARG A 65 -9.94 -2.54 5.19
N LEU A 66 -9.50 -3.39 6.10
CA LEU A 66 -8.61 -4.48 5.74
C LEU A 66 -9.23 -5.29 4.60
N GLU A 67 -10.55 -5.21 4.51
CA GLU A 67 -11.28 -5.92 3.47
C GLU A 67 -11.51 -5.01 2.26
N LYS A 68 -11.92 -3.79 2.54
CA LYS A 68 -12.17 -2.82 1.50
C LYS A 68 -10.99 -2.80 0.52
N ILE A 69 -9.86 -2.36 1.03
CA ILE A 69 -8.65 -2.30 0.22
C ILE A 69 -8.51 -3.59 -0.59
N LEU A 70 -8.40 -4.69 0.14
CA LEU A 70 -8.26 -5.99 -0.49
C LEU A 70 -9.33 -6.14 -1.58
N LYS A 71 -10.46 -5.49 -1.35
CA LYS A 71 -11.56 -5.55 -2.30
C LYS A 71 -11.20 -4.70 -3.53
N ALA A 72 -10.53 -3.59 -3.28
CA ALA A 72 -10.13 -2.71 -4.35
C ALA A 72 -8.66 -2.97 -4.71
N ARG A 73 -8.18 -4.11 -4.24
CA ARG A 73 -6.79 -4.50 -4.50
C ARG A 73 -6.50 -4.41 -6.00
N GLU A 74 -7.55 -4.58 -6.79
CA GLU A 74 -7.42 -4.52 -8.24
C GLU A 74 -7.42 -3.06 -8.71
N HIS A 75 -8.36 -2.30 -8.17
CA HIS A 75 -8.48 -0.89 -8.52
C HIS A 75 -7.26 -0.12 -8.00
N VAL A 76 -6.82 -0.51 -6.81
CA VAL A 76 -5.67 0.13 -6.19
C VAL A 76 -4.57 0.30 -7.24
N ARG A 77 -4.06 1.53 -7.32
CA ARG A 77 -3.00 1.83 -8.27
C ARG A 77 -2.07 2.90 -7.70
N MET A 78 -0.78 2.67 -7.89
CA MET A 78 0.22 3.60 -7.39
C MET A 78 0.93 4.31 -8.56
N VAL A 79 1.24 5.58 -8.32
CA VAL A 79 1.90 6.38 -9.34
C VAL A 79 3.02 7.19 -8.68
N ILE A 80 4.24 6.94 -9.14
CA ILE A 80 5.41 7.62 -8.61
C ILE A 80 5.37 9.08 -9.07
N ILE A 81 5.10 9.97 -8.12
CA ILE A 81 5.04 11.39 -8.40
C ILE A 81 6.46 11.95 -8.50
N ASN A 82 7.21 11.76 -7.43
CA ASN A 82 8.58 12.24 -7.38
C ASN A 82 9.51 11.09 -6.96
N GLN A 83 10.39 10.72 -7.88
CA GLN A 83 11.33 9.64 -7.61
C GLN A 83 12.46 10.13 -6.71
N SER A 84 12.70 9.38 -5.65
CA SER A 84 13.74 9.72 -4.70
C SER A 84 13.98 8.57 -3.73
N GLY A 85 14.74 7.59 -4.20
CA GLY A 85 15.04 6.42 -3.38
C GLY A 85 16.08 5.53 -4.06
N PRO A 86 17.25 5.39 -3.38
CA PRO A 86 18.34 4.58 -3.91
C PRO A 86 18.02 3.09 -3.75
N SER A 87 17.70 2.71 -2.53
CA SER A 87 17.37 1.32 -2.23
C SER A 87 16.48 1.25 -0.99
N SER A 88 15.81 0.12 -0.85
CA SER A 88 14.92 -0.11 0.28
C SER A 88 14.61 -1.59 0.42
N GLY A 89 15.38 -2.23 1.29
CA GLY A 89 15.20 -3.66 1.53
C GLY A 89 16.29 -4.48 0.83
N GLY A 1 -8.34 -4.11 16.83
CA GLY A 1 -7.42 -5.09 16.27
C GLY A 1 -7.83 -6.51 16.68
N SER A 2 -7.53 -7.45 15.80
CA SER A 2 -7.85 -8.85 16.07
C SER A 2 -6.67 -9.53 16.78
N SER A 3 -6.93 -9.96 18.01
CA SER A 3 -5.90 -10.63 18.80
C SER A 3 -5.85 -12.11 18.42
N GLY A 4 -5.13 -12.38 17.33
CA GLY A 4 -4.99 -13.74 16.86
C GLY A 4 -4.42 -13.78 15.44
N SER A 5 -4.86 -14.77 14.68
CA SER A 5 -4.40 -14.92 13.32
C SER A 5 -5.04 -13.86 12.42
N SER A 6 -4.19 -13.14 11.71
CA SER A 6 -4.66 -12.09 10.83
C SER A 6 -4.00 -12.22 9.45
N GLY A 7 -4.79 -12.68 8.49
CA GLY A 7 -4.29 -12.86 7.14
C GLY A 7 -4.48 -11.58 6.32
N LEU A 8 -5.72 -11.10 6.31
CA LEU A 8 -6.05 -9.90 5.56
C LEU A 8 -4.93 -8.86 5.76
N ARG A 9 -4.54 -8.69 7.01
CA ARG A 9 -3.49 -7.74 7.34
C ARG A 9 -2.31 -7.89 6.37
N GLU A 10 -1.70 -9.08 6.40
CA GLU A 10 -0.57 -9.35 5.53
C GLU A 10 -0.96 -9.14 4.06
N GLN A 11 -2.03 -9.82 3.67
CA GLN A 11 -2.51 -9.72 2.30
C GLN A 11 -2.42 -8.27 1.81
N VAL A 12 -2.74 -7.35 2.71
CA VAL A 12 -2.70 -5.94 2.38
C VAL A 12 -1.25 -5.49 2.26
N LYS A 13 -0.49 -5.79 3.30
CA LYS A 13 0.93 -5.43 3.32
C LYS A 13 1.55 -5.75 1.97
N GLU A 14 1.23 -6.93 1.47
CA GLU A 14 1.75 -7.38 0.19
C GLU A 14 1.14 -6.55 -0.95
N LEU A 15 -0.13 -6.19 -0.77
CA LEU A 15 -0.84 -5.41 -1.76
C LEU A 15 -0.09 -4.09 -2.00
N PHE A 16 -0.10 -3.26 -0.98
CA PHE A 16 0.57 -1.97 -1.06
C PHE A 16 2.00 -2.13 -1.58
N ASN A 17 2.65 -3.18 -1.13
CA ASN A 17 4.01 -3.46 -1.55
C ASN A 17 4.02 -3.86 -3.04
N GLU A 18 3.05 -4.67 -3.40
CA GLU A 18 2.93 -5.13 -4.77
C GLU A 18 2.75 -3.94 -5.72
N LYS A 19 1.85 -3.04 -5.33
CA LYS A 19 1.59 -1.85 -6.12
C LYS A 19 2.89 -1.06 -6.29
N TYR A 20 3.52 -0.77 -5.17
CA TYR A 20 4.76 -0.02 -5.19
C TYR A 20 5.72 -0.58 -6.23
N GLY A 21 5.92 -1.89 -6.16
CA GLY A 21 6.82 -2.56 -7.09
C GLY A 21 6.44 -2.24 -8.54
N GLU A 22 5.19 -2.53 -8.87
CA GLU A 22 4.70 -2.27 -10.21
C GLU A 22 4.87 -0.79 -10.57
N ALA A 23 4.52 0.06 -9.61
CA ALA A 23 4.63 1.50 -9.81
C ALA A 23 6.08 1.86 -10.09
N LEU A 24 6.97 1.18 -9.37
CA LEU A 24 8.39 1.44 -9.52
C LEU A 24 8.86 0.92 -10.88
N GLY A 25 7.95 0.23 -11.56
CA GLY A 25 8.25 -0.33 -12.87
C GLY A 25 9.03 -1.63 -12.75
N LEU A 26 9.01 -2.20 -11.55
CA LEU A 26 9.70 -3.43 -11.29
C LEU A 26 8.74 -4.61 -11.48
N ASN A 27 9.25 -5.81 -11.27
CA ASN A 27 8.46 -7.01 -11.41
C ASN A 27 8.41 -7.75 -10.07
N ARG A 28 8.68 -7.00 -9.00
CA ARG A 28 8.67 -7.56 -7.67
C ARG A 28 8.05 -6.58 -6.68
N PRO A 29 7.44 -7.14 -5.61
CA PRO A 29 6.81 -6.32 -4.59
C PRO A 29 7.86 -5.67 -3.69
N VAL A 30 7.66 -4.38 -3.44
CA VAL A 30 8.57 -3.63 -2.61
C VAL A 30 7.78 -2.88 -1.53
N LEU A 31 8.34 -2.87 -0.34
CA LEU A 31 7.69 -2.20 0.79
C LEU A 31 7.41 -0.75 0.42
N VAL A 32 6.51 -0.13 1.17
CA VAL A 32 6.14 1.24 0.93
C VAL A 32 6.68 2.12 2.07
N PRO A 33 7.54 3.10 1.67
CA PRO A 33 8.13 4.01 2.63
C PRO A 33 7.12 5.04 3.11
N TYR A 34 6.06 4.54 3.74
CA TYR A 34 5.02 5.41 4.25
C TYR A 34 5.60 6.62 4.99
N LYS A 35 6.55 6.32 5.87
CA LYS A 35 7.20 7.37 6.65
C LYS A 35 7.57 8.52 5.72
N LEU A 36 8.20 8.17 4.60
CA LEU A 36 8.61 9.17 3.63
C LEU A 36 7.37 9.78 2.97
N ILE A 37 6.63 8.93 2.27
CA ILE A 37 5.42 9.37 1.60
C ILE A 37 4.62 10.28 2.54
N ARG A 38 4.79 10.04 3.83
CA ARG A 38 4.09 10.83 4.83
C ARG A 38 4.61 12.27 4.83
N ASP A 39 5.87 12.41 5.23
CA ASP A 39 6.49 13.72 5.28
C ASP A 39 6.56 14.30 3.86
N SER A 40 6.51 13.40 2.89
CA SER A 40 6.56 13.81 1.49
C SER A 40 5.31 13.33 0.76
N PRO A 41 4.31 14.23 0.68
CA PRO A 41 3.05 13.90 0.01
C PRO A 41 3.23 13.93 -1.51
N ASP A 42 4.33 14.53 -1.94
CA ASP A 42 4.63 14.62 -3.35
C ASP A 42 5.76 13.66 -3.70
N ALA A 43 5.57 12.40 -3.33
CA ALA A 43 6.56 11.37 -3.59
C ALA A 43 5.93 10.25 -4.41
N VAL A 44 4.81 9.74 -3.88
CA VAL A 44 4.10 8.67 -4.54
C VAL A 44 2.60 8.91 -4.45
N GLU A 45 1.90 8.62 -5.54
CA GLU A 45 0.47 8.82 -5.59
C GLU A 45 -0.25 7.47 -5.37
N VAL A 46 -1.26 7.52 -4.50
CA VAL A 46 -2.03 6.33 -4.20
C VAL A 46 -3.50 6.56 -4.57
N THR A 47 -4.02 5.64 -5.36
CA THR A 47 -5.41 5.73 -5.80
C THR A 47 -6.02 4.34 -5.91
N GLY A 48 -7.33 4.32 -6.11
CA GLY A 48 -8.06 3.06 -6.24
C GLY A 48 -8.57 2.59 -4.89
N LEU A 49 -7.93 3.08 -3.84
CA LEU A 49 -8.31 2.71 -2.49
C LEU A 49 -9.84 2.76 -2.37
N PRO A 50 -10.34 2.14 -1.27
CA PRO A 50 -11.78 2.10 -1.02
C PRO A 50 -12.29 3.45 -0.54
N ASP A 51 -13.50 3.78 -0.95
CA ASP A 51 -14.12 5.04 -0.56
C ASP A 51 -14.25 5.09 0.95
N ASP A 52 -14.02 6.27 1.50
CA ASP A 52 -14.11 6.47 2.93
C ASP A 52 -12.95 5.75 3.62
N ILE A 53 -11.81 5.73 2.93
CA ILE A 53 -10.62 5.08 3.46
C ILE A 53 -9.38 5.78 2.90
N PRO A 54 -8.58 6.35 3.84
CA PRO A 54 -7.36 7.05 3.45
C PRO A 54 -6.26 6.05 3.07
N PHE A 55 -5.04 6.56 3.01
CA PHE A 55 -3.90 5.73 2.65
C PHE A 55 -2.81 5.82 3.72
N ARG A 56 -2.81 4.84 4.60
CA ARG A 56 -1.82 4.79 5.67
C ARG A 56 -1.37 3.35 5.91
N ASN A 57 -0.35 3.21 6.76
CA ASN A 57 0.18 1.90 7.08
C ASN A 57 -0.98 0.91 7.21
N PRO A 58 -0.74 -0.33 6.67
CA PRO A 58 -1.75 -1.37 6.72
C PRO A 58 -1.85 -1.97 8.13
N ASN A 59 -0.87 -1.62 8.95
CA ASN A 59 -0.84 -2.12 10.32
C ASN A 59 -1.56 -1.12 11.24
N THR A 60 -2.88 -1.10 11.09
CA THR A 60 -3.70 -0.20 11.89
C THR A 60 -5.17 -0.30 11.48
N TYR A 61 -5.37 -0.52 10.18
CA TYR A 61 -6.72 -0.63 9.65
C TYR A 61 -7.53 -1.67 10.43
N ASP A 62 -8.72 -1.93 9.94
CA ASP A 62 -9.61 -2.89 10.57
C ASP A 62 -10.12 -3.88 9.53
N ILE A 63 -10.81 -4.90 10.02
CA ILE A 63 -11.36 -5.92 9.14
C ILE A 63 -11.92 -5.26 7.88
N HIS A 64 -13.00 -4.53 8.08
CA HIS A 64 -13.64 -3.83 6.96
C HIS A 64 -12.58 -3.29 6.02
N ARG A 65 -11.91 -2.24 6.46
CA ARG A 65 -10.87 -1.61 5.66
C ARG A 65 -10.01 -2.69 4.98
N LEU A 66 -9.41 -3.53 5.81
CA LEU A 66 -8.56 -4.60 5.30
C LEU A 66 -9.29 -5.33 4.19
N GLU A 67 -10.59 -5.49 4.37
CA GLU A 67 -11.41 -6.17 3.39
C GLU A 67 -11.66 -5.26 2.18
N LYS A 68 -12.08 -4.03 2.48
CA LYS A 68 -12.36 -3.07 1.43
C LYS A 68 -11.12 -2.91 0.55
N ILE A 69 -10.02 -2.54 1.19
CA ILE A 69 -8.77 -2.36 0.47
C ILE A 69 -8.48 -3.61 -0.37
N LEU A 70 -8.66 -4.75 0.25
CA LEU A 70 -8.42 -6.02 -0.42
C LEU A 70 -9.43 -6.19 -1.56
N LYS A 71 -10.63 -5.68 -1.33
CA LYS A 71 -11.69 -5.76 -2.32
C LYS A 71 -11.38 -4.79 -3.46
N ALA A 72 -10.54 -3.82 -3.17
CA ALA A 72 -10.15 -2.82 -4.16
C ALA A 72 -8.66 -2.99 -4.49
N ARG A 73 -8.16 -4.18 -4.20
CA ARG A 73 -6.76 -4.48 -4.47
C ARG A 73 -6.46 -4.30 -5.96
N GLU A 74 -7.42 -4.68 -6.78
CA GLU A 74 -7.26 -4.56 -8.22
C GLU A 74 -7.42 -3.10 -8.66
N HIS A 75 -8.16 -2.35 -7.85
CA HIS A 75 -8.41 -0.95 -8.13
C HIS A 75 -7.21 -0.12 -7.66
N VAL A 76 -6.74 -0.46 -6.46
CA VAL A 76 -5.61 0.25 -5.88
C VAL A 76 -4.51 0.38 -6.93
N ARG A 77 -4.06 1.62 -7.11
CA ARG A 77 -3.00 1.90 -8.07
C ARG A 77 -2.05 2.96 -7.52
N MET A 78 -0.77 2.72 -7.73
CA MET A 78 0.25 3.64 -7.26
C MET A 78 0.96 4.31 -8.43
N VAL A 79 1.24 5.60 -8.26
CA VAL A 79 1.91 6.37 -9.29
C VAL A 79 3.05 7.18 -8.66
N ILE A 80 4.25 6.92 -9.14
CA ILE A 80 5.43 7.61 -8.65
C ILE A 80 5.39 9.07 -9.10
N ILE A 81 5.03 9.94 -8.17
CA ILE A 81 4.96 11.36 -8.45
C ILE A 81 6.37 11.92 -8.64
N ASN A 82 7.17 11.78 -7.60
CA ASN A 82 8.54 12.26 -7.64
C ASN A 82 9.49 11.11 -7.33
N GLN A 83 10.75 11.30 -7.71
CA GLN A 83 11.77 10.28 -7.48
C GLN A 83 11.84 9.93 -6.00
N SER A 84 11.66 8.64 -5.72
CA SER A 84 11.71 8.16 -4.36
C SER A 84 12.88 7.20 -4.18
N GLY A 85 13.16 6.88 -2.92
CA GLY A 85 14.26 5.97 -2.60
C GLY A 85 13.73 4.67 -2.02
N PRO A 86 14.36 3.54 -2.45
CA PRO A 86 13.97 2.23 -1.97
C PRO A 86 14.45 1.99 -0.54
N SER A 87 14.15 0.81 -0.04
CA SER A 87 14.55 0.44 1.31
C SER A 87 14.12 -1.00 1.61
N SER A 88 14.92 -1.94 1.12
CA SER A 88 14.63 -3.35 1.34
C SER A 88 15.94 -4.14 1.40
N GLY A 89 15.83 -5.36 1.90
CA GLY A 89 16.98 -6.23 2.01
C GLY A 89 18.23 -5.43 2.41
#